data_3A6D
#
_entry.id   3A6D
#
_cell.length_a   102.4
_cell.length_b   152.7
_cell.length_c   167.5
_cell.angle_alpha   90.00
_cell.angle_beta   90.00
_cell.angle_gamma   90.00
#
_symmetry.space_group_name_H-M   'P 21 21 21'
#
loop_
_entity.id
_entity.type
_entity.pdbx_description
1 polymer 'Creatinine amidohydrolase'
2 non-polymer 'MANGANESE (II) ION'
3 non-polymer 'ZINC ION'
4 non-polymer 1-METHYLGUANIDINE
5 non-polymer 'SULFATE ION'
6 water water
#
_entity_poly.entity_id   1
_entity_poly.type   'polypeptide(L)'
_entity_poly.pdbx_seq_one_letter_code
;MSKSVFVGELTWKEYEARVAAGDCVLMLPVGALEQHGHHMCMNVDVLLPTAVCKRVAERIGALVMPGLQYGYKSQQKSGG
GNHFPGTTSLDGATLTGTVQDIIRELARHGARRLVLMNGHYENSMFIVEGIDLALRELRYAGIQDFKVVVLSYWDFVKDP
AVIQQLYPEGFLGWDIEHGGVFETSLMLALYPDLVDLDRVVDHPPATFPPYDVFPVDPARTPAPGTLSSAKTASREKGEL
ILEVCVQGIADAIREEFPPT
;
_entity_poly.pdbx_strand_id   A,B,C,D,E,F
#
loop_
_chem_comp.id
_chem_comp.type
_chem_comp.name
_chem_comp.formula
MGX non-polymer 1-METHYLGUANIDINE 'C2 H7 N3'
MN non-polymer 'MANGANESE (II) ION' 'Mn 2'
SO4 non-polymer 'SULFATE ION' 'O4 S -2'
ZN non-polymer 'ZINC ION' 'Zn 2'
#
# COMPACT_ATOMS: atom_id res chain seq x y z
N LYS A 3 -38.22 -13.56 13.17
CA LYS A 3 -36.94 -12.82 13.37
C LYS A 3 -36.23 -12.58 12.04
N SER A 4 -35.60 -11.42 11.92
CA SER A 4 -34.88 -11.08 10.69
C SER A 4 -33.66 -11.97 10.52
N VAL A 5 -33.26 -12.18 9.27
CA VAL A 5 -32.07 -12.99 8.98
C VAL A 5 -30.89 -12.06 8.67
N PHE A 6 -31.15 -10.75 8.69
CA PHE A 6 -30.12 -9.76 8.42
C PHE A 6 -29.43 -9.27 9.69
N VAL A 7 -28.11 -9.40 9.73
CA VAL A 7 -27.32 -8.97 10.87
C VAL A 7 -27.60 -7.50 11.22
N GLY A 8 -27.71 -6.68 10.19
CA GLY A 8 -27.98 -5.26 10.40
C GLY A 8 -29.27 -4.96 11.13
N GLU A 9 -30.23 -5.88 11.05
CA GLU A 9 -31.53 -5.67 11.71
C GLU A 9 -31.61 -6.33 13.09
N LEU A 10 -30.48 -6.83 13.58
CA LEU A 10 -30.43 -7.47 14.90
C LEU A 10 -29.70 -6.55 15.87
N THR A 11 -29.89 -6.78 17.17
CA THR A 11 -29.18 -6.01 18.20
C THR A 11 -27.88 -6.77 18.38
N TRP A 12 -26.87 -6.15 18.98
CA TRP A 12 -25.61 -6.86 19.15
C TRP A 12 -25.78 -8.05 20.10
N LYS A 13 -26.74 -7.97 21.00
CA LYS A 13 -26.99 -9.07 21.94
C LYS A 13 -27.54 -10.27 21.20
N GLU A 14 -28.47 -10.02 20.28
CA GLU A 14 -29.08 -11.08 19.49
C GLU A 14 -28.03 -11.75 18.60
N TYR A 15 -27.18 -10.93 17.99
CA TYR A 15 -26.12 -11.45 17.12
C TYR A 15 -25.15 -12.28 17.97
N GLU A 16 -24.76 -11.75 19.12
CA GLU A 16 -23.85 -12.44 20.00
C GLU A 16 -24.36 -13.83 20.37
N ALA A 17 -25.65 -13.90 20.70
CA ALA A 17 -26.28 -15.17 21.08
C ALA A 17 -26.24 -16.17 19.94
N ARG A 18 -26.50 -15.70 18.72
CA ARG A 18 -26.49 -16.58 17.56
C ARG A 18 -25.10 -17.14 17.31
N VAL A 19 -24.08 -16.30 17.42
CA VAL A 19 -22.71 -16.79 17.21
C VAL A 19 -22.33 -17.72 18.36
N ALA A 20 -22.83 -17.43 19.55
CA ALA A 20 -22.53 -18.26 20.72
C ALA A 20 -23.06 -19.68 20.51
N ALA A 21 -24.03 -19.83 19.61
CA ALA A 21 -24.62 -21.13 19.31
C ALA A 21 -23.54 -22.11 18.89
N GLY A 22 -22.48 -21.61 18.26
CA GLY A 22 -21.38 -22.47 17.85
C GLY A 22 -21.28 -22.90 16.41
N ASP A 23 -22.40 -22.95 15.69
CA ASP A 23 -22.38 -23.38 14.30
C ASP A 23 -23.04 -22.35 13.39
N CYS A 24 -22.99 -21.09 13.82
CA CYS A 24 -23.61 -20.01 13.05
C CYS A 24 -22.96 -19.76 11.70
N VAL A 25 -23.79 -19.72 10.65
CA VAL A 25 -23.31 -19.46 9.30
C VAL A 25 -23.65 -18.03 8.90
N LEU A 26 -22.64 -17.28 8.44
CA LEU A 26 -22.84 -15.90 8.00
C LEU A 26 -22.71 -15.84 6.49
N MET A 27 -23.50 -14.98 5.86
CA MET A 27 -23.48 -14.84 4.42
C MET A 27 -23.25 -13.38 4.03
N LEU A 28 -22.35 -13.15 3.08
CA LEU A 28 -22.04 -11.79 2.64
C LEU A 28 -22.23 -11.63 1.12
N PRO A 29 -23.23 -10.84 0.71
CA PRO A 29 -23.50 -10.58 -0.71
C PRO A 29 -22.44 -9.60 -1.23
N VAL A 30 -21.87 -9.88 -2.41
CA VAL A 30 -20.86 -8.98 -2.98
C VAL A 30 -21.33 -8.58 -4.37
N GLY A 31 -21.72 -7.32 -4.51
CA GLY A 31 -22.23 -6.87 -5.79
C GLY A 31 -21.44 -5.80 -6.52
N ALA A 32 -22.18 -4.82 -7.05
CA ALA A 32 -21.60 -3.71 -7.80
C ALA A 32 -22.68 -2.73 -8.24
N LEU A 33 -22.25 -1.54 -8.66
CA LEU A 33 -23.15 -0.52 -9.20
C LEU A 33 -22.65 -0.49 -10.65
N GLU A 34 -23.47 -1.00 -11.56
CA GLU A 34 -23.04 -1.11 -12.95
C GLU A 34 -24.20 -0.99 -13.94
N GLN A 35 -23.92 -0.40 -15.10
CA GLN A 35 -24.94 -0.25 -16.12
C GLN A 35 -25.49 -1.63 -16.49
N HIS A 36 -26.79 -1.69 -16.75
CA HIS A 36 -27.45 -2.94 -17.14
C HIS A 36 -28.43 -2.71 -18.28
N GLY A 37 -27.99 -2.00 -19.32
CA GLY A 37 -28.85 -1.75 -20.46
C GLY A 37 -29.84 -0.63 -20.27
N HIS A 38 -30.73 -0.46 -21.25
CA HIS A 38 -31.74 0.59 -21.21
C HIS A 38 -32.99 0.15 -20.46
N HIS A 39 -33.10 -1.15 -20.18
CA HIS A 39 -34.29 -1.68 -19.52
C HIS A 39 -34.22 -2.01 -18.03
N MET A 40 -33.02 -1.96 -17.44
CA MET A 40 -32.89 -2.28 -16.01
C MET A 40 -32.05 -1.25 -15.25
N CYS A 41 -32.22 -1.24 -13.94
CA CYS A 41 -31.49 -0.33 -13.07
C CYS A 41 -30.06 -0.82 -12.88
N MET A 42 -29.26 -0.04 -12.16
CA MET A 42 -27.85 -0.37 -11.97
C MET A 42 -27.41 -1.12 -10.70
N ASN A 43 -28.31 -1.35 -9.76
CA ASN A 43 -27.93 -2.05 -8.53
C ASN A 43 -28.28 -3.55 -8.55
N VAL A 44 -28.56 -4.06 -9.74
CA VAL A 44 -28.91 -5.47 -9.94
C VAL A 44 -27.98 -6.44 -9.22
N ASP A 45 -26.67 -6.25 -9.38
CA ASP A 45 -25.69 -7.15 -8.77
C ASP A 45 -25.69 -7.20 -7.26
N VAL A 46 -26.33 -6.22 -6.62
CA VAL A 46 -26.43 -6.23 -5.17
C VAL A 46 -27.79 -6.85 -4.83
N LEU A 47 -28.84 -6.36 -5.48
CA LEU A 47 -30.19 -6.84 -5.24
C LEU A 47 -30.38 -8.35 -5.36
N LEU A 48 -29.88 -8.93 -6.46
CA LEU A 48 -30.06 -10.35 -6.67
C LEU A 48 -29.37 -11.27 -5.67
N PRO A 49 -28.04 -11.13 -5.45
CA PRO A 49 -27.44 -12.03 -4.46
C PRO A 49 -27.99 -11.82 -3.06
N THR A 50 -28.42 -10.60 -2.75
CA THR A 50 -28.98 -10.33 -1.44
C THR A 50 -30.32 -11.04 -1.30
N ALA A 51 -31.12 -11.00 -2.36
CA ALA A 51 -32.44 -11.65 -2.34
C ALA A 51 -32.26 -13.15 -2.19
N VAL A 52 -31.25 -13.70 -2.88
CA VAL A 52 -30.98 -15.13 -2.78
C VAL A 52 -30.46 -15.48 -1.39
N CYS A 53 -29.56 -14.66 -0.85
CA CYS A 53 -29.02 -14.89 0.48
C CYS A 53 -30.13 -14.92 1.53
N LYS A 54 -31.04 -13.96 1.43
CA LYS A 54 -32.15 -13.86 2.37
C LYS A 54 -32.96 -15.15 2.40
N ARG A 55 -33.37 -15.62 1.22
CA ARG A 55 -34.16 -16.83 1.10
C ARG A 55 -33.40 -18.08 1.54
N VAL A 56 -32.10 -18.15 1.23
CA VAL A 56 -31.31 -19.30 1.65
C VAL A 56 -31.20 -19.29 3.18
N ALA A 57 -30.93 -18.10 3.73
CA ALA A 57 -30.77 -17.94 5.17
C ALA A 57 -32.04 -18.33 5.92
N GLU A 58 -33.19 -18.00 5.34
CA GLU A 58 -34.47 -18.32 5.96
C GLU A 58 -34.62 -19.83 6.06
N ARG A 59 -34.17 -20.54 5.02
CA ARG A 59 -34.26 -22.00 5.00
C ARG A 59 -33.27 -22.76 5.88
N ILE A 60 -32.04 -22.28 5.94
CA ILE A 60 -31.01 -22.97 6.73
C ILE A 60 -30.68 -22.33 8.07
N GLY A 61 -31.37 -21.24 8.40
CA GLY A 61 -31.12 -20.57 9.67
C GLY A 61 -29.80 -19.83 9.74
N ALA A 62 -29.44 -19.16 8.66
CA ALA A 62 -28.19 -18.40 8.62
C ALA A 62 -28.50 -16.91 8.75
N LEU A 63 -27.44 -16.10 8.82
CA LEU A 63 -27.58 -14.65 8.94
C LEU A 63 -26.89 -13.99 7.75
N VAL A 64 -27.44 -12.87 7.30
CA VAL A 64 -26.90 -12.16 6.16
C VAL A 64 -26.32 -10.79 6.54
N MET A 65 -25.06 -10.57 6.16
CA MET A 65 -24.34 -9.33 6.44
C MET A 65 -24.68 -8.26 5.41
N PRO A 66 -24.44 -6.96 5.74
CA PRO A 66 -24.74 -5.89 4.78
C PRO A 66 -23.89 -6.19 3.54
N GLY A 67 -24.48 -6.06 2.35
CA GLY A 67 -23.73 -6.38 1.15
C GLY A 67 -22.74 -5.33 0.67
N LEU A 68 -21.76 -5.78 -0.11
CA LEU A 68 -20.78 -4.87 -0.70
C LEU A 68 -21.49 -4.28 -1.91
N GLN A 69 -21.65 -2.96 -1.89
CA GLN A 69 -22.36 -2.22 -2.93
C GLN A 69 -21.55 -1.89 -4.18
N TYR A 70 -20.23 -1.81 -4.03
CA TYR A 70 -19.35 -1.48 -5.15
C TYR A 70 -18.37 -2.61 -5.38
N GLY A 71 -18.21 -2.98 -6.65
CA GLY A 71 -17.31 -4.07 -6.99
C GLY A 71 -16.20 -3.69 -7.94
N TYR A 72 -15.49 -4.70 -8.46
CA TYR A 72 -14.39 -4.44 -9.37
C TYR A 72 -14.83 -3.91 -10.73
N LYS A 73 -13.90 -3.27 -11.42
CA LYS A 73 -14.12 -2.68 -12.74
C LYS A 73 -14.78 -3.61 -13.74
N SER A 74 -15.84 -3.11 -14.37
CA SER A 74 -16.57 -3.88 -15.37
C SER A 74 -15.63 -4.18 -16.54
N GLN A 75 -15.64 -5.43 -17.00
CA GLN A 75 -14.79 -5.81 -18.12
C GLN A 75 -15.65 -5.95 -19.37
N GLN A 76 -15.12 -5.53 -20.52
CA GLN A 76 -15.87 -5.57 -21.77
C GLN A 76 -16.55 -6.91 -22.06
N LYS A 77 -15.77 -7.99 -22.02
CA LYS A 77 -16.29 -9.32 -22.33
C LYS A 77 -17.27 -9.94 -21.34
N SER A 78 -17.47 -9.31 -20.19
CA SER A 78 -18.38 -9.86 -19.20
C SER A 78 -19.40 -8.87 -18.63
N GLY A 79 -19.12 -7.58 -18.78
CA GLY A 79 -20.03 -6.59 -18.24
C GLY A 79 -20.19 -5.33 -19.09
N GLY A 80 -19.69 -5.36 -20.31
CA GLY A 80 -19.81 -4.20 -21.18
C GLY A 80 -18.61 -3.28 -21.20
N GLY A 81 -17.99 -3.06 -20.04
CA GLY A 81 -16.84 -2.19 -19.98
C GLY A 81 -17.00 -1.09 -18.95
N ASN A 82 -15.88 -0.63 -18.37
CA ASN A 82 -15.95 0.40 -17.34
C ASN A 82 -16.03 1.83 -17.89
N HIS A 83 -16.25 1.96 -19.19
CA HIS A 83 -16.33 3.28 -19.81
C HIS A 83 -17.75 3.86 -19.75
N PHE A 84 -18.72 3.02 -19.40
CA PHE A 84 -20.11 3.47 -19.32
C PHE A 84 -20.37 4.36 -18.11
N PRO A 85 -21.35 5.29 -18.24
CA PRO A 85 -21.72 6.19 -17.15
C PRO A 85 -22.45 5.33 -16.14
N GLY A 86 -22.55 5.79 -14.89
CA GLY A 86 -23.26 5.01 -13.89
C GLY A 86 -22.40 3.97 -13.20
N THR A 87 -21.73 3.13 -13.98
CA THR A 87 -20.86 2.11 -13.43
C THR A 87 -19.84 2.83 -12.53
N THR A 88 -19.79 2.42 -11.26
CA THR A 88 -18.89 3.02 -10.28
C THR A 88 -18.10 1.87 -9.66
N SER A 89 -16.86 1.71 -10.10
CA SER A 89 -16.03 0.60 -9.68
C SER A 89 -14.85 0.93 -8.76
N LEU A 90 -14.49 -0.06 -7.95
CA LEU A 90 -13.37 0.05 -7.02
C LEU A 90 -12.13 -0.56 -7.65
N ASP A 91 -10.97 -0.17 -7.13
CA ASP A 91 -9.71 -0.73 -7.57
C ASP A 91 -9.64 -2.11 -6.91
N GLY A 92 -8.85 -3.01 -7.47
CA GLY A 92 -8.74 -4.35 -6.89
C GLY A 92 -8.30 -4.34 -5.45
N ALA A 93 -7.31 -3.52 -5.13
CA ALA A 93 -6.80 -3.45 -3.76
C ALA A 93 -7.88 -3.07 -2.76
N THR A 94 -8.77 -2.17 -3.15
CA THR A 94 -9.86 -1.72 -2.27
C THR A 94 -10.85 -2.84 -1.97
N LEU A 95 -11.27 -3.56 -3.00
CA LEU A 95 -12.22 -4.65 -2.81
C LEU A 95 -11.60 -5.76 -1.99
N THR A 96 -10.36 -6.13 -2.33
CA THR A 96 -9.65 -7.17 -1.60
C THR A 96 -9.56 -6.80 -0.11
N GLY A 97 -9.15 -5.55 0.14
CA GLY A 97 -9.03 -5.08 1.52
C GLY A 97 -10.33 -5.08 2.29
N THR A 98 -11.43 -4.79 1.60
CA THR A 98 -12.73 -4.75 2.26
C THR A 98 -13.12 -6.16 2.72
N VAL A 99 -12.93 -7.13 1.83
CA VAL A 99 -13.24 -8.53 2.15
C VAL A 99 -12.35 -8.96 3.30
N GLN A 100 -11.07 -8.60 3.22
CA GLN A 100 -10.09 -8.94 4.23
C GLN A 100 -10.47 -8.39 5.62
N ASP A 101 -10.89 -7.13 5.67
CA ASP A 101 -11.26 -6.51 6.93
C ASP A 101 -12.50 -7.15 7.55
N ILE A 102 -13.49 -7.46 6.73
CA ILE A 102 -14.72 -8.07 7.23
C ILE A 102 -14.45 -9.45 7.82
N ILE A 103 -13.65 -10.25 7.14
CA ILE A 103 -13.33 -11.58 7.67
C ILE A 103 -12.60 -11.45 9.00
N ARG A 104 -11.62 -10.56 9.08
CA ARG A 104 -10.88 -10.34 10.31
C ARG A 104 -11.84 -10.02 11.46
N GLU A 105 -12.79 -9.12 11.21
CA GLU A 105 -13.77 -8.73 12.23
C GLU A 105 -14.72 -9.85 12.64
N LEU A 106 -15.21 -10.61 11.67
CA LEU A 106 -16.10 -11.73 11.98
C LEU A 106 -15.37 -12.75 12.85
N ALA A 107 -14.11 -13.01 12.53
CA ALA A 107 -13.32 -13.94 13.33
C ALA A 107 -13.23 -13.41 14.76
N ARG A 108 -13.08 -12.10 14.91
CA ARG A 108 -13.01 -11.50 16.25
C ARG A 108 -14.29 -11.76 17.02
N HIS A 109 -15.42 -11.74 16.31
CA HIS A 109 -16.72 -11.98 16.93
C HIS A 109 -16.82 -13.42 17.43
N GLY A 110 -16.06 -14.31 16.80
CA GLY A 110 -16.08 -15.72 17.17
C GLY A 110 -16.69 -16.54 16.05
N ALA A 111 -17.10 -15.89 14.97
CA ALA A 111 -17.68 -16.59 13.83
C ALA A 111 -16.59 -17.38 13.11
N ARG A 112 -16.95 -18.51 12.52
CA ARG A 112 -15.98 -19.35 11.84
C ARG A 112 -16.50 -19.94 10.53
N ARG A 113 -17.69 -19.53 10.12
CA ARG A 113 -18.30 -20.02 8.90
C ARG A 113 -18.84 -18.87 8.07
N LEU A 114 -18.28 -18.67 6.89
CA LEU A 114 -18.71 -17.58 6.03
C LEU A 114 -18.96 -18.00 4.59
N VAL A 115 -20.06 -17.50 4.03
CA VAL A 115 -20.40 -17.77 2.65
C VAL A 115 -20.38 -16.42 1.94
N LEU A 116 -19.53 -16.29 0.93
CA LEU A 116 -19.47 -15.06 0.15
C LEU A 116 -20.23 -15.33 -1.13
N MET A 117 -21.35 -14.64 -1.32
CA MET A 117 -22.15 -14.84 -2.52
C MET A 117 -21.94 -13.68 -3.47
N ASN A 118 -21.15 -13.93 -4.50
CA ASN A 118 -20.83 -12.93 -5.51
C ASN A 118 -21.97 -12.77 -6.50
N GLY A 119 -22.23 -11.53 -6.90
CA GLY A 119 -23.28 -11.27 -7.87
C GLY A 119 -22.75 -10.49 -9.07
N HIS A 120 -21.46 -10.15 -9.03
CA HIS A 120 -20.81 -9.38 -10.10
C HIS A 120 -19.62 -10.20 -10.61
N TYR A 121 -19.78 -10.72 -11.82
CA TYR A 121 -18.79 -11.58 -12.47
C TYR A 121 -17.32 -11.23 -12.21
N GLU A 122 -16.97 -9.96 -12.39
CA GLU A 122 -15.60 -9.48 -12.23
C GLU A 122 -15.00 -9.47 -10.81
N ASN A 123 -15.82 -9.60 -9.78
CA ASN A 123 -15.32 -9.58 -8.39
C ASN A 123 -14.49 -10.79 -7.97
N SER A 124 -14.84 -11.94 -8.54
CA SER A 124 -14.24 -13.21 -8.18
C SER A 124 -12.80 -13.32 -7.68
N MET A 125 -11.82 -12.95 -8.50
CA MET A 125 -10.44 -13.08 -8.07
C MET A 125 -10.02 -12.14 -6.94
N PHE A 126 -10.68 -10.99 -6.82
CA PHE A 126 -10.32 -10.07 -5.75
C PHE A 126 -10.94 -10.54 -4.44
N ILE A 127 -12.07 -11.25 -4.55
CA ILE A 127 -12.70 -11.81 -3.36
C ILE A 127 -11.75 -12.92 -2.90
N VAL A 128 -11.26 -13.71 -3.86
CA VAL A 128 -10.32 -14.80 -3.57
C VAL A 128 -9.06 -14.28 -2.86
N GLU A 129 -8.50 -13.19 -3.35
CA GLU A 129 -7.29 -12.65 -2.72
C GLU A 129 -7.60 -12.14 -1.31
N GLY A 130 -8.75 -11.51 -1.16
CA GLY A 130 -9.16 -11.00 0.14
C GLY A 130 -9.25 -12.14 1.14
N ILE A 131 -9.84 -13.25 0.70
CA ILE A 131 -9.96 -14.42 1.57
C ILE A 131 -8.59 -14.95 1.96
N ASP A 132 -7.70 -15.10 0.98
CA ASP A 132 -6.37 -15.64 1.27
C ASP A 132 -5.59 -14.79 2.27
N LEU A 133 -5.62 -13.46 2.10
CA LEU A 133 -4.90 -12.57 2.99
C LEU A 133 -5.48 -12.63 4.41
N ALA A 134 -6.80 -12.73 4.50
CA ALA A 134 -7.45 -12.81 5.80
C ALA A 134 -7.09 -14.12 6.51
N LEU A 135 -7.13 -15.22 5.78
CA LEU A 135 -6.79 -16.52 6.38
C LEU A 135 -5.34 -16.54 6.81
N ARG A 136 -4.48 -15.86 6.05
CA ARG A 136 -3.06 -15.79 6.37
C ARG A 136 -2.89 -15.10 7.71
N GLU A 137 -3.60 -13.99 7.91
CA GLU A 137 -3.52 -13.25 9.17
C GLU A 137 -4.08 -14.07 10.33
N LEU A 138 -5.18 -14.79 10.08
CA LEU A 138 -5.77 -15.60 11.14
C LEU A 138 -4.76 -16.65 11.60
N ARG A 139 -4.04 -17.25 10.64
CA ARG A 139 -3.04 -18.25 10.96
C ARG A 139 -1.95 -17.68 11.86
N TYR A 140 -1.58 -16.41 11.64
CA TYR A 140 -0.56 -15.77 12.48
C TYR A 140 -0.99 -15.80 13.93
N ALA A 141 -2.29 -15.63 14.16
CA ALA A 141 -2.83 -15.63 15.52
C ALA A 141 -3.21 -17.03 15.97
N GLY A 142 -2.75 -18.04 15.24
CA GLY A 142 -3.04 -19.42 15.59
C GLY A 142 -4.46 -19.90 15.29
N ILE A 143 -5.20 -19.15 14.48
CA ILE A 143 -6.57 -19.53 14.13
C ILE A 143 -6.58 -20.24 12.78
N GLN A 144 -7.05 -21.48 12.78
CA GLN A 144 -7.11 -22.27 11.55
C GLN A 144 -8.46 -22.94 11.32
N ASP A 145 -9.46 -22.60 12.12
CA ASP A 145 -10.77 -23.20 11.95
C ASP A 145 -11.80 -22.31 11.28
N PHE A 146 -11.36 -21.19 10.70
CA PHE A 146 -12.29 -20.31 9.99
C PHE A 146 -12.41 -20.88 8.59
N LYS A 147 -13.64 -21.16 8.15
CA LYS A 147 -13.86 -21.74 6.83
C LYS A 147 -14.74 -20.83 5.97
N VAL A 148 -14.34 -20.69 4.72
CA VAL A 148 -15.08 -19.84 3.78
C VAL A 148 -15.51 -20.57 2.52
N VAL A 149 -16.75 -20.35 2.13
CA VAL A 149 -17.32 -20.91 0.92
C VAL A 149 -17.61 -19.70 0.04
N VAL A 150 -17.12 -19.71 -1.19
CA VAL A 150 -17.36 -18.60 -2.10
C VAL A 150 -18.02 -19.13 -3.38
N LEU A 151 -19.00 -18.41 -3.87
CA LEU A 151 -19.72 -18.85 -5.06
C LEU A 151 -20.40 -17.70 -5.78
N SER A 152 -20.61 -17.86 -7.08
CA SER A 152 -21.35 -16.90 -7.89
C SER A 152 -22.65 -17.66 -8.04
N TYR A 153 -23.75 -17.08 -7.56
CA TYR A 153 -25.04 -17.77 -7.58
C TYR A 153 -25.52 -18.41 -8.88
N TRP A 154 -25.23 -17.80 -10.03
CA TRP A 154 -25.69 -18.38 -11.30
C TRP A 154 -25.07 -19.74 -11.62
N ASP A 155 -23.92 -20.04 -11.01
CA ASP A 155 -23.28 -21.33 -11.26
C ASP A 155 -24.12 -22.50 -10.75
N PHE A 156 -25.13 -22.20 -9.94
CA PHE A 156 -25.97 -23.26 -9.41
C PHE A 156 -27.08 -23.68 -10.37
N VAL A 157 -27.20 -22.97 -11.48
CA VAL A 157 -28.18 -23.31 -12.50
C VAL A 157 -27.43 -24.25 -13.43
N LYS A 158 -27.40 -25.54 -13.06
CA LYS A 158 -26.68 -26.56 -13.83
C LYS A 158 -27.59 -27.56 -14.55
N ASP A 159 -28.71 -27.90 -13.92
CA ASP A 159 -29.66 -28.87 -14.48
C ASP A 159 -29.96 -28.60 -15.96
N PRO A 160 -29.63 -29.56 -16.84
CA PRO A 160 -29.88 -29.41 -18.27
C PRO A 160 -31.33 -29.03 -18.58
N ALA A 161 -32.25 -29.53 -17.75
CA ALA A 161 -33.66 -29.25 -17.93
C ALA A 161 -33.95 -27.77 -17.67
N VAL A 162 -33.33 -27.23 -16.63
CA VAL A 162 -33.53 -25.81 -16.31
C VAL A 162 -32.90 -24.94 -17.41
N ILE A 163 -31.69 -25.29 -17.82
CA ILE A 163 -31.00 -24.53 -18.86
C ILE A 163 -31.84 -24.47 -20.13
N GLN A 164 -32.44 -25.61 -20.49
CA GLN A 164 -33.27 -25.68 -21.68
C GLN A 164 -34.51 -24.79 -21.59
N GLN A 165 -35.13 -24.73 -20.41
CA GLN A 165 -36.31 -23.90 -20.22
C GLN A 165 -35.97 -22.42 -20.41
N LEU A 166 -34.80 -22.02 -19.94
CA LEU A 166 -34.35 -20.63 -20.04
C LEU A 166 -33.84 -20.31 -21.44
N TYR A 167 -33.11 -21.26 -22.03
CA TYR A 167 -32.55 -21.08 -23.37
C TYR A 167 -32.94 -22.22 -24.31
N PRO A 168 -34.20 -22.22 -24.78
CA PRO A 168 -34.64 -23.29 -25.68
C PRO A 168 -33.83 -23.39 -26.97
N GLU A 169 -33.21 -22.27 -27.38
CA GLU A 169 -32.40 -22.28 -28.60
C GLU A 169 -30.91 -22.40 -28.33
N GLY A 170 -30.54 -22.80 -27.11
CA GLY A 170 -29.14 -22.96 -26.78
C GLY A 170 -28.56 -21.98 -25.78
N PHE A 171 -27.75 -22.50 -24.87
CA PHE A 171 -27.10 -21.69 -23.83
C PHE A 171 -25.75 -21.20 -24.34
N LEU A 172 -25.55 -19.89 -24.31
CA LEU A 172 -24.30 -19.31 -24.80
C LEU A 172 -23.28 -18.87 -23.76
N GLY A 173 -23.42 -19.33 -22.52
CA GLY A 173 -22.46 -18.98 -21.49
C GLY A 173 -22.82 -17.86 -20.53
N TRP A 174 -22.25 -17.92 -19.33
CA TRP A 174 -22.50 -16.92 -18.29
C TRP A 174 -21.80 -15.59 -18.54
N ASP A 175 -20.73 -15.64 -19.32
CA ASP A 175 -19.96 -14.44 -19.64
C ASP A 175 -20.79 -13.34 -20.30
N ILE A 176 -21.59 -13.68 -21.31
CA ILE A 176 -22.39 -12.65 -21.97
C ILE A 176 -23.76 -12.49 -21.33
N GLU A 177 -23.96 -13.16 -20.20
CA GLU A 177 -25.22 -13.08 -19.49
C GLU A 177 -25.25 -11.80 -18.62
N HIS A 178 -24.94 -10.67 -19.24
CA HIS A 178 -24.96 -9.39 -18.53
C HIS A 178 -26.15 -8.59 -19.05
N GLY A 179 -27.15 -8.41 -18.20
CA GLY A 179 -28.32 -7.65 -18.60
C GLY A 179 -29.16 -8.44 -19.60
N GLY A 180 -28.95 -9.76 -19.63
CA GLY A 180 -29.69 -10.59 -20.55
C GLY A 180 -30.88 -11.33 -19.94
N VAL A 181 -31.18 -12.49 -20.49
CA VAL A 181 -32.31 -13.30 -20.02
C VAL A 181 -32.26 -13.69 -18.54
N PHE A 182 -31.10 -14.14 -18.07
CA PHE A 182 -30.95 -14.56 -16.68
C PHE A 182 -31.24 -13.49 -15.62
N GLU A 183 -30.48 -12.42 -15.61
CA GLU A 183 -30.69 -11.37 -14.62
C GLU A 183 -32.03 -10.67 -14.79
N THR A 184 -32.40 -10.38 -16.03
CA THR A 184 -33.65 -9.69 -16.28
C THR A 184 -34.83 -10.51 -15.78
N SER A 185 -34.79 -11.82 -15.98
CA SER A 185 -35.89 -12.68 -15.52
C SER A 185 -36.00 -12.64 -14.00
N LEU A 186 -34.87 -12.74 -13.31
CA LEU A 186 -34.88 -12.69 -11.86
C LEU A 186 -35.44 -11.37 -11.37
N MET A 187 -35.05 -10.28 -12.02
CA MET A 187 -35.53 -8.96 -11.63
C MET A 187 -37.04 -8.85 -11.86
N LEU A 188 -37.51 -9.41 -12.97
CA LEU A 188 -38.94 -9.38 -13.26
C LEU A 188 -39.72 -10.11 -12.16
N ALA A 189 -39.11 -11.13 -11.58
CA ALA A 189 -39.75 -11.91 -10.53
C ALA A 189 -39.62 -11.31 -9.13
N LEU A 190 -38.54 -10.58 -8.88
CA LEU A 190 -38.30 -10.00 -7.57
C LEU A 190 -38.58 -8.50 -7.47
N TYR A 191 -38.21 -7.76 -8.50
CA TYR A 191 -38.39 -6.31 -8.51
C TYR A 191 -38.86 -5.83 -9.88
N PRO A 192 -40.09 -6.21 -10.27
CA PRO A 192 -40.67 -5.83 -11.56
C PRO A 192 -40.69 -4.33 -11.84
N ASP A 193 -40.88 -3.53 -10.79
CA ASP A 193 -40.92 -2.08 -10.96
C ASP A 193 -39.60 -1.52 -11.45
N LEU A 194 -38.52 -2.27 -11.26
CA LEU A 194 -37.20 -1.81 -11.69
C LEU A 194 -36.80 -2.29 -13.08
N VAL A 195 -37.75 -2.89 -13.79
CA VAL A 195 -37.50 -3.38 -15.15
C VAL A 195 -38.57 -2.88 -16.13
N ASP A 196 -38.13 -2.47 -17.31
CA ASP A 196 -39.04 -2.01 -18.36
C ASP A 196 -38.69 -2.81 -19.61
N LEU A 197 -39.19 -4.05 -19.66
CA LEU A 197 -38.91 -4.95 -20.77
C LEU A 197 -39.14 -4.32 -22.15
N ASP A 198 -39.99 -3.30 -22.21
CA ASP A 198 -40.28 -2.63 -23.48
C ASP A 198 -39.12 -1.77 -23.97
N ARG A 199 -38.12 -1.58 -23.13
CA ARG A 199 -36.95 -0.79 -23.50
C ARG A 199 -35.78 -1.66 -23.96
N VAL A 200 -35.95 -2.97 -23.85
CA VAL A 200 -34.91 -3.91 -24.25
C VAL A 200 -34.53 -3.73 -25.72
N VAL A 201 -33.23 -3.58 -25.98
CA VAL A 201 -32.73 -3.44 -27.34
C VAL A 201 -32.31 -4.84 -27.76
N ASP A 202 -33.14 -5.48 -28.59
CA ASP A 202 -32.88 -6.85 -29.05
C ASP A 202 -31.78 -6.96 -30.10
N HIS A 203 -30.54 -7.09 -29.64
CA HIS A 203 -29.40 -7.22 -30.53
C HIS A 203 -28.87 -8.64 -30.50
N PRO A 204 -28.02 -9.02 -31.46
CA PRO A 204 -27.47 -10.37 -31.48
C PRO A 204 -26.51 -10.52 -30.30
N PRO A 205 -26.35 -11.75 -29.78
CA PRO A 205 -25.43 -11.92 -28.65
C PRO A 205 -24.03 -11.40 -28.99
N ALA A 206 -23.39 -10.76 -28.02
CA ALA A 206 -22.05 -10.22 -28.22
C ALA A 206 -21.02 -11.30 -28.48
N THR A 207 -20.12 -11.03 -29.43
CA THR A 207 -19.05 -11.96 -29.75
C THR A 207 -17.75 -11.17 -29.79
N PHE A 208 -16.67 -11.79 -29.34
CA PHE A 208 -15.37 -11.12 -29.33
C PHE A 208 -14.27 -12.05 -29.80
N PRO A 209 -13.16 -11.47 -30.28
CA PRO A 209 -12.05 -12.31 -30.73
C PRO A 209 -11.43 -12.94 -29.48
N PRO A 210 -10.49 -13.88 -29.64
CA PRO A 210 -9.84 -14.54 -28.51
C PRO A 210 -8.80 -13.70 -27.76
N TYR A 211 -9.07 -12.40 -27.61
CA TYR A 211 -8.16 -11.51 -26.90
C TYR A 211 -8.87 -10.26 -26.40
N ASP A 212 -8.19 -9.52 -25.54
CA ASP A 212 -8.74 -8.30 -24.95
C ASP A 212 -7.93 -7.08 -25.36
N VAL A 213 -8.59 -5.94 -25.52
CA VAL A 213 -7.91 -4.72 -25.90
C VAL A 213 -8.17 -3.59 -24.89
N PHE A 214 -7.10 -2.88 -24.53
CA PHE A 214 -7.15 -1.76 -23.59
C PHE A 214 -6.33 -0.63 -24.21
N PRO A 215 -6.81 0.62 -24.10
CA PRO A 215 -8.03 1.11 -23.47
C PRO A 215 -9.24 0.43 -24.10
N VAL A 216 -10.27 0.19 -23.31
CA VAL A 216 -11.47 -0.45 -23.83
C VAL A 216 -12.08 0.32 -24.99
N ASP A 217 -12.36 -0.38 -26.07
CA ASP A 217 -12.94 0.20 -27.28
C ASP A 217 -14.47 0.08 -27.20
N PRO A 218 -15.16 1.20 -26.96
CA PRO A 218 -16.62 1.26 -26.84
C PRO A 218 -17.37 0.62 -28.02
N ALA A 219 -16.78 0.70 -29.20
CA ALA A 219 -17.40 0.15 -30.40
C ALA A 219 -17.57 -1.36 -30.35
N ARG A 220 -16.74 -2.05 -29.57
CA ARG A 220 -16.80 -3.51 -29.50
C ARG A 220 -17.86 -4.05 -28.52
N THR A 221 -18.57 -3.15 -27.84
CA THR A 221 -19.63 -3.55 -26.92
C THR A 221 -20.96 -3.12 -27.54
N PRO A 222 -22.00 -3.96 -27.44
CA PRO A 222 -23.28 -3.55 -28.04
C PRO A 222 -23.68 -2.19 -27.44
N ALA A 223 -24.19 -1.30 -28.29
CA ALA A 223 -24.58 0.05 -27.86
C ALA A 223 -25.31 0.16 -26.52
N PRO A 224 -26.32 -0.70 -26.28
CA PRO A 224 -27.09 -0.67 -25.02
C PRO A 224 -26.28 -0.98 -23.75
N GLY A 225 -25.18 -1.69 -23.90
CA GLY A 225 -24.37 -2.04 -22.75
C GLY A 225 -24.56 -3.49 -22.35
N THR A 226 -25.65 -4.09 -22.82
CA THR A 226 -25.98 -5.48 -22.55
C THR A 226 -25.14 -6.37 -23.49
N LEU A 227 -24.82 -7.58 -23.02
CA LEU A 227 -24.04 -8.51 -23.85
C LEU A 227 -24.93 -9.54 -24.56
N SER A 228 -26.21 -9.55 -24.20
CA SER A 228 -27.19 -10.43 -24.82
C SER A 228 -28.58 -9.86 -24.58
N SER A 229 -29.48 -10.12 -25.51
CA SER A 229 -30.85 -9.60 -25.43
C SER A 229 -31.73 -10.29 -24.40
N ALA A 230 -32.45 -9.49 -23.61
CA ALA A 230 -33.34 -10.02 -22.59
C ALA A 230 -34.79 -10.07 -23.11
N LYS A 231 -34.96 -9.85 -24.41
CA LYS A 231 -36.30 -9.87 -25.00
C LYS A 231 -37.17 -11.04 -24.56
N THR A 232 -36.58 -12.22 -24.40
CA THR A 232 -37.33 -13.40 -23.99
C THR A 232 -37.38 -13.63 -22.48
N ALA A 233 -36.92 -12.66 -21.71
CA ALA A 233 -36.95 -12.80 -20.25
C ALA A 233 -38.41 -12.74 -19.78
N SER A 234 -38.70 -13.39 -18.67
CA SER A 234 -40.06 -13.39 -18.14
C SER A 234 -40.05 -13.68 -16.63
N ARG A 235 -41.15 -13.31 -15.97
CA ARG A 235 -41.27 -13.54 -14.54
C ARG A 235 -41.23 -15.04 -14.23
N GLU A 236 -41.80 -15.84 -15.14
CA GLU A 236 -41.83 -17.29 -14.94
C GLU A 236 -40.43 -17.86 -14.92
N LYS A 237 -39.59 -17.44 -15.87
CA LYS A 237 -38.23 -17.92 -15.92
C LYS A 237 -37.53 -17.51 -14.62
N GLY A 238 -37.83 -16.30 -14.17
CA GLY A 238 -37.23 -15.79 -12.93
C GLY A 238 -37.54 -16.62 -11.70
N GLU A 239 -38.79 -17.05 -11.55
CA GLU A 239 -39.18 -17.84 -10.39
C GLU A 239 -38.50 -19.21 -10.39
N LEU A 240 -38.28 -19.76 -11.59
CA LEU A 240 -37.62 -21.07 -11.70
C LEU A 240 -36.16 -20.91 -11.26
N ILE A 241 -35.50 -19.89 -11.79
CA ILE A 241 -34.11 -19.59 -11.46
C ILE A 241 -33.95 -19.43 -9.97
N LEU A 242 -34.82 -18.62 -9.38
CA LEU A 242 -34.79 -18.35 -7.95
C LEU A 242 -34.87 -19.60 -7.10
N GLU A 243 -35.85 -20.47 -7.40
CA GLU A 243 -35.99 -21.70 -6.63
C GLU A 243 -34.79 -22.60 -6.81
N VAL A 244 -34.33 -22.72 -8.06
CA VAL A 244 -33.16 -23.55 -8.37
C VAL A 244 -31.93 -23.08 -7.59
N CYS A 245 -31.67 -21.78 -7.60
CA CYS A 245 -30.51 -21.24 -6.90
C CYS A 245 -30.62 -21.39 -5.39
N VAL A 246 -31.77 -20.99 -4.84
CA VAL A 246 -31.98 -21.09 -3.39
C VAL A 246 -31.85 -22.52 -2.87
N GLN A 247 -32.47 -23.46 -3.56
CA GLN A 247 -32.40 -24.86 -3.13
C GLN A 247 -30.98 -25.41 -3.24
N GLY A 248 -30.33 -25.17 -4.37
CA GLY A 248 -28.97 -25.65 -4.57
C GLY A 248 -27.98 -25.09 -3.57
N ILE A 249 -28.03 -23.79 -3.35
CA ILE A 249 -27.11 -23.15 -2.41
C ILE A 249 -27.40 -23.60 -0.99
N ALA A 250 -28.69 -23.68 -0.64
CA ALA A 250 -29.07 -24.13 0.69
C ALA A 250 -28.48 -25.51 0.94
N ASP A 251 -28.62 -26.40 -0.04
CA ASP A 251 -28.10 -27.76 0.10
C ASP A 251 -26.57 -27.77 0.19
N ALA A 252 -25.92 -26.91 -0.60
CA ALA A 252 -24.47 -26.85 -0.58
C ALA A 252 -23.98 -26.40 0.80
N ILE A 253 -24.62 -25.38 1.36
CA ILE A 253 -24.21 -24.88 2.67
C ILE A 253 -24.43 -25.93 3.75
N ARG A 254 -25.56 -26.63 3.70
CA ARG A 254 -25.84 -27.68 4.68
C ARG A 254 -24.75 -28.73 4.62
N GLU A 255 -24.25 -28.97 3.41
CA GLU A 255 -23.21 -29.95 3.15
C GLU A 255 -21.87 -29.49 3.74
N GLU A 256 -21.47 -28.26 3.43
CA GLU A 256 -20.20 -27.73 3.91
C GLU A 256 -20.22 -27.27 5.36
N PHE A 257 -21.35 -26.76 5.83
CA PHE A 257 -21.47 -26.29 7.20
C PHE A 257 -22.59 -27.03 7.93
N PRO A 258 -22.40 -28.33 8.18
CA PRO A 258 -23.42 -29.13 8.86
C PRO A 258 -23.71 -28.62 10.27
N PRO A 259 -24.98 -28.65 10.69
CA PRO A 259 -25.39 -28.19 12.02
C PRO A 259 -24.75 -29.01 13.14
N SER B 4 18.16 -11.29 -33.14
CA SER B 4 17.33 -11.84 -32.04
C SER B 4 16.04 -11.07 -31.88
N VAL B 5 14.98 -11.74 -31.45
CA VAL B 5 13.70 -11.08 -31.25
C VAL B 5 13.51 -10.77 -29.78
N PHE B 6 14.50 -11.12 -28.96
CA PHE B 6 14.41 -10.87 -27.52
C PHE B 6 15.07 -9.55 -27.10
N VAL B 7 14.27 -8.67 -26.49
CA VAL B 7 14.77 -7.38 -26.03
C VAL B 7 16.02 -7.58 -25.17
N GLY B 8 15.98 -8.58 -24.30
CA GLY B 8 17.11 -8.83 -23.42
C GLY B 8 18.42 -9.09 -24.16
N GLU B 9 18.33 -9.61 -25.39
CA GLU B 9 19.52 -9.92 -26.18
C GLU B 9 19.96 -8.79 -27.12
N LEU B 10 19.30 -7.64 -27.02
CA LEU B 10 19.64 -6.49 -27.85
C LEU B 10 20.39 -5.45 -27.02
N THR B 11 21.13 -4.57 -27.68
CA THR B 11 21.82 -3.50 -26.97
C THR B 11 20.77 -2.40 -26.86
N TRP B 12 20.97 -1.44 -25.96
CA TRP B 12 19.97 -0.38 -25.82
C TRP B 12 19.85 0.42 -27.10
N LYS B 13 20.93 0.51 -27.85
CA LYS B 13 20.91 1.25 -29.11
C LYS B 13 20.02 0.56 -30.13
N GLU B 14 20.16 -0.75 -30.25
CA GLU B 14 19.35 -1.53 -31.18
C GLU B 14 17.87 -1.41 -30.79
N TYR B 15 17.60 -1.49 -29.49
CA TYR B 15 16.24 -1.38 -29.00
C TYR B 15 15.68 0.01 -29.33
N GLU B 16 16.48 1.03 -29.05
CA GLU B 16 16.09 2.41 -29.31
C GLU B 16 15.69 2.60 -30.76
N ALA B 17 16.54 2.09 -31.66
CA ALA B 17 16.29 2.20 -33.10
C ALA B 17 14.99 1.52 -33.51
N ARG B 18 14.71 0.36 -32.91
CA ARG B 18 13.48 -0.36 -33.24
C ARG B 18 12.24 0.38 -32.79
N VAL B 19 12.30 1.00 -31.61
CA VAL B 19 11.16 1.76 -31.12
C VAL B 19 11.04 3.05 -31.93
N ALA B 20 12.17 3.60 -32.34
CA ALA B 20 12.17 4.83 -33.13
C ALA B 20 11.48 4.60 -34.48
N ALA B 21 11.42 3.34 -34.90
CA ALA B 21 10.78 2.99 -36.17
C ALA B 21 9.35 3.52 -36.20
N GLY B 22 8.71 3.55 -35.02
CA GLY B 22 7.36 4.09 -34.94
C GLY B 22 6.19 3.12 -34.76
N ASP B 23 6.32 1.90 -35.25
CA ASP B 23 5.24 0.91 -35.14
C ASP B 23 5.70 -0.36 -34.44
N CYS B 24 6.71 -0.24 -33.59
CA CYS B 24 7.28 -1.37 -32.87
C CYS B 24 6.30 -2.06 -31.90
N VAL B 25 6.20 -3.38 -32.02
CA VAL B 25 5.32 -4.16 -31.15
C VAL B 25 6.14 -4.94 -30.13
N LEU B 26 5.79 -4.80 -28.85
CA LEU B 26 6.49 -5.52 -27.78
C LEU B 26 5.57 -6.60 -27.21
N MET B 27 6.16 -7.74 -26.85
CA MET B 27 5.41 -8.84 -26.29
C MET B 27 5.98 -9.23 -24.94
N LEU B 28 5.10 -9.47 -23.97
CA LEU B 28 5.53 -9.85 -22.63
C LEU B 28 4.87 -11.14 -22.15
N PRO B 29 5.66 -12.22 -22.03
CA PRO B 29 5.04 -13.46 -21.56
C PRO B 29 4.87 -13.41 -20.04
N VAL B 30 3.74 -13.90 -19.55
CA VAL B 30 3.47 -13.88 -18.12
C VAL B 30 3.15 -15.31 -17.68
N GLY B 31 4.04 -15.91 -16.90
CA GLY B 31 3.85 -17.28 -16.46
C GLY B 31 3.68 -17.53 -14.98
N ALA B 32 4.34 -18.58 -14.50
CA ALA B 32 4.29 -18.98 -13.10
C ALA B 32 5.26 -20.13 -12.85
N LEU B 33 5.51 -20.42 -11.57
CA LEU B 33 6.34 -21.55 -11.17
C LEU B 33 5.28 -22.37 -10.46
N GLU B 34 4.85 -23.44 -11.09
CA GLU B 34 3.76 -24.24 -10.56
C GLU B 34 3.88 -25.74 -10.82
N GLN B 35 3.40 -26.53 -9.88
CA GLN B 35 3.44 -27.98 -10.04
C GLN B 35 2.64 -28.33 -11.29
N HIS B 36 3.11 -29.32 -12.04
CA HIS B 36 2.42 -29.78 -13.25
C HIS B 36 2.41 -31.30 -13.33
N GLY B 37 2.01 -31.94 -12.24
CA GLY B 37 1.95 -33.40 -12.23
C GLY B 37 3.28 -34.09 -11.99
N HIS B 38 3.27 -35.42 -12.13
CA HIS B 38 4.45 -36.24 -11.93
C HIS B 38 5.30 -36.36 -13.19
N HIS B 39 4.73 -36.00 -14.33
CA HIS B 39 5.41 -36.16 -15.62
C HIS B 39 6.03 -34.93 -16.25
N MET B 40 5.81 -33.76 -15.67
CA MET B 40 6.31 -32.54 -16.28
C MET B 40 6.91 -31.58 -15.26
N CYS B 41 7.83 -30.72 -15.71
CA CYS B 41 8.50 -29.76 -14.82
C CYS B 41 7.58 -28.61 -14.42
N MET B 42 8.07 -27.74 -13.53
CA MET B 42 7.26 -26.64 -13.03
C MET B 42 7.32 -25.27 -13.72
N ASN B 43 8.17 -25.09 -14.72
CA ASN B 43 8.24 -23.79 -15.38
C ASN B 43 7.46 -23.73 -16.68
N VAL B 44 6.59 -24.72 -16.90
CA VAL B 44 5.76 -24.80 -18.09
C VAL B 44 5.08 -23.49 -18.49
N ASP B 45 4.41 -22.84 -17.55
CA ASP B 45 3.69 -21.60 -17.83
C ASP B 45 4.55 -20.44 -18.33
N VAL B 46 5.86 -20.53 -18.15
CA VAL B 46 6.76 -19.51 -18.64
C VAL B 46 7.28 -19.97 -20.00
N LEU B 47 7.74 -21.22 -20.04
CA LEU B 47 8.28 -21.80 -21.27
C LEU B 47 7.35 -21.74 -22.47
N LEU B 48 6.10 -22.14 -22.30
CA LEU B 48 5.16 -22.17 -23.41
C LEU B 48 4.83 -20.82 -24.04
N PRO B 49 4.32 -19.85 -23.26
CA PRO B 49 4.02 -18.56 -23.89
C PRO B 49 5.28 -17.88 -24.44
N THR B 50 6.43 -18.16 -23.85
CA THR B 50 7.67 -17.56 -24.32
C THR B 50 8.01 -18.14 -25.69
N ALA B 51 7.83 -19.44 -25.86
CA ALA B 51 8.11 -20.09 -27.14
C ALA B 51 7.15 -19.60 -28.22
N VAL B 52 5.90 -19.37 -27.85
CA VAL B 52 4.91 -18.87 -28.81
C VAL B 52 5.26 -17.43 -29.17
N CYS B 53 5.60 -16.63 -28.16
CA CYS B 53 5.98 -15.25 -28.40
C CYS B 53 7.16 -15.17 -29.38
N LYS B 54 8.16 -16.00 -29.15
CA LYS B 54 9.34 -16.03 -30.01
C LYS B 54 8.95 -16.28 -31.47
N ARG B 55 8.16 -17.33 -31.68
CA ARG B 55 7.72 -17.69 -33.03
C ARG B 55 6.84 -16.63 -33.67
N VAL B 56 5.93 -16.05 -32.90
CA VAL B 56 5.08 -15.00 -33.45
C VAL B 56 5.93 -13.77 -33.79
N ALA B 57 6.84 -13.41 -32.89
CA ALA B 57 7.71 -12.25 -33.11
C ALA B 57 8.56 -12.40 -34.36
N GLU B 58 9.08 -13.59 -34.60
CA GLU B 58 9.89 -13.85 -35.78
C GLU B 58 9.08 -13.60 -37.04
N ARG B 59 7.80 -13.94 -37.01
CA ARG B 59 6.92 -13.76 -38.17
C ARG B 59 6.47 -12.34 -38.44
N ILE B 60 6.11 -11.61 -37.39
CA ILE B 60 5.61 -10.26 -37.56
C ILE B 60 6.61 -9.13 -37.30
N GLY B 61 7.84 -9.49 -36.95
CA GLY B 61 8.85 -8.48 -36.70
C GLY B 61 8.67 -7.76 -35.38
N ALA B 62 8.26 -8.49 -34.35
CA ALA B 62 8.06 -7.91 -33.02
C ALA B 62 9.22 -8.26 -32.09
N LEU B 63 9.18 -7.72 -30.87
CA LEU B 63 10.22 -7.99 -29.87
C LEU B 63 9.59 -8.57 -28.60
N VAL B 64 10.34 -9.44 -27.92
CA VAL B 64 9.86 -10.10 -26.72
C VAL B 64 10.64 -9.69 -25.46
N MET B 65 9.90 -9.24 -24.45
CA MET B 65 10.46 -8.81 -23.18
C MET B 65 10.73 -10.01 -22.28
N PRO B 66 11.59 -9.84 -21.25
CA PRO B 66 11.86 -10.95 -20.33
C PRO B 66 10.52 -11.33 -19.71
N GLY B 67 10.24 -12.62 -19.60
CA GLY B 67 8.97 -13.03 -19.04
C GLY B 67 8.82 -12.96 -17.54
N LEU B 68 7.58 -12.84 -17.08
CA LEU B 68 7.32 -12.83 -15.64
C LEU B 68 7.34 -14.30 -15.26
N GLN B 69 8.26 -14.64 -14.35
CA GLN B 69 8.49 -16.01 -13.90
C GLN B 69 7.55 -16.52 -12.82
N TYR B 70 7.03 -15.60 -12.01
CA TYR B 70 6.12 -15.96 -10.93
C TYR B 70 4.77 -15.30 -11.15
N GLY B 71 3.70 -16.07 -10.95
CA GLY B 71 2.37 -15.56 -11.15
C GLY B 71 1.50 -15.67 -9.91
N TYR B 72 0.21 -15.42 -10.08
CA TYR B 72 -0.72 -15.46 -8.96
C TYR B 72 -0.96 -16.87 -8.43
N LYS B 73 -1.43 -16.93 -7.19
CA LYS B 73 -1.73 -18.17 -6.48
C LYS B 73 -2.58 -19.15 -7.29
N SER B 74 -2.10 -20.38 -7.37
CA SER B 74 -2.78 -21.46 -8.08
C SER B 74 -4.12 -21.71 -7.40
N GLN B 75 -5.18 -21.82 -8.20
CA GLN B 75 -6.52 -22.09 -7.66
C GLN B 75 -6.90 -23.54 -7.94
N GLN B 76 -7.53 -24.18 -6.96
CA GLN B 76 -7.91 -25.58 -7.07
C GLN B 76 -8.57 -25.98 -8.39
N LYS B 77 -9.61 -25.26 -8.78
CA LYS B 77 -10.35 -25.57 -10.01
C LYS B 77 -9.65 -25.29 -11.34
N SER B 78 -8.51 -24.64 -11.31
CA SER B 78 -7.82 -24.32 -12.55
C SER B 78 -6.36 -24.76 -12.57
N GLY B 79 -5.74 -24.86 -11.39
CA GLY B 79 -4.35 -25.26 -11.34
C GLY B 79 -3.99 -26.22 -10.22
N GLY B 80 -5.00 -26.78 -9.55
CA GLY B 80 -4.74 -27.72 -8.48
C GLY B 80 -4.75 -27.17 -7.06
N GLY B 81 -4.28 -25.95 -6.86
CA GLY B 81 -4.28 -25.38 -5.52
C GLY B 81 -2.90 -24.91 -5.09
N ASN B 82 -2.84 -23.86 -4.29
CA ASN B 82 -1.55 -23.33 -3.87
C ASN B 82 -0.92 -24.06 -2.69
N HIS B 83 -1.47 -25.21 -2.33
CA HIS B 83 -0.95 -25.99 -1.21
C HIS B 83 0.17 -26.94 -1.64
N PHE B 84 0.34 -27.13 -2.95
CA PHE B 84 1.39 -28.02 -3.45
C PHE B 84 2.78 -27.47 -3.27
N PRO B 85 3.78 -28.37 -3.13
CA PRO B 85 5.17 -27.97 -2.96
C PRO B 85 5.63 -27.48 -4.34
N GLY B 86 6.70 -26.69 -4.37
CA GLY B 86 7.19 -26.21 -5.66
C GLY B 86 6.49 -24.96 -6.14
N THR B 87 5.15 -24.99 -6.18
CA THR B 87 4.39 -23.84 -6.62
C THR B 87 4.81 -22.64 -5.77
N THR B 88 5.26 -21.58 -6.41
CA THR B 88 5.73 -20.39 -5.71
C THR B 88 4.98 -19.20 -6.30
N SER B 89 3.97 -18.74 -5.57
CA SER B 89 3.08 -17.67 -6.04
C SER B 89 3.22 -16.30 -5.38
N LEU B 90 2.90 -15.27 -6.15
CA LEU B 90 2.95 -13.89 -5.68
C LEU B 90 1.57 -13.44 -5.22
N ASP B 91 1.52 -12.42 -4.36
CA ASP B 91 0.26 -11.87 -3.93
C ASP B 91 -0.26 -11.06 -5.11
N GLY B 92 -1.57 -10.84 -5.17
CA GLY B 92 -2.14 -10.09 -6.28
C GLY B 92 -1.53 -8.71 -6.47
N ALA B 93 -1.33 -7.99 -5.37
CA ALA B 93 -0.76 -6.64 -5.44
C ALA B 93 0.63 -6.63 -6.09
N THR B 94 1.41 -7.68 -5.81
CA THR B 94 2.76 -7.79 -6.35
C THR B 94 2.76 -8.00 -7.87
N LEU B 95 1.91 -8.90 -8.35
CA LEU B 95 1.84 -9.17 -9.79
C LEU B 95 1.30 -7.94 -10.51
N THR B 96 0.25 -7.34 -9.97
CA THR B 96 -0.34 -6.14 -10.55
C THR B 96 0.70 -5.03 -10.65
N GLY B 97 1.44 -4.83 -9.56
CA GLY B 97 2.46 -3.78 -9.55
C GLY B 97 3.59 -4.01 -10.54
N THR B 98 3.93 -5.28 -10.77
CA THR B 98 5.01 -5.61 -11.71
C THR B 98 4.57 -5.23 -13.12
N VAL B 99 3.35 -5.62 -13.49
CA VAL B 99 2.82 -5.31 -14.81
C VAL B 99 2.73 -3.80 -14.97
N GLN B 100 2.23 -3.13 -13.93
CA GLN B 100 2.09 -1.68 -13.95
C GLN B 100 3.44 -0.98 -14.15
N ASP B 101 4.46 -1.42 -13.43
CA ASP B 101 5.79 -0.83 -13.54
C ASP B 101 6.39 -0.99 -14.93
N ILE B 102 6.24 -2.18 -15.51
CA ILE B 102 6.78 -2.45 -16.83
C ILE B 102 6.13 -1.59 -17.91
N ILE B 103 4.81 -1.44 -17.85
CA ILE B 103 4.11 -0.61 -18.83
C ILE B 103 4.57 0.84 -18.70
N ARG B 104 4.70 1.33 -17.47
CA ARG B 104 5.16 2.70 -17.24
C ARG B 104 6.52 2.92 -17.93
N GLU B 105 7.43 1.97 -17.73
CA GLU B 105 8.76 2.06 -18.32
C GLU B 105 8.76 1.97 -19.84
N LEU B 106 7.95 1.06 -20.39
CA LEU B 106 7.89 0.92 -21.84
C LEU B 106 7.36 2.22 -22.45
N ALA B 107 6.39 2.85 -21.79
CA ALA B 107 5.82 4.11 -22.29
C ALA B 107 6.89 5.18 -22.26
N ARG B 108 7.76 5.14 -21.25
CA ARG B 108 8.84 6.11 -21.12
C ARG B 108 9.79 5.98 -22.32
N HIS B 109 10.03 4.75 -22.76
CA HIS B 109 10.91 4.47 -23.90
C HIS B 109 10.32 5.02 -25.19
N GLY B 110 9.01 5.19 -25.19
CA GLY B 110 8.34 5.67 -26.38
C GLY B 110 7.54 4.56 -27.04
N ALA B 111 7.50 3.39 -26.41
CA ALA B 111 6.74 2.27 -26.96
C ALA B 111 5.25 2.57 -26.77
N ARG B 112 4.42 2.04 -27.65
CA ARG B 112 2.98 2.28 -27.58
C ARG B 112 2.14 1.06 -27.93
N ARG B 113 2.80 -0.05 -28.22
CA ARG B 113 2.10 -1.28 -28.59
C ARG B 113 2.61 -2.44 -27.76
N LEU B 114 1.73 -3.03 -26.95
CA LEU B 114 2.14 -4.14 -26.10
C LEU B 114 1.19 -5.31 -26.12
N VAL B 115 1.76 -6.50 -26.20
CA VAL B 115 0.95 -7.71 -26.18
C VAL B 115 1.36 -8.52 -24.95
N LEU B 116 0.41 -8.79 -24.06
CA LEU B 116 0.70 -9.59 -22.88
C LEU B 116 0.18 -10.98 -23.15
N MET B 117 1.08 -11.95 -23.23
CA MET B 117 0.66 -13.32 -23.48
C MET B 117 0.72 -14.10 -22.18
N ASN B 118 -0.46 -14.35 -21.62
CA ASN B 118 -0.61 -15.07 -20.37
C ASN B 118 -0.50 -16.57 -20.59
N GLY B 119 0.26 -17.25 -19.73
CA GLY B 119 0.42 -18.69 -19.84
C GLY B 119 -0.08 -19.38 -18.58
N HIS B 120 -0.47 -18.59 -17.58
CA HIS B 120 -0.96 -19.10 -16.30
C HIS B 120 -2.37 -18.56 -16.06
N TYR B 121 -3.35 -19.46 -16.16
CA TYR B 121 -4.77 -19.15 -16.02
C TYR B 121 -5.12 -18.11 -14.96
N GLU B 122 -4.65 -18.32 -13.74
CA GLU B 122 -4.93 -17.43 -12.62
C GLU B 122 -4.42 -15.99 -12.68
N ASN B 123 -3.48 -15.69 -13.58
CA ASN B 123 -2.92 -14.34 -13.70
C ASN B 123 -3.86 -13.27 -14.25
N SER B 124 -4.75 -13.69 -15.13
CA SER B 124 -5.67 -12.78 -15.83
C SER B 124 -6.15 -11.50 -15.19
N MET B 125 -6.89 -11.59 -14.09
CA MET B 125 -7.43 -10.37 -13.49
C MET B 125 -6.40 -9.43 -12.89
N PHE B 126 -5.26 -9.95 -12.48
CA PHE B 126 -4.23 -9.09 -11.90
C PHE B 126 -3.47 -8.39 -13.00
N ILE B 127 -3.41 -9.03 -14.17
CA ILE B 127 -2.76 -8.44 -15.34
C ILE B 127 -3.67 -7.27 -15.74
N VAL B 128 -4.97 -7.55 -15.79
CA VAL B 128 -5.97 -6.54 -16.13
C VAL B 128 -5.86 -5.31 -15.23
N GLU B 129 -5.70 -5.52 -13.92
CA GLU B 129 -5.60 -4.39 -13.00
C GLU B 129 -4.30 -3.62 -13.21
N GLY B 130 -3.20 -4.34 -13.44
CA GLY B 130 -1.93 -3.67 -13.69
C GLY B 130 -2.00 -2.77 -14.92
N ILE B 131 -2.70 -3.26 -15.94
CA ILE B 131 -2.86 -2.50 -17.18
C ILE B 131 -3.66 -1.23 -16.90
N ASP B 132 -4.78 -1.36 -16.20
CA ASP B 132 -5.61 -0.20 -15.91
C ASP B 132 -4.88 0.87 -15.10
N LEU B 133 -4.10 0.45 -14.10
CA LEU B 133 -3.37 1.41 -13.28
C LEU B 133 -2.30 2.13 -14.08
N ALA B 134 -1.64 1.41 -14.99
CA ALA B 134 -0.61 2.03 -15.83
C ALA B 134 -1.26 3.00 -16.83
N LEU B 135 -2.38 2.59 -17.42
CA LEU B 135 -3.07 3.46 -18.37
C LEU B 135 -3.61 4.71 -17.68
N ARG B 136 -4.01 4.57 -16.42
CA ARG B 136 -4.52 5.69 -15.63
C ARG B 136 -3.43 6.75 -15.48
N GLU B 137 -2.22 6.30 -15.16
CA GLU B 137 -1.09 7.21 -14.98
C GLU B 137 -0.72 7.89 -16.28
N LEU B 138 -0.79 7.15 -17.39
CA LEU B 138 -0.47 7.74 -18.69
C LEU B 138 -1.48 8.82 -19.02
N ARG B 139 -2.73 8.59 -18.65
CA ARG B 139 -3.80 9.55 -18.89
C ARG B 139 -3.52 10.88 -18.18
N TYR B 140 -2.90 10.82 -16.99
CA TYR B 140 -2.60 12.06 -16.27
C TYR B 140 -1.68 12.94 -17.12
N ALA B 141 -0.88 12.31 -17.97
CA ALA B 141 0.05 13.03 -18.83
C ALA B 141 -0.59 13.29 -20.20
N GLY B 142 -1.89 13.03 -20.31
CA GLY B 142 -2.59 13.25 -21.56
C GLY B 142 -2.31 12.21 -22.63
N ILE B 143 -1.65 11.13 -22.23
CA ILE B 143 -1.31 10.06 -23.17
C ILE B 143 -2.42 9.02 -23.25
N GLN B 144 -2.94 8.82 -24.46
CA GLN B 144 -4.00 7.85 -24.68
C GLN B 144 -3.73 6.94 -25.86
N ASP B 145 -2.50 6.97 -26.38
CA ASP B 145 -2.17 6.13 -27.53
C ASP B 145 -1.40 4.85 -27.20
N PHE B 146 -1.24 4.54 -25.92
CA PHE B 146 -0.55 3.32 -25.56
C PHE B 146 -1.63 2.25 -25.58
N LYS B 147 -1.47 1.26 -26.47
CA LYS B 147 -2.47 0.21 -26.62
C LYS B 147 -1.95 -1.15 -26.18
N VAL B 148 -2.79 -1.89 -25.47
CA VAL B 148 -2.41 -3.20 -24.97
C VAL B 148 -3.39 -4.29 -25.41
N VAL B 149 -2.85 -5.40 -25.85
CA VAL B 149 -3.63 -6.55 -26.26
C VAL B 149 -3.26 -7.63 -25.25
N VAL B 150 -4.26 -8.20 -24.58
CA VAL B 150 -4.01 -9.25 -23.59
C VAL B 150 -4.69 -10.54 -24.03
N LEU B 151 -3.96 -11.64 -23.94
CA LEU B 151 -4.51 -12.92 -24.37
C LEU B 151 -3.86 -14.11 -23.67
N SER B 152 -4.62 -15.19 -23.55
CA SER B 152 -4.12 -16.44 -23.00
C SER B 152 -4.04 -17.25 -24.29
N TYR B 153 -2.83 -17.68 -24.65
CA TYR B 153 -2.60 -18.37 -25.91
C TYR B 153 -3.50 -19.56 -26.27
N TRP B 154 -4.01 -20.28 -25.27
CA TRP B 154 -4.86 -21.43 -25.58
C TRP B 154 -6.21 -21.03 -26.19
N ASP B 155 -6.65 -19.79 -25.94
CA ASP B 155 -7.93 -19.33 -26.48
C ASP B 155 -7.93 -19.28 -28.00
N PHE B 156 -6.76 -19.41 -28.61
CA PHE B 156 -6.68 -19.37 -30.07
C PHE B 156 -6.90 -20.72 -30.72
N VAL B 157 -7.11 -21.75 -29.91
CA VAL B 157 -7.39 -23.09 -30.42
C VAL B 157 -8.91 -23.24 -30.31
N LYS B 158 -9.63 -22.73 -31.31
CA LYS B 158 -11.09 -22.79 -31.30
C LYS B 158 -11.68 -23.54 -32.48
N ASP B 159 -10.99 -23.46 -33.62
CA ASP B 159 -11.45 -24.13 -34.82
C ASP B 159 -11.92 -25.56 -34.55
N PRO B 160 -13.24 -25.81 -34.68
CA PRO B 160 -13.82 -27.13 -34.45
C PRO B 160 -13.01 -28.25 -35.07
N ALA B 161 -12.50 -28.02 -36.27
CA ALA B 161 -11.71 -29.01 -36.97
C ALA B 161 -10.44 -29.34 -36.18
N VAL B 162 -9.81 -28.31 -35.62
CA VAL B 162 -8.59 -28.51 -34.84
C VAL B 162 -8.93 -29.23 -33.53
N ILE B 163 -10.00 -28.78 -32.87
CA ILE B 163 -10.43 -29.38 -31.62
C ILE B 163 -10.69 -30.87 -31.80
N GLN B 164 -11.27 -31.25 -32.94
CA GLN B 164 -11.58 -32.65 -33.20
C GLN B 164 -10.32 -33.50 -33.30
N GLN B 165 -9.28 -32.96 -33.93
CA GLN B 165 -8.02 -33.70 -34.06
C GLN B 165 -7.35 -33.89 -32.70
N LEU B 166 -7.35 -32.83 -31.90
CA LEU B 166 -6.73 -32.88 -30.59
C LEU B 166 -7.57 -33.67 -29.59
N TYR B 167 -8.89 -33.56 -29.71
CA TYR B 167 -9.79 -34.28 -28.81
C TYR B 167 -10.88 -35.02 -29.56
N PRO B 168 -10.54 -36.17 -30.18
CA PRO B 168 -11.53 -36.95 -30.92
C PRO B 168 -12.67 -37.41 -30.01
N GLU B 169 -12.40 -37.50 -28.72
CA GLU B 169 -13.41 -37.94 -27.76
C GLU B 169 -14.13 -36.77 -27.10
N GLY B 170 -13.80 -35.55 -27.52
CA GLY B 170 -14.46 -34.39 -26.95
C GLY B 170 -13.62 -33.47 -26.09
N PHE B 171 -13.75 -32.17 -26.32
CA PHE B 171 -13.03 -31.15 -25.57
C PHE B 171 -13.62 -31.07 -24.17
N LEU B 172 -12.75 -30.98 -23.16
CA LEU B 172 -13.18 -30.92 -21.77
C LEU B 172 -13.25 -29.52 -21.17
N GLY B 173 -12.66 -28.55 -21.85
CA GLY B 173 -12.68 -27.19 -21.35
C GLY B 173 -11.28 -26.78 -20.88
N TRP B 174 -10.96 -25.50 -20.98
CA TRP B 174 -9.64 -25.00 -20.59
C TRP B 174 -9.35 -25.03 -19.09
N ASP B 175 -10.39 -24.88 -18.28
CA ASP B 175 -10.22 -24.87 -16.83
C ASP B 175 -9.45 -26.09 -16.30
N ILE B 176 -9.74 -27.27 -16.83
CA ILE B 176 -9.06 -28.48 -16.38
C ILE B 176 -7.86 -28.89 -17.24
N GLU B 177 -7.45 -28.01 -18.14
CA GLU B 177 -6.29 -28.30 -18.97
C GLU B 177 -5.02 -27.85 -18.24
N HIS B 178 -4.85 -28.33 -17.01
CA HIS B 178 -3.65 -28.03 -16.24
C HIS B 178 -2.87 -29.34 -16.17
N GLY B 179 -1.74 -29.38 -16.87
CA GLY B 179 -0.92 -30.58 -16.89
C GLY B 179 -1.56 -31.68 -17.71
N GLY B 180 -2.55 -31.31 -18.53
CA GLY B 180 -3.25 -32.28 -19.34
C GLY B 180 -2.73 -32.43 -20.75
N VAL B 181 -3.60 -32.84 -21.65
CA VAL B 181 -3.24 -33.06 -23.05
C VAL B 181 -2.65 -31.84 -23.75
N PHE B 182 -3.28 -30.67 -23.57
CA PHE B 182 -2.83 -29.46 -24.23
C PHE B 182 -1.39 -29.04 -23.87
N GLU B 183 -1.15 -28.78 -22.59
CA GLU B 183 0.19 -28.37 -22.17
C GLU B 183 1.25 -29.43 -22.38
N THR B 184 0.90 -30.68 -22.10
CA THR B 184 1.87 -31.78 -22.25
C THR B 184 2.26 -32.01 -23.71
N SER B 185 1.32 -31.85 -24.64
CA SER B 185 1.62 -32.04 -26.05
C SER B 185 2.58 -30.96 -26.54
N LEU B 186 2.33 -29.71 -26.14
CA LEU B 186 3.20 -28.62 -26.54
C LEU B 186 4.62 -28.86 -26.00
N MET B 187 4.70 -29.33 -24.76
CA MET B 187 5.99 -29.61 -24.14
C MET B 187 6.72 -30.75 -24.86
N LEU B 188 5.96 -31.75 -25.30
CA LEU B 188 6.55 -32.89 -26.01
C LEU B 188 7.16 -32.41 -27.32
N ALA B 189 6.53 -31.42 -27.94
CA ALA B 189 7.00 -30.89 -29.20
C ALA B 189 8.15 -29.88 -29.04
N LEU B 190 8.10 -29.10 -27.97
CA LEU B 190 9.11 -28.06 -27.73
C LEU B 190 10.27 -28.44 -26.81
N TYR B 191 9.96 -29.11 -25.71
CA TYR B 191 10.99 -29.49 -24.75
C TYR B 191 10.76 -30.91 -24.27
N PRO B 192 10.93 -31.90 -25.16
CA PRO B 192 10.73 -33.31 -24.80
C PRO B 192 11.51 -33.82 -23.59
N ASP B 193 12.72 -33.33 -23.38
CA ASP B 193 13.52 -33.77 -22.25
C ASP B 193 12.94 -33.36 -20.90
N LEU B 194 12.01 -32.41 -20.91
CA LEU B 194 11.39 -31.94 -19.67
C LEU B 194 10.07 -32.65 -19.39
N VAL B 195 9.75 -33.64 -20.22
CA VAL B 195 8.52 -34.41 -20.07
C VAL B 195 8.80 -35.91 -20.12
N ASP B 196 8.18 -36.66 -19.22
CA ASP B 196 8.31 -38.11 -19.18
C ASP B 196 6.90 -38.66 -19.16
N LEU B 197 6.31 -38.84 -20.34
CA LEU B 197 4.94 -39.33 -20.45
C LEU B 197 4.71 -40.64 -19.71
N ASP B 198 5.77 -41.40 -19.47
CA ASP B 198 5.64 -42.67 -18.76
C ASP B 198 5.23 -42.44 -17.31
N ARG B 199 5.49 -41.24 -16.81
CA ARG B 199 5.16 -40.91 -15.43
C ARG B 199 3.75 -40.35 -15.27
N VAL B 200 3.04 -40.14 -16.37
CA VAL B 200 1.68 -39.62 -16.31
C VAL B 200 0.79 -40.51 -15.46
N VAL B 201 0.09 -39.90 -14.51
CA VAL B 201 -0.82 -40.65 -13.65
C VAL B 201 -2.21 -40.47 -14.21
N ASP B 202 -2.70 -41.49 -14.89
CA ASP B 202 -4.02 -41.45 -15.50
C ASP B 202 -5.10 -41.36 -14.41
N HIS B 203 -6.06 -40.48 -14.63
CA HIS B 203 -7.16 -40.30 -13.70
C HIS B 203 -8.30 -39.62 -14.44
N PRO B 204 -9.54 -39.79 -13.96
CA PRO B 204 -10.71 -39.17 -14.60
C PRO B 204 -10.62 -37.64 -14.55
N PRO B 205 -11.19 -36.95 -15.55
CA PRO B 205 -11.14 -35.48 -15.57
C PRO B 205 -11.72 -34.92 -14.27
N ALA B 206 -11.00 -34.00 -13.65
CA ALA B 206 -11.44 -33.40 -12.40
C ALA B 206 -12.79 -32.70 -12.50
N THR B 207 -13.59 -32.82 -11.45
CA THR B 207 -14.90 -32.19 -11.39
C THR B 207 -15.05 -31.59 -10.00
N PHE B 208 -15.77 -30.47 -9.90
CA PHE B 208 -15.98 -29.81 -8.61
C PHE B 208 -17.40 -29.28 -8.53
N PRO B 209 -17.87 -29.00 -7.30
CA PRO B 209 -19.23 -28.46 -7.14
C PRO B 209 -19.20 -27.01 -7.61
N PRO B 210 -20.36 -26.34 -7.69
CA PRO B 210 -20.47 -24.95 -8.14
C PRO B 210 -19.98 -23.89 -7.15
N TYR B 211 -18.98 -24.23 -6.34
CA TYR B 211 -18.46 -23.28 -5.37
C TYR B 211 -17.04 -23.64 -4.97
N ASP B 212 -16.40 -22.76 -4.21
CA ASP B 212 -15.04 -23.01 -3.75
C ASP B 212 -14.93 -22.93 -2.25
N VAL B 213 -13.99 -23.69 -1.70
CA VAL B 213 -13.77 -23.73 -0.26
C VAL B 213 -12.33 -23.35 0.11
N PHE B 214 -12.21 -22.51 1.13
CA PHE B 214 -10.92 -22.06 1.65
C PHE B 214 -10.99 -22.20 3.17
N PRO B 215 -9.92 -22.72 3.80
CA PRO B 215 -8.66 -23.20 3.23
C PRO B 215 -8.91 -24.29 2.21
N VAL B 216 -8.11 -24.30 1.14
CA VAL B 216 -8.24 -25.30 0.10
C VAL B 216 -8.12 -26.71 0.66
N ASP B 217 -9.07 -27.56 0.29
CA ASP B 217 -9.09 -28.95 0.74
C ASP B 217 -8.32 -29.82 -0.26
N PRO B 218 -7.10 -30.26 0.10
CA PRO B 218 -6.25 -31.09 -0.76
C PRO B 218 -6.97 -32.30 -1.34
N ALA B 219 -7.94 -32.83 -0.60
CA ALA B 219 -8.68 -34.01 -1.03
C ALA B 219 -9.48 -33.81 -2.31
N ARG B 220 -9.85 -32.58 -2.59
CA ARG B 220 -10.66 -32.26 -3.78
C ARG B 220 -9.86 -32.10 -5.07
N THR B 221 -8.55 -32.28 -5.00
CA THR B 221 -7.69 -32.18 -6.18
C THR B 221 -7.07 -33.55 -6.45
N PRO B 222 -7.01 -33.98 -7.72
CA PRO B 222 -6.40 -35.29 -8.00
C PRO B 222 -5.00 -35.34 -7.39
N ALA B 223 -4.67 -36.46 -6.77
CA ALA B 223 -3.37 -36.64 -6.12
C ALA B 223 -2.15 -36.13 -6.89
N PRO B 224 -2.07 -36.42 -8.21
CA PRO B 224 -0.94 -35.99 -9.03
C PRO B 224 -0.81 -34.46 -9.18
N GLY B 225 -1.91 -33.74 -9.00
CA GLY B 225 -1.88 -32.30 -9.12
C GLY B 225 -2.47 -31.84 -10.45
N THR B 226 -2.58 -32.76 -11.39
CA THR B 226 -3.14 -32.47 -12.71
C THR B 226 -4.66 -32.48 -12.61
N LEU B 227 -5.32 -31.77 -13.52
CA LEU B 227 -6.79 -31.71 -13.52
C LEU B 227 -7.38 -32.58 -14.61
N SER B 228 -6.52 -33.13 -15.47
CA SER B 228 -6.94 -34.02 -16.56
C SER B 228 -5.72 -34.83 -17.02
N SER B 229 -5.95 -36.04 -17.50
CA SER B 229 -4.87 -36.91 -17.93
C SER B 229 -4.24 -36.55 -19.26
N ALA B 230 -2.91 -36.62 -19.31
CA ALA B 230 -2.16 -36.31 -20.52
C ALA B 230 -1.75 -37.62 -21.22
N LYS B 231 -2.35 -38.73 -20.81
CA LYS B 231 -2.03 -40.02 -21.41
C LYS B 231 -2.02 -40.01 -22.93
N THR B 232 -2.95 -39.28 -23.54
CA THR B 232 -3.01 -39.22 -25.00
C THR B 232 -2.21 -38.07 -25.62
N ALA B 233 -1.48 -37.33 -24.79
CA ALA B 233 -0.68 -36.22 -25.28
C ALA B 233 0.36 -36.75 -26.26
N SER B 234 0.74 -35.94 -27.25
CA SER B 234 1.73 -36.38 -28.22
C SER B 234 2.43 -35.20 -28.88
N ARG B 235 3.60 -35.47 -29.43
CA ARG B 235 4.39 -34.45 -30.11
C ARG B 235 3.61 -33.97 -31.33
N GLU B 236 2.87 -34.88 -31.95
CA GLU B 236 2.07 -34.55 -33.12
C GLU B 236 1.02 -33.50 -32.77
N LYS B 237 0.29 -33.76 -31.68
CA LYS B 237 -0.73 -32.82 -31.24
C LYS B 237 -0.07 -31.49 -30.86
N GLY B 238 1.14 -31.58 -30.32
CA GLY B 238 1.85 -30.38 -29.91
C GLY B 238 2.22 -29.51 -31.11
N GLU B 239 2.66 -30.14 -32.19
CA GLU B 239 3.03 -29.41 -33.39
C GLU B 239 1.81 -28.72 -33.99
N LEU B 240 0.66 -29.38 -33.91
CA LEU B 240 -0.58 -28.81 -34.44
C LEU B 240 -0.96 -27.57 -33.63
N ILE B 241 -1.04 -27.73 -32.31
CA ILE B 241 -1.37 -26.63 -31.41
C ILE B 241 -0.45 -25.44 -31.65
N LEU B 242 0.85 -25.70 -31.73
CA LEU B 242 1.82 -24.64 -31.94
C LEU B 242 1.56 -23.83 -33.21
N GLU B 243 1.39 -24.49 -34.34
CA GLU B 243 1.14 -23.77 -35.59
C GLU B 243 -0.15 -22.97 -35.54
N VAL B 244 -1.19 -23.55 -34.95
CA VAL B 244 -2.48 -22.88 -34.83
C VAL B 244 -2.38 -21.61 -33.99
N CYS B 245 -1.70 -21.70 -32.85
CA CYS B 245 -1.53 -20.55 -31.97
C CYS B 245 -0.70 -19.45 -32.61
N VAL B 246 0.47 -19.83 -33.11
CA VAL B 246 1.36 -18.87 -33.75
C VAL B 246 0.67 -18.14 -34.89
N GLN B 247 0.02 -18.90 -35.77
CA GLN B 247 -0.67 -18.31 -36.91
C GLN B 247 -1.79 -17.38 -36.45
N GLY B 248 -2.66 -17.90 -35.58
CA GLY B 248 -3.77 -17.10 -35.08
C GLY B 248 -3.34 -15.83 -34.38
N ILE B 249 -2.36 -15.94 -33.49
CA ILE B 249 -1.88 -14.78 -32.75
C ILE B 249 -1.17 -13.80 -33.66
N ALA B 250 -0.39 -14.30 -34.62
CA ALA B 250 0.31 -13.42 -35.56
C ALA B 250 -0.72 -12.59 -36.33
N ASP B 251 -1.79 -13.24 -36.77
CA ASP B 251 -2.83 -12.55 -37.52
C ASP B 251 -3.52 -11.51 -36.64
N ALA B 252 -3.87 -11.90 -35.42
CA ALA B 252 -4.54 -11.01 -34.48
C ALA B 252 -3.71 -9.75 -34.24
N ILE B 253 -2.41 -9.94 -34.00
CA ILE B 253 -1.53 -8.80 -33.75
C ILE B 253 -1.42 -7.89 -34.97
N ARG B 254 -1.28 -8.48 -36.15
CA ARG B 254 -1.20 -7.66 -37.37
C ARG B 254 -2.49 -6.88 -37.52
N GLU B 255 -3.58 -7.47 -37.05
CA GLU B 255 -4.90 -6.83 -37.13
C GLU B 255 -5.00 -5.62 -36.20
N GLU B 256 -4.59 -5.80 -34.94
CA GLU B 256 -4.66 -4.73 -33.95
C GLU B 256 -3.52 -3.72 -34.05
N PHE B 257 -2.36 -4.17 -34.52
CA PHE B 257 -1.20 -3.30 -34.66
C PHE B 257 -0.64 -3.36 -36.08
N PRO B 258 -1.36 -2.76 -37.04
CA PRO B 258 -0.86 -2.80 -38.42
C PRO B 258 0.22 -1.74 -38.67
N PRO B 259 0.99 -1.90 -39.77
CA PRO B 259 2.05 -0.95 -40.12
C PRO B 259 1.52 0.47 -40.34
N SER C 4 18.99 -31.89 -13.37
CA SER C 4 19.02 -30.40 -13.44
C SER C 4 19.12 -29.78 -12.05
N VAL C 5 19.75 -28.61 -11.97
CA VAL C 5 19.86 -27.93 -10.69
C VAL C 5 18.82 -26.81 -10.62
N PHE C 6 18.01 -26.67 -11.68
CA PHE C 6 16.98 -25.65 -11.74
C PHE C 6 15.61 -26.14 -11.28
N VAL C 7 15.07 -25.48 -10.25
CA VAL C 7 13.77 -25.84 -9.70
C VAL C 7 12.71 -25.88 -10.80
N GLY C 8 12.78 -24.93 -11.73
CA GLY C 8 11.81 -24.88 -12.81
C GLY C 8 11.85 -26.09 -13.72
N GLU C 9 12.98 -26.80 -13.72
CA GLU C 9 13.10 -27.98 -14.57
C GLU C 9 12.83 -29.29 -13.83
N LEU C 10 12.39 -29.18 -12.58
CA LEU C 10 12.06 -30.36 -11.77
C LEU C 10 10.55 -30.53 -11.68
N THR C 11 10.10 -31.73 -11.34
CA THR C 11 8.67 -31.99 -11.16
C THR C 11 8.45 -31.62 -9.71
N TRP C 12 7.20 -31.38 -9.30
CA TRP C 12 6.97 -31.01 -7.91
C TRP C 12 7.36 -32.13 -6.95
N LYS C 13 7.28 -33.37 -7.42
CA LYS C 13 7.65 -34.52 -6.59
C LYS C 13 9.16 -34.54 -6.36
N GLU C 14 9.93 -34.25 -7.40
CA GLU C 14 11.38 -34.23 -7.31
C GLU C 14 11.82 -33.10 -6.36
N TYR C 15 11.15 -31.96 -6.45
CA TYR C 15 11.44 -30.81 -5.60
C TYR C 15 11.10 -31.14 -4.15
N GLU C 16 9.92 -31.71 -3.95
CA GLU C 16 9.46 -32.08 -2.62
C GLU C 16 10.48 -33.01 -1.96
N ALA C 17 10.97 -33.96 -2.74
CA ALA C 17 11.94 -34.93 -2.26
C ALA C 17 13.25 -34.25 -1.81
N ARG C 18 13.72 -33.29 -2.59
CA ARG C 18 14.95 -32.58 -2.24
C ARG C 18 14.80 -31.78 -0.96
N VAL C 19 13.65 -31.15 -0.78
CA VAL C 19 13.42 -30.37 0.43
C VAL C 19 13.26 -31.31 1.62
N ALA C 20 12.69 -32.49 1.37
CA ALA C 20 12.48 -33.47 2.43
C ALA C 20 13.81 -33.94 3.01
N ALA C 21 14.88 -33.81 2.23
CA ALA C 21 16.22 -34.21 2.67
C ALA C 21 16.62 -33.46 3.93
N GLY C 22 16.02 -32.29 4.15
CA GLY C 22 16.30 -31.52 5.35
C GLY C 22 17.31 -30.39 5.32
N ASP C 23 18.31 -30.47 4.45
CA ASP C 23 19.33 -29.42 4.38
C ASP C 23 19.42 -28.82 2.99
N CYS C 24 18.30 -28.80 2.28
CA CYS C 24 18.29 -28.27 0.92
C CYS C 24 18.55 -26.76 0.88
N VAL C 25 19.49 -26.36 0.03
CA VAL C 25 19.84 -24.95 -0.13
C VAL C 25 19.25 -24.47 -1.46
N LEU C 26 18.46 -23.40 -1.40
CA LEU C 26 17.86 -22.82 -2.60
C LEU C 26 18.58 -21.53 -2.95
N MET C 27 18.73 -21.25 -4.24
CA MET C 27 19.41 -20.04 -4.68
C MET C 27 18.52 -19.22 -5.61
N LEU C 28 18.47 -17.91 -5.40
CA LEU C 28 17.65 -17.04 -6.22
C LEU C 28 18.42 -15.90 -6.86
N PRO C 29 18.60 -15.94 -8.20
CA PRO C 29 19.33 -14.85 -8.84
C PRO C 29 18.40 -13.64 -8.98
N VAL C 30 18.94 -12.45 -8.74
CA VAL C 30 18.15 -11.22 -8.83
C VAL C 30 18.87 -10.26 -9.76
N GLY C 31 18.29 -10.02 -10.93
CA GLY C 31 18.94 -9.14 -11.88
C GLY C 31 18.18 -7.89 -12.28
N ALA C 32 18.19 -7.61 -13.58
CA ALA C 32 17.53 -6.43 -14.13
C ALA C 32 17.61 -6.46 -15.65
N LEU C 33 16.81 -5.61 -16.29
CA LEU C 33 16.84 -5.45 -17.74
C LEU C 33 17.35 -4.03 -17.81
N GLU C 34 18.61 -3.88 -18.23
CA GLU C 34 19.24 -2.58 -18.22
C GLU C 34 20.28 -2.39 -19.33
N GLN C 35 20.39 -1.16 -19.81
CA GLN C 35 21.36 -0.85 -20.87
C GLN C 35 22.77 -1.17 -20.39
N HIS C 36 23.59 -1.70 -21.29
CA HIS C 36 24.97 -2.03 -20.98
C HIS C 36 25.91 -1.58 -22.11
N GLY C 37 25.76 -0.34 -22.56
CA GLY C 37 26.62 0.17 -23.61
C GLY C 37 26.22 -0.24 -25.01
N HIS C 38 27.08 0.10 -25.98
CA HIS C 38 26.83 -0.21 -27.39
C HIS C 38 27.30 -1.61 -27.78
N HIS C 39 28.12 -2.22 -26.94
CA HIS C 39 28.71 -3.52 -27.24
C HIS C 39 28.10 -4.75 -26.57
N MET C 40 27.13 -4.57 -25.68
CA MET C 40 26.59 -5.70 -24.95
C MET C 40 25.07 -5.63 -24.80
N CYS C 41 24.43 -6.80 -24.65
CA CYS C 41 22.97 -6.86 -24.51
C CYS C 41 22.50 -6.36 -23.16
N MET C 42 21.17 -6.30 -22.97
CA MET C 42 20.60 -5.76 -21.73
C MET C 42 20.21 -6.70 -20.59
N ASN C 43 20.27 -8.01 -20.79
CA ASN C 43 19.89 -8.94 -19.72
C ASN C 43 21.09 -9.47 -18.96
N VAL C 44 22.22 -8.77 -19.10
CA VAL C 44 23.46 -9.16 -18.42
C VAL C 44 23.28 -9.45 -16.93
N ASP C 45 22.59 -8.56 -16.23
CA ASP C 45 22.40 -8.73 -14.80
C ASP C 45 21.62 -9.94 -14.36
N VAL C 46 20.92 -10.59 -15.30
CA VAL C 46 20.19 -11.81 -14.99
C VAL C 46 21.10 -12.98 -15.39
N LEU C 47 21.61 -12.94 -16.61
CA LEU C 47 22.47 -14.00 -17.14
C LEU C 47 23.67 -14.37 -16.27
N LEU C 48 24.39 -13.35 -15.81
CA LEU C 48 25.59 -13.60 -15.02
C LEU C 48 25.34 -14.27 -13.66
N PRO C 49 24.48 -13.68 -12.81
CA PRO C 49 24.28 -14.37 -11.52
C PRO C 49 23.63 -15.74 -11.71
N THR C 50 22.85 -15.90 -12.78
CA THR C 50 22.22 -17.19 -13.04
C THR C 50 23.29 -18.22 -13.40
N ALA C 51 24.23 -17.83 -14.24
CA ALA C 51 25.31 -18.73 -14.65
C ALA C 51 26.16 -19.13 -13.44
N VAL C 52 26.41 -18.17 -12.56
CA VAL C 52 27.20 -18.43 -11.36
C VAL C 52 26.43 -19.35 -10.43
N CYS C 53 25.15 -19.06 -10.23
CA CYS C 53 24.31 -19.90 -9.36
C CYS C 53 24.32 -21.35 -9.86
N LYS C 54 24.17 -21.52 -11.17
CA LYS C 54 24.14 -22.85 -11.77
C LYS C 54 25.39 -23.65 -11.44
N ARG C 55 26.54 -23.01 -11.60
CA ARG C 55 27.82 -23.66 -11.34
C ARG C 55 28.05 -23.97 -9.87
N VAL C 56 27.63 -23.05 -9.00
CA VAL C 56 27.78 -23.26 -7.57
C VAL C 56 26.84 -24.39 -7.15
N ALA C 57 25.61 -24.35 -7.65
CA ALA C 57 24.61 -25.37 -7.33
C ALA C 57 25.09 -26.76 -7.73
N GLU C 58 25.73 -26.86 -8.89
CA GLU C 58 26.24 -28.13 -9.37
C GLU C 58 27.32 -28.65 -8.42
N ARG C 59 28.14 -27.75 -7.89
CA ARG C 59 29.21 -28.14 -6.98
C ARG C 59 28.76 -28.53 -5.58
N ILE C 60 27.79 -27.79 -5.05
CA ILE C 60 27.34 -28.04 -3.68
C ILE C 60 26.02 -28.78 -3.53
N GLY C 61 25.39 -29.16 -4.63
CA GLY C 61 24.13 -29.87 -4.55
C GLY C 61 22.94 -29.01 -4.14
N ALA C 62 22.93 -27.77 -4.63
CA ALA C 62 21.84 -26.85 -4.33
C ALA C 62 20.92 -26.75 -5.54
N LEU C 63 19.81 -26.02 -5.37
CA LEU C 63 18.84 -25.83 -6.46
C LEU C 63 18.66 -24.35 -6.73
N VAL C 64 18.43 -24.02 -8.00
CA VAL C 64 18.28 -22.63 -8.42
C VAL C 64 16.85 -22.28 -8.84
N MET C 65 16.32 -21.23 -8.24
CA MET C 65 14.97 -20.74 -8.53
C MET C 65 14.98 -19.82 -9.76
N PRO C 66 13.82 -19.64 -10.41
CA PRO C 66 13.76 -18.76 -11.58
C PRO C 66 14.21 -17.37 -11.11
N GLY C 67 15.01 -16.69 -11.92
CA GLY C 67 15.51 -15.40 -11.50
C GLY C 67 14.58 -14.21 -11.67
N LEU C 68 14.81 -13.17 -10.89
CA LEU C 68 14.02 -11.95 -11.01
C LEU C 68 14.64 -11.22 -12.20
N GLN C 69 13.82 -11.03 -13.23
CA GLN C 69 14.23 -10.42 -14.49
C GLN C 69 14.30 -8.89 -14.46
N TYR C 70 13.50 -8.28 -13.61
CA TYR C 70 13.47 -6.83 -13.51
C TYR C 70 13.86 -6.41 -12.10
N GLY C 71 14.71 -5.39 -12.02
CA GLY C 71 15.19 -4.91 -10.73
C GLY C 71 14.91 -3.43 -10.50
N TYR C 72 15.52 -2.88 -9.46
CA TYR C 72 15.30 -1.47 -9.12
C TYR C 72 15.91 -0.48 -10.12
N LYS C 73 15.36 0.72 -10.10
CA LYS C 73 15.77 1.81 -10.97
C LYS C 73 17.28 2.03 -11.03
N SER C 74 17.79 2.15 -12.24
CA SER C 74 19.21 2.36 -12.48
C SER C 74 19.61 3.73 -11.94
N GLN C 75 20.73 3.79 -11.21
CA GLN C 75 21.22 5.05 -10.66
C GLN C 75 22.46 5.48 -11.44
N GLN C 76 22.56 6.78 -11.71
CA GLN C 76 23.67 7.30 -12.48
C GLN C 76 25.07 6.81 -12.09
N LYS C 77 25.41 6.93 -10.81
CA LYS C 77 26.74 6.52 -10.36
C LYS C 77 27.05 5.03 -10.38
N SER C 78 26.06 4.19 -10.62
CA SER C 78 26.30 2.75 -10.63
C SER C 78 25.80 2.00 -11.85
N GLY C 79 24.83 2.58 -12.56
CA GLY C 79 24.30 1.92 -13.74
C GLY C 79 24.03 2.85 -14.90
N GLY C 80 24.47 4.09 -14.78
CA GLY C 80 24.26 5.05 -15.85
C GLY C 80 23.07 5.96 -15.68
N GLY C 81 21.97 5.43 -15.15
CA GLY C 81 20.78 6.24 -14.95
C GLY C 81 19.56 5.60 -15.57
N ASN C 82 18.40 5.84 -14.98
CA ASN C 82 17.16 5.24 -15.47
C ASN C 82 16.51 5.99 -16.63
N HIS C 83 17.24 6.94 -17.21
CA HIS C 83 16.70 7.71 -18.33
C HIS C 83 16.97 7.03 -19.67
N PHE C 84 17.86 6.05 -19.68
CA PHE C 84 18.20 5.33 -20.90
C PHE C 84 17.03 4.48 -21.41
N PRO C 85 16.98 4.28 -22.74
CA PRO C 85 15.91 3.47 -23.34
C PRO C 85 16.29 2.03 -23.01
N GLY C 86 15.35 1.10 -23.12
CA GLY C 86 15.66 -0.29 -22.83
C GLY C 86 15.58 -0.67 -21.37
N THR C 87 16.28 0.09 -20.52
CA THR C 87 16.26 -0.17 -19.08
C THR C 87 14.80 -0.14 -18.62
N THR C 88 14.35 -1.23 -18.01
CA THR C 88 12.97 -1.37 -17.54
C THR C 88 13.01 -1.71 -16.06
N SER C 89 12.74 -0.70 -15.23
CA SER C 89 12.82 -0.83 -13.78
C SER C 89 11.52 -0.88 -12.98
N LEU C 90 11.61 -1.57 -11.84
CA LEU C 90 10.49 -1.70 -10.92
C LEU C 90 10.60 -0.66 -9.80
N ASP C 91 9.48 -0.36 -9.17
CA ASP C 91 9.48 0.55 -8.04
C ASP C 91 10.04 -0.28 -6.89
N GLY C 92 10.57 0.40 -5.86
CA GLY C 92 11.11 -0.32 -4.73
C GLY C 92 10.12 -1.25 -4.03
N ALA C 93 8.90 -0.78 -3.85
CA ALA C 93 7.87 -1.59 -3.18
C ALA C 93 7.59 -2.88 -3.96
N THR C 94 7.65 -2.80 -5.29
CA THR C 94 7.38 -3.95 -6.13
C THR C 94 8.47 -5.02 -5.99
N LEU C 95 9.74 -4.60 -6.03
CA LEU C 95 10.84 -5.54 -5.89
C LEU C 95 10.83 -6.14 -4.49
N THR C 96 10.64 -5.28 -3.48
CA THR C 96 10.60 -5.75 -2.10
C THR C 96 9.48 -6.78 -1.90
N GLY C 97 8.30 -6.48 -2.45
CA GLY C 97 7.18 -7.39 -2.33
C GLY C 97 7.40 -8.72 -3.02
N THR C 98 8.15 -8.71 -4.13
CA THR C 98 8.43 -9.94 -4.85
C THR C 98 9.32 -10.85 -4.00
N VAL C 99 10.37 -10.28 -3.42
CA VAL C 99 11.28 -11.04 -2.58
C VAL C 99 10.51 -11.60 -1.37
N GLN C 100 9.67 -10.76 -0.79
CA GLN C 100 8.87 -11.14 0.37
C GLN C 100 7.93 -12.32 0.05
N ASP C 101 7.25 -12.25 -1.09
CA ASP C 101 6.32 -13.32 -1.48
C ASP C 101 7.05 -14.64 -1.72
N ILE C 102 8.20 -14.58 -2.37
CA ILE C 102 8.95 -15.79 -2.67
C ILE C 102 9.44 -16.48 -1.39
N ILE C 103 9.96 -15.70 -0.44
CA ILE C 103 10.42 -16.28 0.83
C ILE C 103 9.25 -16.91 1.57
N ARG C 104 8.11 -16.22 1.60
CA ARG C 104 6.92 -16.77 2.26
C ARG C 104 6.55 -18.14 1.69
N GLU C 105 6.60 -18.25 0.37
CA GLU C 105 6.26 -19.51 -0.30
C GLU C 105 7.28 -20.60 -0.08
N LEU C 106 8.57 -20.26 -0.12
CA LEU C 106 9.61 -21.26 0.12
C LEU C 106 9.46 -21.82 1.53
N ALA C 107 9.14 -20.95 2.48
CA ALA C 107 8.95 -21.38 3.88
C ALA C 107 7.78 -22.36 3.95
N ARG C 108 6.73 -22.07 3.16
CA ARG C 108 5.56 -22.93 3.13
C ARG C 108 5.96 -24.32 2.65
N HIS C 109 6.87 -24.37 1.68
CA HIS C 109 7.35 -25.64 1.14
C HIS C 109 8.12 -26.43 2.20
N GLY C 110 8.69 -25.72 3.15
CA GLY C 110 9.46 -26.38 4.19
C GLY C 110 10.94 -26.04 4.07
N ALA C 111 11.27 -25.28 3.03
CA ALA C 111 12.66 -24.86 2.82
C ALA C 111 13.03 -23.89 3.93
N ARG C 112 14.31 -23.87 4.31
CA ARG C 112 14.75 -23.00 5.40
C ARG C 112 16.13 -22.38 5.13
N ARG C 113 16.65 -22.60 3.92
CA ARG C 113 17.96 -22.08 3.55
C ARG C 113 17.88 -21.42 2.18
N LEU C 114 18.13 -20.12 2.13
CA LEU C 114 18.06 -19.39 0.86
C LEU C 114 19.25 -18.47 0.63
N VAL C 115 19.75 -18.48 -0.60
CA VAL C 115 20.85 -17.64 -0.99
C VAL C 115 20.35 -16.74 -2.11
N LEU C 116 20.37 -15.43 -1.89
CA LEU C 116 19.96 -14.51 -2.94
C LEU C 116 21.22 -13.97 -3.56
N MET C 117 21.40 -14.20 -4.86
CA MET C 117 22.58 -13.71 -5.53
C MET C 117 22.20 -12.53 -6.42
N ASN C 118 22.56 -11.35 -5.95
CA ASN C 118 22.26 -10.11 -6.66
C ASN C 118 23.24 -9.90 -7.82
N GLY C 119 22.73 -9.43 -8.95
CA GLY C 119 23.57 -9.19 -10.11
C GLY C 119 23.43 -7.75 -10.59
N HIS C 120 22.56 -7.00 -9.93
CA HIS C 120 22.29 -5.59 -10.25
C HIS C 120 22.49 -4.78 -8.98
N TYR C 121 23.57 -4.02 -8.96
CA TYR C 121 23.98 -3.17 -7.84
C TYR C 121 22.84 -2.51 -7.05
N GLU C 122 21.97 -1.80 -7.75
CA GLU C 122 20.85 -1.08 -7.15
C GLU C 122 19.77 -1.89 -6.41
N ASN C 123 19.72 -3.21 -6.61
CA ASN C 123 18.71 -4.05 -5.95
C ASN C 123 18.92 -4.23 -4.45
N SER C 124 20.17 -4.17 -4.03
CA SER C 124 20.55 -4.43 -2.64
C SER C 124 19.62 -4.08 -1.47
N MET C 125 19.33 -2.80 -1.27
CA MET C 125 18.51 -2.41 -0.13
C MET C 125 17.06 -2.89 -0.21
N PHE C 126 16.55 -3.09 -1.41
CA PHE C 126 15.18 -3.55 -1.55
C PHE C 126 15.10 -5.05 -1.30
N ILE C 127 16.20 -5.74 -1.60
CA ILE C 127 16.26 -7.17 -1.33
C ILE C 127 16.29 -7.25 0.20
N VAL C 128 17.10 -6.40 0.82
CA VAL C 128 17.22 -6.38 2.28
C VAL C 128 15.86 -6.17 2.97
N GLU C 129 15.07 -5.22 2.48
CA GLU C 129 13.77 -4.95 3.08
C GLU C 129 12.82 -6.12 2.85
N GLY C 130 12.88 -6.73 1.66
CA GLY C 130 12.02 -7.86 1.38
C GLY C 130 12.30 -9.00 2.36
N ILE C 131 13.59 -9.24 2.61
CA ILE C 131 13.99 -10.29 3.54
C ILE C 131 13.46 -10.00 4.95
N ASP C 132 13.63 -8.75 5.41
CA ASP C 132 13.18 -8.39 6.75
C ASP C 132 11.67 -8.56 6.93
N LEU C 133 10.90 -8.09 5.95
CA LEU C 133 9.45 -8.19 6.05
C LEU C 133 8.98 -9.65 6.05
N ALA C 134 9.66 -10.49 5.26
CA ALA C 134 9.30 -11.91 5.19
C ALA C 134 9.64 -12.61 6.50
N LEU C 135 10.81 -12.31 7.06
CA LEU C 135 11.21 -12.94 8.32
C LEU C 135 10.28 -12.48 9.45
N ARG C 136 9.84 -11.23 9.38
CA ARG C 136 8.92 -10.69 10.38
C ARG C 136 7.65 -11.52 10.39
N GLU C 137 7.12 -11.80 9.20
CA GLU C 137 5.90 -12.60 9.08
C GLU C 137 6.12 -14.03 9.53
N LEU C 138 7.28 -14.59 9.21
CA LEU C 138 7.56 -15.96 9.62
C LEU C 138 7.56 -16.06 11.14
N ARG C 139 8.09 -15.03 11.80
CA ARG C 139 8.11 -15.02 13.25
C ARG C 139 6.68 -14.98 13.82
N TYR C 140 5.75 -14.34 13.09
CA TYR C 140 4.36 -14.27 13.53
C TYR C 140 3.78 -15.68 13.60
N ALA C 141 4.35 -16.58 12.80
CA ALA C 141 3.89 -17.96 12.75
C ALA C 141 4.79 -18.88 13.57
N GLY C 142 5.65 -18.30 14.39
CA GLY C 142 6.54 -19.09 15.23
C GLY C 142 7.71 -19.70 14.48
N ILE C 143 7.91 -19.32 13.23
CA ILE C 143 9.02 -19.84 12.44
C ILE C 143 10.24 -18.92 12.57
N GLN C 144 11.30 -19.44 13.18
CA GLN C 144 12.51 -18.65 13.34
C GLN C 144 13.76 -19.35 12.81
N ASP C 145 13.57 -20.49 12.16
CA ASP C 145 14.72 -21.22 11.62
C ASP C 145 14.98 -21.00 10.12
N PHE C 146 14.35 -19.98 9.53
CA PHE C 146 14.59 -19.70 8.12
C PHE C 146 15.80 -18.76 8.05
N LYS C 147 16.83 -19.19 7.34
CA LYS C 147 18.04 -18.40 7.23
C LYS C 147 18.31 -17.95 5.79
N VAL C 148 18.76 -16.71 5.64
CA VAL C 148 19.03 -16.16 4.33
C VAL C 148 20.44 -15.58 4.21
N VAL C 149 21.08 -15.87 3.10
CA VAL C 149 22.41 -15.34 2.81
C VAL C 149 22.23 -14.50 1.54
N VAL C 150 22.62 -13.24 1.60
CA VAL C 150 22.50 -12.36 0.45
C VAL C 150 23.90 -11.90 0.03
N LEU C 151 24.16 -11.89 -1.27
CA LEU C 151 25.46 -11.50 -1.77
C LEU C 151 25.43 -11.06 -3.23
N SER C 152 26.39 -10.23 -3.62
CA SER C 152 26.54 -9.79 -4.99
C SER C 152 27.80 -10.55 -5.41
N TYR C 153 27.68 -11.37 -6.43
CA TYR C 153 28.79 -12.20 -6.86
C TYR C 153 30.16 -11.54 -7.05
N TRP C 154 30.19 -10.28 -7.47
CA TRP C 154 31.47 -9.61 -7.68
C TRP C 154 32.29 -9.37 -6.41
N ASP C 155 31.64 -9.40 -5.25
CA ASP C 155 32.35 -9.19 -3.99
C ASP C 155 33.30 -10.34 -3.66
N PHE C 156 33.23 -11.42 -4.42
CA PHE C 156 34.10 -12.56 -4.18
C PHE C 156 35.36 -12.53 -5.03
N VAL C 157 35.55 -11.42 -5.74
CA VAL C 157 36.73 -11.23 -6.58
C VAL C 157 37.51 -10.09 -5.90
N LYS C 158 38.12 -10.40 -4.75
CA LYS C 158 38.87 -9.40 -4.00
C LYS C 158 40.33 -9.77 -3.76
N ASP C 159 40.69 -11.02 -4.01
CA ASP C 159 42.06 -11.45 -3.80
C ASP C 159 43.01 -10.60 -4.65
N PRO C 160 43.94 -9.89 -3.99
CA PRO C 160 44.92 -9.02 -4.65
C PRO C 160 45.59 -9.64 -5.87
N ALA C 161 45.97 -10.90 -5.78
CA ALA C 161 46.62 -11.60 -6.88
C ALA C 161 45.69 -11.71 -8.09
N VAL C 162 44.41 -11.98 -7.82
CA VAL C 162 43.43 -12.10 -8.89
C VAL C 162 43.19 -10.74 -9.54
N ILE C 163 42.93 -9.72 -8.72
CA ILE C 163 42.71 -8.37 -9.23
C ILE C 163 43.91 -7.94 -10.07
N GLN C 164 45.09 -8.23 -9.56
CA GLN C 164 46.33 -7.89 -10.24
C GLN C 164 46.37 -8.51 -11.64
N GLN C 165 46.00 -9.78 -11.73
CA GLN C 165 46.01 -10.48 -13.01
C GLN C 165 44.93 -9.97 -13.97
N LEU C 166 43.76 -9.63 -13.41
CA LEU C 166 42.65 -9.12 -14.21
C LEU C 166 42.85 -7.67 -14.66
N TYR C 167 43.49 -6.87 -13.81
CA TYR C 167 43.74 -5.46 -14.11
C TYR C 167 45.22 -5.12 -13.97
N PRO C 168 46.04 -5.52 -14.94
CA PRO C 168 47.47 -5.20 -14.84
C PRO C 168 47.77 -3.70 -14.83
N GLU C 169 46.72 -2.88 -14.85
CA GLU C 169 46.87 -1.42 -14.82
C GLU C 169 46.31 -0.85 -13.52
N GLY C 170 45.38 -1.58 -12.90
CA GLY C 170 44.82 -1.10 -11.65
C GLY C 170 43.31 -1.16 -11.55
N PHE C 171 42.83 -1.74 -10.46
CA PHE C 171 41.40 -1.85 -10.21
C PHE C 171 40.91 -0.49 -9.76
N LEU C 172 39.73 -0.07 -10.24
CA LEU C 172 39.21 1.23 -9.85
C LEU C 172 37.82 1.15 -9.21
N GLY C 173 37.54 0.05 -8.52
CA GLY C 173 36.27 -0.10 -7.85
C GLY C 173 35.15 -0.72 -8.65
N TRP C 174 34.18 -1.29 -7.93
CA TRP C 174 33.02 -1.93 -8.54
C TRP C 174 31.97 -0.94 -9.02
N ASP C 175 32.05 0.28 -8.49
CA ASP C 175 31.09 1.33 -8.84
C ASP C 175 31.07 1.57 -10.35
N ILE C 176 32.23 1.86 -10.93
CA ILE C 176 32.33 2.12 -12.37
C ILE C 176 32.37 0.84 -13.20
N GLU C 177 32.18 -0.31 -12.56
CA GLU C 177 32.19 -1.57 -13.29
C GLU C 177 30.82 -1.91 -13.86
N HIS C 178 30.23 -0.97 -14.59
CA HIS C 178 28.96 -1.18 -15.24
C HIS C 178 29.25 -1.21 -16.74
N GLY C 179 29.14 -2.39 -17.34
CA GLY C 179 29.41 -2.52 -18.76
C GLY C 179 30.89 -2.41 -19.06
N GLY C 180 31.72 -2.56 -18.03
CA GLY C 180 33.15 -2.47 -18.21
C GLY C 180 33.86 -3.80 -18.38
N VAL C 181 35.14 -3.85 -18.00
CA VAL C 181 35.94 -5.07 -18.13
C VAL C 181 35.36 -6.29 -17.42
N PHE C 182 34.90 -6.11 -16.18
CA PHE C 182 34.37 -7.23 -15.41
C PHE C 182 33.16 -7.94 -16.04
N GLU C 183 32.08 -7.21 -16.26
CA GLU C 183 30.89 -7.83 -16.85
C GLU C 183 31.10 -8.29 -18.28
N THR C 184 31.79 -7.48 -19.07
CA THR C 184 32.04 -7.82 -20.46
C THR C 184 32.90 -9.07 -20.60
N SER C 185 33.89 -9.23 -19.72
CA SER C 185 34.76 -10.40 -19.76
C SER C 185 33.96 -11.66 -19.43
N LEU C 186 33.10 -11.57 -18.42
CA LEU C 186 32.27 -12.71 -18.04
C LEU C 186 31.37 -13.11 -19.20
N MET C 187 30.79 -12.12 -19.86
CA MET C 187 29.92 -12.39 -20.99
C MET C 187 30.68 -13.01 -22.17
N LEU C 188 31.91 -12.56 -22.39
CA LEU C 188 32.74 -13.10 -23.46
C LEU C 188 33.04 -14.57 -23.22
N ALA C 189 33.10 -14.95 -21.94
CA ALA C 189 33.38 -16.33 -21.57
C ALA C 189 32.13 -17.21 -21.60
N LEU C 190 31.00 -16.63 -21.26
CA LEU C 190 29.73 -17.38 -21.19
C LEU C 190 28.81 -17.25 -22.40
N TYR C 191 28.65 -16.04 -22.91
CA TYR C 191 27.77 -15.78 -24.04
C TYR C 191 28.42 -14.82 -25.04
N PRO C 192 29.51 -15.25 -25.68
CA PRO C 192 30.22 -14.42 -26.65
C PRO C 192 29.37 -13.82 -27.77
N ASP C 193 28.33 -14.53 -28.19
CA ASP C 193 27.46 -14.03 -29.25
C ASP C 193 26.68 -12.77 -28.85
N LEU C 194 26.60 -12.52 -27.55
CA LEU C 194 25.86 -11.35 -27.07
C LEU C 194 26.75 -10.15 -26.81
N VAL C 195 28.02 -10.28 -27.20
CA VAL C 195 29.00 -9.21 -27.03
C VAL C 195 29.73 -8.94 -28.34
N ASP C 196 29.93 -7.65 -28.65
CA ASP C 196 30.65 -7.25 -29.85
C ASP C 196 31.65 -6.18 -29.42
N LEU C 197 32.85 -6.61 -29.04
CA LEU C 197 33.88 -5.70 -28.57
C LEU C 197 34.22 -4.57 -29.54
N ASP C 198 34.04 -4.79 -30.83
CA ASP C 198 34.34 -3.77 -31.81
C ASP C 198 33.49 -2.52 -31.61
N ARG C 199 32.36 -2.66 -30.92
CA ARG C 199 31.47 -1.53 -30.70
C ARG C 199 31.74 -0.76 -29.40
N VAL C 200 32.68 -1.25 -28.60
CA VAL C 200 33.01 -0.59 -27.35
C VAL C 200 33.52 0.84 -27.57
N VAL C 201 33.01 1.77 -26.79
CA VAL C 201 33.44 3.16 -26.85
C VAL C 201 34.48 3.30 -25.74
N ASP C 202 35.73 3.47 -26.12
CA ASP C 202 36.83 3.56 -25.15
C ASP C 202 37.00 4.91 -24.48
N HIS C 203 36.04 5.27 -23.64
CA HIS C 203 36.07 6.54 -22.90
C HIS C 203 36.77 6.36 -21.56
N PRO C 204 37.21 7.47 -20.94
CA PRO C 204 37.87 7.39 -19.63
C PRO C 204 36.87 7.04 -18.53
N PRO C 205 37.37 6.48 -17.42
CA PRO C 205 36.52 6.10 -16.28
C PRO C 205 35.62 7.24 -15.84
N ALA C 206 34.34 6.92 -15.58
CA ALA C 206 33.40 7.94 -15.16
C ALA C 206 33.72 8.45 -13.76
N THR C 207 33.57 9.75 -13.56
CA THR C 207 33.81 10.36 -12.25
C THR C 207 32.62 11.26 -11.93
N PHE C 208 32.28 11.36 -10.64
CA PHE C 208 31.16 12.20 -10.23
C PHE C 208 31.47 12.95 -8.96
N PRO C 209 30.75 14.06 -8.71
CA PRO C 209 30.97 14.85 -7.50
C PRO C 209 30.39 14.04 -6.34
N PRO C 210 30.64 14.45 -5.10
CA PRO C 210 30.13 13.73 -3.93
C PRO C 210 28.65 13.93 -3.60
N TYR C 211 27.81 13.99 -4.62
CA TYR C 211 26.37 14.16 -4.43
C TYR C 211 25.62 13.75 -5.69
N ASP C 212 24.32 13.56 -5.56
CA ASP C 212 23.48 13.19 -6.70
C ASP C 212 22.44 14.25 -7.00
N VAL C 213 22.03 14.30 -8.26
CA VAL C 213 21.04 15.27 -8.71
C VAL C 213 19.87 14.58 -9.40
N PHE C 214 18.66 15.01 -9.05
CA PHE C 214 17.43 14.48 -9.63
C PHE C 214 16.57 15.69 -10.01
N PRO C 215 15.95 15.67 -11.21
CA PRO C 215 15.97 14.62 -12.23
C PRO C 215 17.39 14.31 -12.69
N VAL C 216 17.65 13.05 -13.04
CA VAL C 216 18.98 12.65 -13.48
C VAL C 216 19.40 13.43 -14.72
N ASP C 217 20.62 13.97 -14.67
CA ASP C 217 21.20 14.75 -15.76
C ASP C 217 22.02 13.85 -16.68
N PRO C 218 21.49 13.54 -17.87
CA PRO C 218 22.14 12.68 -18.88
C PRO C 218 23.59 13.03 -19.21
N ALA C 219 23.90 14.32 -19.19
CA ALA C 219 25.26 14.77 -19.51
C ALA C 219 26.31 14.25 -18.53
N ARG C 220 25.89 13.89 -17.33
CA ARG C 220 26.84 13.40 -16.33
C ARG C 220 27.15 11.92 -16.43
N THR C 221 26.65 11.27 -17.48
CA THR C 221 26.90 9.85 -17.72
C THR C 221 27.58 9.72 -19.07
N PRO C 222 28.63 8.88 -19.18
CA PRO C 222 29.27 8.76 -20.50
C PRO C 222 28.19 8.38 -21.51
N ALA C 223 28.21 9.03 -22.67
CA ALA C 223 27.23 8.80 -23.73
C ALA C 223 26.84 7.35 -24.01
N PRO C 224 27.81 6.43 -24.02
CA PRO C 224 27.50 5.02 -24.30
C PRO C 224 26.65 4.34 -23.22
N GLY C 225 26.70 4.89 -22.00
CA GLY C 225 25.94 4.31 -20.90
C GLY C 225 26.83 3.52 -19.97
N THR C 226 28.05 3.22 -20.42
CA THR C 226 29.01 2.47 -19.63
C THR C 226 29.72 3.44 -18.69
N LEU C 227 30.21 2.94 -17.56
CA LEU C 227 30.92 3.79 -16.61
C LEU C 227 32.44 3.61 -16.72
N SER C 228 32.84 2.63 -17.53
CA SER C 228 34.26 2.36 -17.77
C SER C 228 34.38 1.57 -19.07
N SER C 229 35.53 1.67 -19.73
CA SER C 229 35.75 0.96 -21.00
C SER C 229 36.06 -0.52 -20.85
N ALA C 230 35.43 -1.32 -21.69
CA ALA C 230 35.64 -2.76 -21.67
C ALA C 230 36.58 -3.15 -22.82
N LYS C 231 37.33 -2.18 -23.33
CA LYS C 231 38.24 -2.42 -24.45
C LYS C 231 39.19 -3.59 -24.23
N THR C 232 39.71 -3.75 -23.00
CA THR C 232 40.63 -4.83 -22.71
C THR C 232 39.96 -6.09 -22.17
N ALA C 233 38.63 -6.15 -22.26
CA ALA C 233 37.91 -7.33 -21.77
C ALA C 233 38.33 -8.54 -22.60
N SER C 234 38.30 -9.72 -22.00
CA SER C 234 38.66 -10.93 -22.72
C SER C 234 37.98 -12.16 -22.15
N ARG C 235 37.87 -13.19 -22.99
CA ARG C 235 37.29 -14.45 -22.61
C ARG C 235 38.08 -15.01 -21.43
N GLU C 236 39.40 -14.92 -21.51
CA GLU C 236 40.27 -15.43 -20.46
C GLU C 236 40.01 -14.76 -19.12
N LYS C 237 39.84 -13.45 -19.12
CA LYS C 237 39.55 -12.74 -17.89
C LYS C 237 38.24 -13.26 -17.32
N GLY C 238 37.29 -13.53 -18.21
CA GLY C 238 35.99 -14.04 -17.78
C GLY C 238 36.09 -15.41 -17.14
N GLU C 239 36.87 -16.30 -17.75
CA GLU C 239 37.04 -17.65 -17.23
C GLU C 239 37.63 -17.60 -15.83
N LEU C 240 38.58 -16.69 -15.60
CA LEU C 240 39.20 -16.57 -14.29
C LEU C 240 38.19 -16.05 -13.28
N ILE C 241 37.48 -14.98 -13.64
CA ILE C 241 36.46 -14.41 -12.76
C ILE C 241 35.45 -15.48 -12.37
N LEU C 242 35.01 -16.25 -13.35
CA LEU C 242 34.04 -17.31 -13.12
C LEU C 242 34.59 -18.35 -12.13
N GLU C 243 35.83 -18.77 -12.33
CA GLU C 243 36.45 -19.75 -11.44
C GLU C 243 36.54 -19.25 -10.00
N VAL C 244 37.02 -18.02 -9.85
CA VAL C 244 37.17 -17.42 -8.53
C VAL C 244 35.83 -17.25 -7.82
N CYS C 245 34.84 -16.69 -8.52
CA CYS C 245 33.52 -16.47 -7.93
C CYS C 245 32.84 -17.78 -7.50
N VAL C 246 32.83 -18.76 -8.40
CA VAL C 246 32.18 -20.03 -8.10
C VAL C 246 32.81 -20.69 -6.88
N GLN C 247 34.14 -20.74 -6.85
CA GLN C 247 34.83 -21.37 -5.73
C GLN C 247 34.53 -20.64 -4.42
N GLY C 248 34.65 -19.31 -4.44
CA GLY C 248 34.41 -18.52 -3.26
C GLY C 248 33.00 -18.61 -2.71
N ILE C 249 32.01 -18.52 -3.59
CA ILE C 249 30.63 -18.58 -3.15
C ILE C 249 30.29 -19.99 -2.67
N ALA C 250 30.80 -21.00 -3.34
CA ALA C 250 30.55 -22.38 -2.94
C ALA C 250 31.07 -22.59 -1.51
N ASP C 251 32.27 -22.09 -1.24
CA ASP C 251 32.85 -22.24 0.10
C ASP C 251 32.04 -21.48 1.15
N ALA C 252 31.62 -20.28 0.82
CA ALA C 252 30.85 -19.46 1.74
C ALA C 252 29.51 -20.11 2.08
N ILE C 253 28.85 -20.69 1.07
CA ILE C 253 27.56 -21.33 1.30
C ILE C 253 27.70 -22.59 2.16
N ARG C 254 28.76 -23.38 1.92
CA ARG C 254 28.98 -24.58 2.70
C ARG C 254 29.26 -24.20 4.15
N GLU C 255 29.89 -23.05 4.33
CA GLU C 255 30.20 -22.53 5.67
C GLU C 255 28.92 -22.17 6.42
N GLU C 256 28.05 -21.42 5.75
CA GLU C 256 26.79 -20.98 6.35
C GLU C 256 25.70 -22.03 6.37
N PHE C 257 25.71 -22.91 5.36
CA PHE C 257 24.70 -23.97 5.28
C PHE C 257 25.35 -25.33 5.18
N PRO C 258 26.01 -25.77 6.26
CA PRO C 258 26.69 -27.08 6.28
C PRO C 258 25.75 -28.26 6.17
N PRO C 259 26.26 -29.40 5.66
CA PRO C 259 25.49 -30.64 5.49
C PRO C 259 24.99 -31.16 6.83
N LYS D 3 18.14 36.75 11.32
CA LYS D 3 16.96 35.85 11.27
C LYS D 3 17.36 34.39 11.23
N SER D 4 16.55 33.54 11.85
CA SER D 4 16.82 32.11 11.89
C SER D 4 16.88 31.52 10.49
N VAL D 5 17.57 30.38 10.35
CA VAL D 5 17.65 29.72 9.05
C VAL D 5 16.70 28.54 9.04
N PHE D 6 16.09 28.25 10.19
CA PHE D 6 15.16 27.13 10.33
C PHE D 6 13.71 27.51 10.00
N VAL D 7 13.14 26.81 9.03
CA VAL D 7 11.77 27.05 8.60
C VAL D 7 10.81 27.00 9.79
N GLY D 8 11.06 26.06 10.70
CA GLY D 8 10.21 25.91 11.87
C GLY D 8 10.17 27.14 12.76
N GLU D 9 11.21 27.96 12.71
CA GLU D 9 11.27 29.16 13.55
C GLU D 9 10.83 30.41 12.81
N LEU D 10 10.30 30.24 11.61
CA LEU D 10 9.82 31.37 10.81
C LEU D 10 8.30 31.40 10.87
N THR D 11 7.70 32.56 10.55
CA THR D 11 6.25 32.67 10.50
C THR D 11 5.94 32.27 9.06
N TRP D 12 4.69 31.95 8.75
CA TRP D 12 4.39 31.54 7.39
C TRP D 12 4.57 32.69 6.40
N LYS D 13 4.43 33.92 6.89
CA LYS D 13 4.60 35.10 6.04
C LYS D 13 6.07 35.27 5.63
N GLU D 14 6.97 35.03 6.58
CA GLU D 14 8.41 35.15 6.33
C GLU D 14 8.85 34.07 5.36
N TYR D 15 8.36 32.85 5.57
CA TYR D 15 8.68 31.72 4.72
C TYR D 15 8.18 32.02 3.31
N GLU D 16 6.94 32.47 3.22
CA GLU D 16 6.32 32.80 1.94
C GLU D 16 7.16 33.84 1.17
N ALA D 17 7.63 34.86 1.89
CA ALA D 17 8.44 35.90 1.27
C ALA D 17 9.73 35.33 0.72
N ARG D 18 10.39 34.46 1.49
CA ARG D 18 11.64 33.85 1.05
C ARG D 18 11.45 33.00 -0.21
N VAL D 19 10.37 32.24 -0.27
CA VAL D 19 10.11 31.42 -1.44
C VAL D 19 9.74 32.31 -2.63
N ALA D 20 9.05 33.41 -2.34
CA ALA D 20 8.64 34.33 -3.39
C ALA D 20 9.85 34.97 -4.07
N ALA D 21 11.00 34.94 -3.40
CA ALA D 21 12.23 35.50 -3.96
C ALA D 21 12.53 34.86 -5.30
N GLY D 22 12.22 33.56 -5.42
CA GLY D 22 12.43 32.86 -6.69
C GLY D 22 13.58 31.87 -6.79
N ASP D 23 14.56 31.98 -5.92
CA ASP D 23 15.71 31.06 -5.96
C ASP D 23 16.00 30.48 -4.59
N CYS D 24 14.98 30.39 -3.76
CA CYS D 24 15.14 29.87 -2.40
C CYS D 24 15.55 28.40 -2.38
N VAL D 25 16.55 28.09 -1.58
CA VAL D 25 17.03 26.72 -1.44
C VAL D 25 16.61 26.19 -0.08
N LEU D 26 15.97 25.02 -0.07
CA LEU D 26 15.54 24.40 1.17
C LEU D 26 16.42 23.19 1.45
N MET D 27 16.67 22.92 2.72
CA MET D 27 17.50 21.79 3.11
C MET D 27 16.78 20.91 4.12
N LEU D 28 16.84 19.60 3.91
CA LEU D 28 16.18 18.66 4.82
C LEU D 28 17.12 17.60 5.37
N PRO D 29 17.40 17.66 6.69
CA PRO D 29 18.29 16.69 7.33
C PRO D 29 17.52 15.38 7.50
N VAL D 30 18.16 14.25 7.17
CA VAL D 30 17.51 12.95 7.32
C VAL D 30 18.41 12.10 8.20
N GLY D 31 17.96 11.81 9.40
CA GLY D 31 18.76 11.04 10.33
C GLY D 31 18.21 9.71 10.79
N ALA D 32 18.31 9.47 12.09
CA ALA D 32 17.83 8.24 12.69
C ALA D 32 18.06 8.24 14.20
N LEU D 33 17.43 7.30 14.89
CA LEU D 33 17.60 7.12 16.32
C LEU D 33 18.30 5.76 16.34
N GLU D 34 19.59 5.76 16.60
CA GLU D 34 20.38 4.53 16.54
C GLU D 34 21.47 4.47 17.61
N GLN D 35 21.76 3.26 18.07
CA GLN D 35 22.80 3.07 19.08
C GLN D 35 24.12 3.54 18.50
N HIS D 36 24.94 4.17 19.33
CA HIS D 36 26.25 4.63 18.89
C HIS D 36 27.32 4.32 19.92
N GLY D 37 27.34 3.07 20.37
CA GLY D 37 28.34 2.65 21.35
C GLY D 37 28.04 3.03 22.79
N HIS D 38 29.04 2.85 23.64
CA HIS D 38 28.90 3.16 25.06
C HIS D 38 29.24 4.60 25.40
N HIS D 39 29.92 5.29 24.48
CA HIS D 39 30.38 6.65 24.71
C HIS D 39 29.57 7.78 24.09
N MET D 40 28.56 7.47 23.30
CA MET D 40 27.81 8.52 22.61
C MET D 40 26.29 8.29 22.65
N CYS D 41 25.52 9.37 22.52
CA CYS D 41 24.06 9.26 22.54
C CYS D 41 23.50 8.70 21.23
N MET D 42 22.20 8.48 21.19
CA MET D 42 21.55 7.89 20.02
C MET D 42 20.97 8.80 18.93
N ASN D 43 20.95 10.11 19.14
CA ASN D 43 20.42 11.01 18.12
C ASN D 43 21.48 11.65 17.25
N VAL D 44 22.68 11.07 17.27
CA VAL D 44 23.80 11.57 16.48
C VAL D 44 23.48 11.81 15.01
N ASP D 45 22.84 10.84 14.35
CA ASP D 45 22.52 10.97 12.94
C ASP D 45 21.57 12.11 12.59
N VAL D 46 20.92 12.67 13.61
CA VAL D 46 20.04 13.81 13.38
C VAL D 46 20.86 15.06 13.67
N LEU D 47 21.46 15.08 14.86
CA LEU D 47 22.26 16.21 15.31
C LEU D 47 23.31 16.66 14.32
N LEU D 48 24.13 15.73 13.84
CA LEU D 48 25.20 16.08 12.92
C LEU D 48 24.77 16.71 11.60
N PRO D 49 23.91 16.03 10.80
CA PRO D 49 23.52 16.67 9.54
C PRO D 49 22.75 17.98 9.77
N THR D 50 22.05 18.07 10.88
CA THR D 50 21.29 19.29 11.19
C THR D 50 22.26 20.45 11.45
N ALA D 51 23.33 20.17 12.19
CA ALA D 51 24.33 21.18 12.51
C ALA D 51 25.02 21.65 11.23
N VAL D 52 25.31 20.71 10.33
CA VAL D 52 25.96 21.06 9.07
C VAL D 52 25.03 21.89 8.20
N CYS D 53 23.76 21.50 8.13
CA CYS D 53 22.77 22.24 7.34
C CYS D 53 22.67 23.68 7.85
N LYS D 54 22.62 23.83 9.17
CA LYS D 54 22.51 25.14 9.79
C LYS D 54 23.66 26.05 9.33
N ARG D 55 24.88 25.55 9.47
CA ARG D 55 26.06 26.32 9.08
C ARG D 55 26.12 26.60 7.59
N VAL D 56 25.71 25.64 6.77
CA VAL D 56 25.70 25.84 5.33
C VAL D 56 24.64 26.88 4.98
N ALA D 57 23.47 26.73 5.60
CA ALA D 57 22.35 27.64 5.39
C ALA D 57 22.76 29.07 5.72
N GLU D 58 23.46 29.24 6.84
CA GLU D 58 23.90 30.56 7.26
C GLU D 58 24.81 31.20 6.21
N ARG D 59 25.66 30.40 5.59
CA ARG D 59 26.58 30.91 4.58
C ARG D 59 26.01 31.22 3.21
N ILE D 60 25.06 30.39 2.75
CA ILE D 60 24.49 30.60 1.42
C ILE D 60 23.10 31.20 1.40
N GLY D 61 22.54 31.47 2.59
CA GLY D 61 21.22 32.05 2.66
C GLY D 61 20.09 31.07 2.35
N ALA D 62 20.24 29.83 2.81
CA ALA D 62 19.23 28.80 2.58
C ALA D 62 18.39 28.63 3.86
N LEU D 63 17.34 27.82 3.76
CA LEU D 63 16.47 27.54 4.91
C LEU D 63 16.49 26.04 5.19
N VAL D 64 16.41 25.68 6.47
CA VAL D 64 16.46 24.29 6.88
C VAL D 64 15.12 23.80 7.46
N MET D 65 14.64 22.67 6.93
CA MET D 65 13.38 22.07 7.37
C MET D 65 13.58 21.19 8.59
N PRO D 66 12.49 20.92 9.34
CA PRO D 66 12.61 20.06 10.52
C PRO D 66 13.17 18.73 10.01
N GLY D 67 14.12 18.16 10.74
CA GLY D 67 14.71 16.91 10.27
C GLY D 67 13.93 15.63 10.52
N LEU D 68 14.20 14.62 9.71
CA LEU D 68 13.55 13.33 9.90
C LEU D 68 14.33 12.68 11.05
N GLN D 69 13.61 12.38 12.12
CA GLN D 69 14.18 11.81 13.34
C GLN D 69 14.41 10.31 13.31
N TYR D 70 13.63 9.60 12.51
CA TYR D 70 13.74 8.15 12.40
C TYR D 70 14.09 7.75 10.99
N GLY D 71 15.04 6.82 10.85
CA GLY D 71 15.47 6.37 9.53
C GLY D 71 15.33 4.88 9.32
N TYR D 72 15.89 4.39 8.23
CA TYR D 72 15.79 2.97 7.90
C TYR D 72 16.56 2.07 8.85
N LYS D 73 16.16 0.80 8.88
CA LYS D 73 16.76 -0.22 9.73
C LYS D 73 18.29 -0.27 9.64
N SER D 74 18.92 -0.28 10.80
CA SER D 74 20.38 -0.33 10.89
C SER D 74 20.84 -1.67 10.35
N GLN D 75 21.88 -1.64 9.53
CA GLN D 75 22.44 -2.86 8.96
C GLN D 75 23.76 -3.17 9.66
N GLN D 76 24.01 -4.45 9.91
CA GLN D 76 25.22 -4.88 10.61
C GLN D 76 26.53 -4.29 10.08
N LYS D 77 26.71 -4.29 8.77
CA LYS D 77 27.93 -3.78 8.19
C LYS D 77 28.11 -2.26 8.14
N SER D 78 27.08 -1.52 8.51
CA SER D 78 27.18 -0.06 8.48
C SER D 78 26.63 0.65 9.71
N GLY D 79 25.97 -0.10 10.59
CA GLY D 79 25.42 0.54 11.78
C GLY D 79 25.34 -0.37 12.99
N GLY D 80 25.87 -1.59 12.87
CA GLY D 80 25.84 -2.52 13.97
C GLY D 80 24.72 -3.55 13.92
N GLY D 81 23.57 -3.17 13.36
CA GLY D 81 22.45 -4.10 13.27
C GLY D 81 21.23 -3.57 13.99
N ASN D 82 20.05 -3.93 13.50
CA ASN D 82 18.82 -3.44 14.11
C ASN D 82 18.34 -4.25 15.31
N HIS D 83 19.19 -5.13 15.83
CA HIS D 83 18.83 -5.93 16.99
C HIS D 83 19.17 -5.22 18.30
N PHE D 84 19.94 -4.15 18.22
CA PHE D 84 20.33 -3.39 19.42
C PHE D 84 19.16 -2.62 20.05
N PRO D 85 19.18 -2.47 21.38
CA PRO D 85 18.11 -1.74 22.06
C PRO D 85 18.31 -0.26 21.69
N GLY D 86 17.27 0.56 21.84
CA GLY D 86 17.40 1.97 21.52
C GLY D 86 17.15 2.31 20.06
N THR D 87 17.84 1.61 19.16
CA THR D 87 17.67 1.85 17.73
C THR D 87 16.19 1.66 17.41
N THR D 88 15.58 2.69 16.85
CA THR D 88 14.15 2.66 16.51
C THR D 88 14.06 2.98 15.04
N SER D 89 13.80 1.96 14.22
CA SER D 89 13.78 2.15 12.77
C SER D 89 12.43 2.03 12.06
N LEU D 90 12.32 2.72 10.93
CA LEU D 90 11.12 2.69 10.12
C LEU D 90 11.26 1.68 8.99
N ASP D 91 10.13 1.24 8.45
CA ASP D 91 10.14 0.33 7.31
C ASP D 91 10.49 1.23 6.12
N GLY D 92 11.06 0.64 5.07
CA GLY D 92 11.43 1.42 3.90
C GLY D 92 10.29 2.22 3.29
N ALA D 93 9.11 1.63 3.20
CA ALA D 93 7.95 2.32 2.62
C ALA D 93 7.57 3.56 3.42
N THR D 94 7.76 3.50 4.73
CA THR D 94 7.42 4.62 5.60
C THR D 94 8.36 5.79 5.37
N LEU D 95 9.66 5.52 5.29
CA LEU D 95 10.64 6.56 5.07
C LEU D 95 10.47 7.13 3.66
N THR D 96 10.29 6.24 2.70
CA THR D 96 10.09 6.67 1.31
C THR D 96 8.88 7.60 1.22
N GLY D 97 7.78 7.20 1.85
CA GLY D 97 6.57 8.00 1.83
C GLY D 97 6.71 9.35 2.53
N THR D 98 7.52 9.40 3.58
CA THR D 98 7.73 10.65 4.31
C THR D 98 8.44 11.65 3.41
N VAL D 99 9.50 11.18 2.75
CA VAL D 99 10.26 12.04 1.85
C VAL D 99 9.34 12.49 0.71
N GLN D 100 8.56 11.55 0.20
CA GLN D 100 7.64 11.82 -0.90
C GLN D 100 6.61 12.90 -0.52
N ASP D 101 6.04 12.78 0.68
CA ASP D 101 5.05 13.75 1.13
C ASP D 101 5.65 15.16 1.28
N ILE D 102 6.85 15.22 1.85
CA ILE D 102 7.48 16.51 2.06
C ILE D 102 7.79 17.22 0.75
N ILE D 103 8.30 16.49 -0.24
CA ILE D 103 8.60 17.12 -1.52
C ILE D 103 7.31 17.64 -2.14
N ARG D 104 6.25 16.84 -2.08
CA ARG D 104 4.96 17.25 -2.62
C ARG D 104 4.52 18.59 -2.03
N GLU D 105 4.62 18.72 -0.71
CA GLU D 105 4.21 19.94 -0.01
C GLU D 105 5.11 21.13 -0.33
N LEU D 106 6.41 20.92 -0.41
CA LEU D 106 7.33 22.02 -0.74
C LEU D 106 7.01 22.54 -2.14
N ALA D 107 6.74 21.62 -3.07
CA ALA D 107 6.41 22.00 -4.44
C ALA D 107 5.12 22.83 -4.43
N ARG D 108 4.17 22.44 -3.57
CA ARG D 108 2.91 23.18 -3.48
C ARG D 108 3.20 24.62 -3.03
N HIS D 109 4.16 24.79 -2.13
CA HIS D 109 4.53 26.12 -1.63
C HIS D 109 5.12 26.99 -2.74
N GLY D 110 5.66 26.33 -3.76
CA GLY D 110 6.28 27.06 -4.86
C GLY D 110 7.79 26.87 -4.86
N ALA D 111 8.29 26.11 -3.88
CA ALA D 111 9.72 25.86 -3.79
C ALA D 111 10.12 24.93 -4.94
N ARG D 112 11.35 25.08 -5.43
CA ARG D 112 11.81 24.25 -6.55
C ARG D 112 13.24 23.78 -6.40
N ARG D 113 13.83 24.05 -5.24
CA ARG D 113 15.22 23.66 -4.97
C ARG D 113 15.30 23.02 -3.61
N LEU D 114 15.69 21.75 -3.58
CA LEU D 114 15.80 21.04 -2.31
C LEU D 114 17.09 20.26 -2.17
N VAL D 115 17.67 20.33 -0.99
CA VAL D 115 18.88 19.60 -0.67
C VAL D 115 18.54 18.62 0.45
N LEU D 116 18.70 17.34 0.20
CA LEU D 116 18.44 16.34 1.21
C LEU D 116 19.79 15.92 1.77
N MET D 117 20.04 16.20 3.04
CA MET D 117 21.31 15.83 3.65
C MET D 117 21.16 14.65 4.58
N ASN D 118 21.63 13.50 4.12
CA ASN D 118 21.56 12.26 4.88
C ASN D 118 22.65 12.16 5.95
N GLY D 119 22.28 11.65 7.12
CA GLY D 119 23.24 11.48 8.20
C GLY D 119 23.28 10.05 8.70
N HIS D 120 22.46 9.17 8.10
CA HIS D 120 22.40 7.76 8.48
C HIS D 120 22.61 6.94 7.21
N TYR D 121 23.74 6.25 7.15
CA TYR D 121 24.15 5.45 6.00
C TYR D 121 23.03 4.70 5.28
N GLU D 122 22.25 3.92 6.04
CA GLU D 122 21.18 3.10 5.50
C GLU D 122 19.99 3.81 4.82
N ASN D 123 19.82 5.11 5.05
CA ASN D 123 18.69 5.83 4.46
C ASN D 123 18.74 6.05 2.95
N SER D 124 19.95 6.17 2.42
CA SER D 124 20.15 6.48 1.01
C SER D 124 19.16 6.01 -0.06
N MET D 125 19.02 4.70 -0.25
CA MET D 125 18.13 4.21 -1.30
C MET D 125 16.65 4.51 -1.11
N PHE D 126 16.20 4.66 0.13
CA PHE D 126 14.79 4.94 0.36
C PHE D 126 14.52 6.42 0.14
N ILE D 127 15.56 7.24 0.33
CA ILE D 127 15.42 8.67 0.07
C ILE D 127 15.32 8.78 -1.45
N VAL D 128 16.17 8.03 -2.16
CA VAL D 128 16.16 8.03 -3.62
C VAL D 128 14.78 7.66 -4.17
N GLU D 129 14.18 6.60 -3.62
CA GLU D 129 12.85 6.19 -4.10
C GLU D 129 11.81 7.27 -3.77
N GLY D 130 11.93 7.88 -2.58
CA GLY D 130 10.99 8.91 -2.21
C GLY D 130 11.06 10.07 -3.21
N ILE D 131 12.27 10.42 -3.62
CA ILE D 131 12.48 11.49 -4.56
C ILE D 131 11.87 11.14 -5.92
N ASP D 132 12.10 9.91 -6.38
CA ASP D 132 11.57 9.52 -7.67
C ASP D 132 10.05 9.55 -7.71
N LEU D 133 9.42 9.04 -6.66
CA LEU D 133 7.96 9.02 -6.61
C LEU D 133 7.39 10.43 -6.57
N ALA D 134 8.04 11.33 -5.84
CA ALA D 134 7.56 12.71 -5.77
C ALA D 134 7.72 13.40 -7.12
N LEU D 135 8.87 13.21 -7.77
CA LEU D 135 9.10 13.83 -9.07
C LEU D 135 8.13 13.28 -10.12
N ARG D 136 7.80 12.00 -9.98
CA ARG D 136 6.86 11.36 -10.90
C ARG D 136 5.51 12.07 -10.79
N GLU D 137 5.06 12.32 -9.56
CA GLU D 137 3.77 12.99 -9.35
C GLU D 137 3.79 14.43 -9.83
N LEU D 138 4.91 15.12 -9.65
CA LEU D 138 5.01 16.50 -10.11
C LEU D 138 4.91 16.50 -11.64
N ARG D 139 5.51 15.51 -12.27
CA ARG D 139 5.46 15.41 -13.72
C ARG D 139 4.02 15.22 -14.19
N TYR D 140 3.20 14.52 -13.41
CA TYR D 140 1.80 14.31 -13.78
C TYR D 140 1.11 15.67 -13.95
N ALA D 141 1.55 16.65 -13.18
CA ALA D 141 0.96 17.99 -13.22
C ALA D 141 1.73 18.95 -14.14
N GLY D 142 2.63 18.39 -14.95
CA GLY D 142 3.42 19.20 -15.87
C GLY D 142 4.60 19.93 -15.24
N ILE D 143 4.89 19.62 -13.98
CA ILE D 143 5.99 20.26 -13.28
C ILE D 143 7.30 19.49 -13.44
N GLN D 144 8.26 20.08 -14.12
CA GLN D 144 9.55 19.43 -14.32
C GLN D 144 10.72 20.30 -13.88
N ASP D 145 10.44 21.40 -13.20
CA ASP D 145 11.50 22.29 -12.77
C ASP D 145 11.89 22.18 -11.29
N PHE D 146 11.45 21.11 -10.63
CA PHE D 146 11.81 20.91 -9.23
C PHE D 146 13.13 20.13 -9.29
N LYS D 147 14.15 20.65 -8.64
CA LYS D 147 15.45 19.99 -8.65
C LYS D 147 15.89 19.59 -7.26
N VAL D 148 16.44 18.39 -7.15
CA VAL D 148 16.88 17.88 -5.86
C VAL D 148 18.34 17.47 -5.86
N VAL D 149 19.03 17.82 -4.79
CA VAL D 149 20.42 17.44 -4.60
C VAL D 149 20.42 16.59 -3.35
N VAL D 150 20.90 15.36 -3.45
CA VAL D 150 20.94 14.49 -2.28
C VAL D 150 22.39 14.10 -2.02
N LEU D 151 22.75 14.08 -0.74
CA LEU D 151 24.12 13.75 -0.38
C LEU D 151 24.23 13.32 1.08
N SER D 152 25.30 12.60 1.39
CA SER D 152 25.61 12.20 2.75
C SER D 152 26.78 13.12 3.02
N TYR D 153 26.69 13.91 4.08
CA TYR D 153 27.73 14.90 4.37
C TYR D 153 29.19 14.41 4.44
N TRP D 154 29.42 13.20 4.92
CA TRP D 154 30.78 12.68 5.01
C TRP D 154 31.49 12.52 3.66
N ASP D 155 30.72 12.32 2.59
CA ASP D 155 31.33 12.17 1.27
C ASP D 155 32.12 13.39 0.82
N PHE D 156 31.89 14.53 1.47
CA PHE D 156 32.62 15.73 1.10
C PHE D 156 34.00 15.80 1.74
N VAL D 157 34.28 14.88 2.65
CA VAL D 157 35.58 14.84 3.29
C VAL D 157 36.44 13.92 2.41
N LYS D 158 37.09 14.51 1.42
CA LYS D 158 37.92 13.77 0.46
C LYS D 158 39.37 14.21 0.30
N ASP D 159 39.68 15.42 0.75
CA ASP D 159 41.03 15.97 0.65
C ASP D 159 42.01 14.98 1.29
N PRO D 160 42.92 14.42 0.48
CA PRO D 160 43.92 13.47 0.97
C PRO D 160 44.57 13.93 2.27
N ALA D 161 44.87 15.22 2.36
CA ALA D 161 45.50 15.79 3.54
C ALA D 161 44.66 15.68 4.82
N VAL D 162 43.36 15.95 4.72
CA VAL D 162 42.49 15.86 5.89
C VAL D 162 42.29 14.41 6.33
N ILE D 163 42.11 13.53 5.35
CA ILE D 163 41.91 12.12 5.63
C ILE D 163 43.07 11.53 6.43
N GLN D 164 44.29 11.92 6.08
CA GLN D 164 45.47 11.40 6.77
C GLN D 164 45.45 11.69 8.27
N GLN D 165 44.94 12.85 8.66
CA GLN D 165 44.88 13.20 10.08
C GLN D 165 43.89 12.34 10.83
N LEU D 166 42.73 12.12 10.22
CA LEU D 166 41.67 11.34 10.84
C LEU D 166 41.97 9.84 10.84
N TYR D 167 42.53 9.35 9.73
CA TYR D 167 42.86 7.92 9.62
C TYR D 167 44.33 7.73 9.30
N PRO D 168 45.18 7.75 10.34
CA PRO D 168 46.63 7.58 10.14
C PRO D 168 47.00 6.25 9.48
N GLU D 169 46.26 5.19 9.79
CA GLU D 169 46.55 3.89 9.20
C GLU D 169 45.74 3.59 7.95
N GLY D 170 45.10 4.63 7.40
CA GLY D 170 44.31 4.45 6.20
C GLY D 170 42.82 4.69 6.40
N PHE D 171 42.16 5.13 5.34
CA PHE D 171 40.72 5.38 5.38
C PHE D 171 39.99 4.05 5.50
N LEU D 172 39.22 3.90 6.57
CA LEU D 172 38.48 2.67 6.85
C LEU D 172 37.20 2.45 6.05
N GLY D 173 36.73 3.48 5.35
CA GLY D 173 35.51 3.35 4.59
C GLY D 173 34.36 3.94 5.39
N TRP D 174 33.48 4.68 4.71
CA TRP D 174 32.36 5.31 5.40
C TRP D 174 31.37 4.37 6.07
N ASP D 175 31.34 3.10 5.65
CA ASP D 175 30.40 2.17 6.27
C ASP D 175 30.79 1.73 7.67
N ILE D 176 32.07 1.47 7.92
CA ILE D 176 32.47 1.05 9.26
C ILE D 176 32.82 2.23 10.17
N GLU D 177 32.57 3.43 9.68
CA GLU D 177 32.84 4.64 10.45
C GLU D 177 31.79 4.86 11.56
N HIS D 178 30.80 3.97 11.63
CA HIS D 178 29.74 4.06 12.63
C HIS D 178 30.22 4.16 14.09
N GLY D 179 30.01 5.32 14.70
CA GLY D 179 30.41 5.51 16.08
C GLY D 179 31.91 5.58 16.28
N GLY D 180 32.64 5.83 15.20
CA GLY D 180 34.09 5.91 15.27
C GLY D 180 34.65 7.31 15.43
N VAL D 181 35.86 7.50 14.92
CA VAL D 181 36.55 8.78 15.01
C VAL D 181 35.82 9.95 14.33
N PHE D 182 35.24 9.70 13.16
CA PHE D 182 34.55 10.74 12.41
C PHE D 182 33.36 11.35 13.15
N GLU D 183 32.36 10.53 13.45
CA GLU D 183 31.18 11.03 14.15
C GLU D 183 31.49 11.52 15.56
N THR D 184 32.34 10.79 16.27
CA THR D 184 32.70 11.15 17.63
C THR D 184 33.47 12.46 17.69
N SER D 185 34.32 12.71 16.70
CA SER D 185 35.08 13.95 16.67
C SER D 185 34.13 15.11 16.45
N LEU D 186 33.18 14.95 15.52
CA LEU D 186 32.21 16.01 15.27
C LEU D 186 31.38 16.30 16.52
N MET D 187 30.98 15.24 17.21
CA MET D 187 30.18 15.40 18.43
C MET D 187 30.98 16.09 19.53
N LEU D 188 32.27 15.80 19.61
CA LEU D 188 33.11 16.42 20.62
C LEU D 188 33.19 17.92 20.37
N ALA D 189 33.20 18.30 19.09
CA ALA D 189 33.27 19.71 18.72
C ALA D 189 31.93 20.45 18.85
N LEU D 190 30.83 19.75 18.56
CA LEU D 190 29.51 20.37 18.60
C LEU D 190 28.69 20.17 19.87
N TYR D 191 28.72 18.96 20.41
CA TYR D 191 27.96 18.65 21.61
C TYR D 191 28.76 17.80 22.58
N PRO D 192 29.86 18.35 23.10
CA PRO D 192 30.74 17.63 24.04
C PRO D 192 30.04 16.99 25.24
N ASP D 193 28.96 17.61 25.70
CA ASP D 193 28.22 17.07 26.84
C ASP D 193 27.53 15.74 26.54
N LEU D 194 27.39 15.43 25.26
CA LEU D 194 26.73 14.18 24.86
C LEU D 194 27.74 13.08 24.52
N VAL D 195 29.01 13.33 24.78
CA VAL D 195 30.07 12.37 24.52
C VAL D 195 30.93 12.15 25.77
N ASP D 196 31.29 10.89 26.02
CA ASP D 196 32.13 10.54 27.16
C ASP D 196 33.24 9.65 26.60
N LEU D 197 34.27 10.28 26.06
CA LEU D 197 35.39 9.57 25.44
C LEU D 197 36.01 8.47 26.30
N ASP D 198 35.83 8.56 27.62
CA ASP D 198 36.41 7.57 28.52
C ASP D 198 35.65 6.24 28.51
N ARG D 199 34.45 6.24 27.93
CA ARG D 199 33.64 5.03 27.88
C ARG D 199 33.87 4.27 26.57
N VAL D 200 34.68 4.85 25.69
CA VAL D 200 34.98 4.22 24.41
C VAL D 200 35.64 2.85 24.59
N VAL D 201 35.05 1.83 23.99
CA VAL D 201 35.61 0.48 24.05
C VAL D 201 36.49 0.36 22.81
N ASP D 202 37.79 0.39 23.01
CA ASP D 202 38.75 0.33 21.91
C ASP D 202 38.87 -1.08 21.32
N HIS D 203 38.42 -1.23 20.08
CA HIS D 203 38.48 -2.52 19.40
C HIS D 203 38.97 -2.31 17.96
N PRO D 204 39.46 -3.37 17.31
CA PRO D 204 39.95 -3.28 15.93
C PRO D 204 38.79 -2.99 14.98
N PRO D 205 39.06 -2.34 13.83
CA PRO D 205 37.98 -2.04 12.89
C PRO D 205 37.21 -3.32 12.54
N ALA D 206 35.89 -3.22 12.51
CA ALA D 206 35.06 -4.37 12.19
C ALA D 206 35.29 -4.87 10.77
N THR D 207 35.32 -6.19 10.60
CA THR D 207 35.50 -6.78 9.28
C THR D 207 34.40 -7.82 9.09
N PHE D 208 33.95 -8.00 7.86
CA PHE D 208 32.89 -8.97 7.56
C PHE D 208 33.16 -9.73 6.28
N PRO D 209 32.56 -10.92 6.13
CA PRO D 209 32.76 -11.70 4.91
C PRO D 209 32.07 -10.97 3.76
N PRO D 210 32.31 -11.40 2.51
CA PRO D 210 31.70 -10.74 1.36
C PRO D 210 30.22 -11.08 1.16
N TYR D 211 29.47 -11.16 2.26
CA TYR D 211 28.04 -11.47 2.19
C TYR D 211 27.36 -11.16 3.52
N ASP D 212 26.03 -11.10 3.49
CA ASP D 212 25.28 -10.83 4.70
C ASP D 212 24.33 -11.96 5.05
N VAL D 213 24.05 -12.10 6.34
CA VAL D 213 23.18 -13.15 6.83
C VAL D 213 22.00 -12.58 7.62
N PHE D 214 20.82 -13.16 7.42
CA PHE D 214 19.61 -12.75 8.12
C PHE D 214 18.91 -14.04 8.56
N PRO D 215 18.41 -14.09 9.80
CA PRO D 215 18.45 -13.06 10.83
C PRO D 215 19.88 -12.61 11.13
N VAL D 216 20.05 -11.35 11.49
CA VAL D 216 21.37 -10.82 11.79
C VAL D 216 21.99 -11.54 12.99
N ASP D 217 23.25 -11.92 12.86
CA ASP D 217 23.99 -12.61 13.90
C ASP D 217 24.74 -11.58 14.77
N PRO D 218 24.26 -11.37 16.00
CA PRO D 218 24.85 -10.41 16.94
C PRO D 218 26.36 -10.56 17.17
N ALA D 219 26.85 -11.80 17.08
CA ALA D 219 28.26 -12.07 17.30
C ALA D 219 29.18 -11.40 16.28
N ARG D 220 28.69 -11.17 15.07
CA ARG D 220 29.53 -10.56 14.04
C ARG D 220 29.63 -9.04 14.14
N THR D 221 29.08 -8.47 15.21
CA THR D 221 29.14 -7.03 15.46
C THR D 221 29.92 -6.82 16.75
N PRO D 222 30.85 -5.84 16.78
CA PRO D 222 31.58 -5.62 18.02
C PRO D 222 30.58 -5.41 19.15
N ALA D 223 30.86 -5.95 20.33
CA ALA D 223 29.98 -5.84 21.48
C ALA D 223 29.43 -4.45 21.80
N PRO D 224 30.29 -3.41 21.74
CA PRO D 224 29.82 -2.04 22.03
C PRO D 224 28.84 -1.47 21.03
N GLY D 225 28.78 -2.05 19.84
CA GLY D 225 27.88 -1.56 18.81
C GLY D 225 28.59 -0.71 17.77
N THR D 226 29.80 -0.29 18.09
CA THR D 226 30.60 0.54 17.19
C THR D 226 31.32 -0.33 16.14
N LEU D 227 31.55 0.22 14.95
CA LEU D 227 32.24 -0.53 13.90
C LEU D 227 33.72 -0.17 13.82
N SER D 228 34.11 0.89 14.52
CA SER D 228 35.50 1.33 14.58
C SER D 228 35.69 2.14 15.86
N SER D 229 36.88 2.09 16.43
CA SER D 229 37.18 2.79 17.67
C SER D 229 37.30 4.31 17.56
N ALA D 230 36.68 5.01 18.51
CA ALA D 230 36.72 6.47 18.53
C ALA D 230 37.77 6.95 19.53
N LYS D 231 38.62 6.03 19.97
CA LYS D 231 39.65 6.36 20.94
C LYS D 231 40.43 7.64 20.60
N THR D 232 40.85 7.77 19.35
CA THR D 232 41.62 8.93 18.91
C THR D 232 40.79 10.15 18.50
N ALA D 233 39.49 10.13 18.74
CA ALA D 233 38.64 11.25 18.37
C ALA D 233 38.98 12.49 19.20
N SER D 234 38.84 13.67 18.60
CA SER D 234 39.12 14.91 19.30
C SER D 234 38.30 16.08 18.76
N ARG D 235 38.16 17.13 19.56
CA ARG D 235 37.43 18.32 19.15
C ARG D 235 38.12 18.91 17.94
N GLU D 236 39.44 18.89 17.97
CA GLU D 236 40.25 19.43 16.88
C GLU D 236 39.90 18.76 15.56
N LYS D 237 39.83 17.44 15.58
CA LYS D 237 39.47 16.69 14.38
C LYS D 237 38.06 17.07 13.96
N GLY D 238 37.20 17.26 14.96
CA GLY D 238 35.82 17.64 14.69
C GLY D 238 35.72 18.97 13.98
N GLU D 239 36.48 19.97 14.46
CA GLU D 239 36.46 21.29 13.86
C GLU D 239 36.95 21.26 12.42
N LEU D 240 37.95 20.42 12.16
CA LEU D 240 38.49 20.31 10.81
C LEU D 240 37.44 19.71 9.88
N ILE D 241 36.83 18.62 10.30
CA ILE D 241 35.80 17.96 9.50
C ILE D 241 34.68 18.95 9.18
N LEU D 242 34.20 19.63 10.22
CA LEU D 242 33.12 20.59 10.08
C LEU D 242 33.39 21.66 9.02
N GLU D 243 34.56 22.27 9.06
CA GLU D 243 34.87 23.31 8.07
C GLU D 243 34.98 22.74 6.66
N VAL D 244 35.53 21.54 6.55
CA VAL D 244 35.67 20.90 5.24
C VAL D 244 34.30 20.62 4.64
N CYS D 245 33.39 20.07 5.45
CA CYS D 245 32.04 19.76 4.99
C CYS D 245 31.24 20.99 4.61
N VAL D 246 31.13 21.91 5.55
CA VAL D 246 30.39 23.14 5.33
C VAL D 246 30.88 23.85 4.07
N GLN D 247 32.19 23.99 3.94
CA GLN D 247 32.75 24.66 2.77
C GLN D 247 32.40 23.94 1.47
N GLY D 248 32.68 22.64 1.43
CA GLY D 248 32.41 21.87 0.23
C GLY D 248 30.94 21.80 -0.16
N ILE D 249 30.07 21.60 0.83
CA ILE D 249 28.64 21.52 0.57
C ILE D 249 28.11 22.88 0.13
N ALA D 250 28.58 23.94 0.77
CA ALA D 250 28.15 25.29 0.40
C ALA D 250 28.52 25.57 -1.05
N ASP D 251 29.74 25.19 -1.45
CA ASP D 251 30.18 25.42 -2.82
C ASP D 251 29.37 24.59 -3.81
N ALA D 252 29.09 23.35 -3.45
CA ALA D 252 28.32 22.46 -4.33
C ALA D 252 26.92 23.00 -4.57
N ILE D 253 26.26 23.46 -3.51
CA ILE D 253 24.92 24.01 -3.63
C ILE D 253 24.92 25.28 -4.46
N ARG D 254 25.93 26.12 -4.26
CA ARG D 254 26.03 27.37 -5.03
C ARG D 254 26.15 27.04 -6.51
N GLU D 255 26.86 25.97 -6.83
CA GLU D 255 27.05 25.57 -8.21
C GLU D 255 25.76 24.97 -8.81
N GLU D 256 25.09 24.12 -8.05
CA GLU D 256 23.86 23.49 -8.53
C GLU D 256 22.65 24.41 -8.48
N PHE D 257 22.58 25.25 -7.45
CA PHE D 257 21.48 26.20 -7.30
C PHE D 257 22.01 27.62 -7.26
N PRO D 258 22.46 28.13 -8.42
CA PRO D 258 22.99 29.50 -8.48
C PRO D 258 21.92 30.57 -8.27
N PRO D 259 22.29 31.68 -7.62
CA PRO D 259 21.34 32.78 -7.37
C PRO D 259 20.92 33.48 -8.67
N LYS E 3 20.67 13.91 34.64
CA LYS E 3 20.36 12.82 33.68
C LYS E 3 19.21 13.22 32.78
N SER E 4 19.47 13.29 31.47
CA SER E 4 18.45 13.68 30.50
C SER E 4 17.25 12.75 30.50
N VAL E 5 16.08 13.30 30.16
CA VAL E 5 14.88 12.49 30.08
C VAL E 5 14.61 12.14 28.62
N PHE E 6 15.46 12.62 27.73
CA PHE E 6 15.32 12.35 26.30
C PHE E 6 16.10 11.12 25.86
N VAL E 7 15.40 10.17 25.24
CA VAL E 7 16.01 8.94 24.76
C VAL E 7 17.15 9.25 23.80
N GLY E 8 16.93 10.25 22.95
CA GLY E 8 17.95 10.62 21.98
C GLY E 8 19.27 11.03 22.59
N GLU E 9 19.23 11.52 23.83
CA GLU E 9 20.45 11.95 24.51
C GLU E 9 21.06 10.89 25.41
N LEU E 10 20.51 9.68 25.37
CA LEU E 10 21.02 8.57 26.18
C LEU E 10 21.84 7.63 25.29
N THR E 11 22.67 6.80 25.92
CA THR E 11 23.46 5.82 25.17
C THR E 11 22.55 4.61 25.15
N TRP E 12 22.78 3.68 24.22
CA TRP E 12 21.90 2.51 24.18
C TRP E 12 21.98 1.70 25.46
N LYS E 13 23.14 1.73 26.14
CA LYS E 13 23.32 1.00 27.39
C LYS E 13 22.44 1.59 28.48
N GLU E 14 22.41 2.91 28.57
CA GLU E 14 21.61 3.60 29.57
C GLU E 14 20.12 3.35 29.31
N TYR E 15 19.74 3.40 28.03
CA TYR E 15 18.34 3.15 27.65
C TYR E 15 17.97 1.71 28.01
N GLU E 16 18.86 0.78 27.67
CA GLU E 16 18.63 -0.63 27.97
C GLU E 16 18.40 -0.83 29.47
N ALA E 17 19.23 -0.16 30.28
CA ALA E 17 19.11 -0.28 31.73
C ALA E 17 17.76 0.24 32.22
N ARG E 18 17.31 1.35 31.63
CA ARG E 18 16.03 1.94 32.02
C ARG E 18 14.86 1.02 31.68
N VAL E 19 14.86 0.47 30.48
CA VAL E 19 13.78 -0.42 30.08
C VAL E 19 13.84 -1.68 30.94
N ALA E 20 15.06 -2.14 31.22
CA ALA E 20 15.27 -3.34 32.03
C ALA E 20 14.60 -3.22 33.40
N ALA E 21 14.32 -1.98 33.82
CA ALA E 21 13.66 -1.74 35.10
C ALA E 21 12.33 -2.49 35.17
N GLY E 22 11.65 -2.60 34.04
CA GLY E 22 10.38 -3.32 34.00
C GLY E 22 9.10 -2.51 34.01
N ASP E 23 9.19 -1.25 34.40
CA ASP E 23 8.01 -0.39 34.45
C ASP E 23 8.32 0.95 33.81
N CYS E 24 9.24 0.96 32.85
CA CYS E 24 9.62 2.18 32.18
C CYS E 24 8.50 2.76 31.32
N VAL E 25 8.30 4.06 31.41
CA VAL E 25 7.27 4.73 30.60
C VAL E 25 7.94 5.61 29.55
N LEU E 26 7.57 5.41 28.30
CA LEU E 26 8.12 6.19 27.21
C LEU E 26 7.06 7.15 26.69
N MET E 27 7.47 8.33 26.29
CA MET E 27 6.53 9.34 25.80
C MET E 27 6.95 9.80 24.41
N LEU E 28 5.99 9.93 23.52
CA LEU E 28 6.27 10.36 22.16
C LEU E 28 5.44 11.56 21.74
N PRO E 29 6.10 12.71 21.51
CA PRO E 29 5.42 13.94 21.10
C PRO E 29 5.07 13.84 19.61
N VAL E 30 3.83 14.16 19.25
CA VAL E 30 3.41 14.10 17.85
C VAL E 30 2.91 15.48 17.45
N GLY E 31 3.69 16.16 16.62
CA GLY E 31 3.32 17.51 16.22
C GLY E 31 3.05 17.74 14.74
N ALA E 32 3.55 18.88 14.24
CA ALA E 32 3.37 19.27 12.86
C ALA E 32 4.17 20.53 12.54
N LEU E 33 4.30 20.82 11.25
CA LEU E 33 4.96 22.03 10.78
C LEU E 33 3.75 22.72 10.14
N GLU E 34 3.24 23.74 10.80
CA GLU E 34 2.03 24.41 10.33
C GLU E 34 2.03 25.91 10.60
N GLN E 35 1.43 26.66 9.68
CA GLN E 35 1.33 28.11 9.84
C GLN E 35 0.60 28.43 11.14
N HIS E 36 1.07 29.45 11.85
CA HIS E 36 0.44 29.88 13.09
C HIS E 36 0.30 31.40 13.17
N GLY E 37 -0.27 31.99 12.13
CA GLY E 37 -0.48 33.42 12.09
C GLY E 37 0.76 34.23 11.76
N HIS E 38 0.63 35.55 11.92
CA HIS E 38 1.72 36.49 11.64
C HIS E 38 2.65 36.68 12.83
N HIS E 39 2.21 36.25 14.01
CA HIS E 39 2.98 36.46 15.23
C HIS E 39 3.80 35.30 15.81
N MET E 40 3.61 34.10 15.28
CA MET E 40 4.33 32.93 15.79
C MET E 40 4.97 32.10 14.69
N CYS E 41 5.96 31.29 15.08
CA CYS E 41 6.66 30.42 14.15
C CYS E 41 5.80 29.20 13.81
N MET E 42 6.29 28.33 12.93
CA MET E 42 5.51 27.17 12.50
C MET E 42 5.74 25.82 13.16
N ASN E 43 6.70 25.72 14.08
CA ASN E 43 6.97 24.44 14.72
C ASN E 43 6.33 24.33 16.10
N VAL E 44 5.36 25.21 16.37
CA VAL E 44 4.64 25.25 17.63
C VAL E 44 4.08 23.90 18.09
N ASP E 45 3.43 23.17 17.18
CA ASP E 45 2.84 21.87 17.53
C ASP E 45 3.81 20.79 17.95
N VAL E 46 5.10 21.00 17.69
CA VAL E 46 6.11 20.06 18.12
C VAL E 46 6.70 20.58 19.43
N LEU E 47 7.05 21.85 19.45
CA LEU E 47 7.63 22.49 20.64
C LEU E 47 6.80 22.35 21.91
N LEU E 48 5.51 22.67 21.82
CA LEU E 48 4.65 22.60 23.00
C LEU E 48 4.50 21.21 23.62
N PRO E 49 4.06 20.21 22.84
CA PRO E 49 3.94 18.89 23.47
C PRO E 49 5.27 18.34 23.96
N THR E 50 6.36 18.72 23.29
CA THR E 50 7.68 18.25 23.71
C THR E 50 8.04 18.87 25.06
N ALA E 51 7.74 20.16 25.23
CA ALA E 51 8.04 20.85 26.48
C ALA E 51 7.21 20.27 27.62
N VAL E 52 5.96 19.90 27.32
CA VAL E 52 5.09 19.31 28.34
C VAL E 52 5.60 17.91 28.67
N CYS E 53 6.01 17.15 27.66
CA CYS E 53 6.54 15.81 27.88
C CYS E 53 7.78 15.86 28.75
N LYS E 54 8.67 16.80 28.46
CA LYS E 54 9.91 16.93 29.22
C LYS E 54 9.62 17.14 30.70
N ARG E 55 8.71 18.07 30.99
CA ARG E 55 8.36 18.38 32.37
C ARG E 55 7.64 17.23 33.06
N VAL E 56 6.75 16.54 32.33
CA VAL E 56 6.06 15.42 32.92
C VAL E 56 7.08 14.31 33.20
N ALA E 57 7.94 14.07 32.22
CA ALA E 57 8.97 13.02 32.34
C ALA E 57 9.86 13.26 33.56
N GLU E 58 10.28 14.50 33.76
CA GLU E 58 11.12 14.85 34.89
C GLU E 58 10.43 14.47 36.20
N ARG E 59 9.14 14.78 36.31
CA ARG E 59 8.39 14.48 37.52
C ARG E 59 8.07 13.01 37.78
N ILE E 60 7.75 12.24 36.74
CA ILE E 60 7.39 10.84 36.94
C ILE E 60 8.48 9.82 36.62
N GLY E 61 9.65 10.31 36.20
CA GLY E 61 10.74 9.40 35.89
C GLY E 61 10.54 8.64 34.58
N ALA E 62 10.02 9.34 33.57
CA ALA E 62 9.79 8.73 32.27
C ALA E 62 10.82 9.21 31.25
N LEU E 63 10.78 8.64 30.05
CA LEU E 63 11.70 9.02 28.98
C LEU E 63 10.93 9.52 27.76
N VAL E 64 11.53 10.47 27.05
CA VAL E 64 10.90 11.07 25.89
C VAL E 64 11.61 10.75 24.58
N MET E 65 10.85 10.19 23.65
CA MET E 65 11.36 9.81 22.32
C MET E 65 11.39 11.04 21.41
N PRO E 66 12.18 10.99 20.32
CA PRO E 66 12.24 12.12 19.39
C PRO E 66 10.82 12.33 18.87
N GLY E 67 10.37 13.58 18.79
CA GLY E 67 9.02 13.84 18.35
C GLY E 67 8.77 13.77 16.85
N LEU E 68 7.51 13.51 16.48
CA LEU E 68 7.17 13.46 15.05
C LEU E 68 7.02 14.93 14.66
N GLN E 69 7.86 15.36 13.72
CA GLN E 69 7.92 16.73 13.25
C GLN E 69 6.85 17.14 12.25
N TYR E 70 6.31 16.17 11.51
CA TYR E 70 5.29 16.46 10.51
C TYR E 70 4.03 15.66 10.82
N GLY E 71 2.87 16.31 10.74
CA GLY E 71 1.62 15.66 11.05
C GLY E 71 0.62 15.67 9.90
N TYR E 72 -0.61 15.27 10.18
CA TYR E 72 -1.62 15.22 9.14
C TYR E 72 -2.04 16.60 8.62
N LYS E 73 -2.59 16.58 7.41
CA LYS E 73 -3.04 17.78 6.71
C LYS E 73 -3.91 18.69 7.57
N SER E 74 -3.53 19.97 7.59
CA SER E 74 -4.25 20.98 8.34
C SER E 74 -5.67 21.11 7.78
N GLN E 75 -6.66 21.15 8.68
CA GLN E 75 -8.04 21.30 8.25
C GLN E 75 -8.51 22.72 8.56
N GLN E 76 -9.33 23.26 7.66
CA GLN E 76 -9.83 24.62 7.80
C GLN E 76 -10.39 24.97 9.18
N LYS E 77 -11.31 24.16 9.68
CA LYS E 77 -11.94 24.41 10.97
C LYS E 77 -11.08 24.24 12.21
N SER E 78 -9.87 23.69 12.07
CA SER E 78 -9.02 23.48 13.23
C SER E 78 -7.56 23.92 13.06
N GLY E 79 -7.16 24.22 11.84
CA GLY E 79 -5.79 24.64 11.62
C GLY E 79 -5.62 25.66 10.51
N GLY E 80 -6.74 26.14 9.96
CA GLY E 80 -6.69 27.13 8.92
C GLY E 80 -6.80 26.58 7.50
N GLY E 81 -6.30 25.37 7.27
CA GLY E 81 -6.36 24.78 5.95
C GLY E 81 -4.98 24.45 5.41
N ASN E 82 -4.89 23.40 4.60
CA ASN E 82 -3.60 22.99 4.07
C ASN E 82 -3.16 23.74 2.82
N HIS E 83 -3.84 24.85 2.50
CA HIS E 83 -3.48 25.63 1.33
C HIS E 83 -2.42 26.70 1.68
N PHE E 84 -2.18 26.90 2.97
CA PHE E 84 -1.20 27.89 3.42
C PHE E 84 0.24 27.50 3.13
N PRO E 85 1.10 28.49 2.86
CA PRO E 85 2.51 28.21 2.60
C PRO E 85 3.09 27.76 3.93
N GLY E 86 4.25 27.11 3.92
CA GLY E 86 4.86 26.68 5.17
C GLY E 86 4.32 25.38 5.72
N THR E 87 3.00 25.29 5.85
CA THR E 87 2.39 24.07 6.35
C THR E 87 2.87 22.92 5.46
N THR E 88 3.51 21.92 6.07
CA THR E 88 4.05 20.76 5.35
C THR E 88 3.45 19.52 5.99
N SER E 89 2.45 18.94 5.32
CA SER E 89 1.74 17.80 5.88
C SER E 89 1.97 16.43 5.23
N LEU E 90 1.75 15.40 6.04
CA LEU E 90 1.91 14.02 5.57
C LEU E 90 0.53 13.45 5.24
N ASP E 91 0.53 12.38 4.43
CA ASP E 91 -0.72 11.69 4.11
C ASP E 91 -1.02 10.86 5.34
N GLY E 92 -2.28 10.49 5.53
CA GLY E 92 -2.66 9.70 6.69
C GLY E 92 -1.91 8.38 6.79
N ALA E 93 -1.73 7.69 5.66
CA ALA E 93 -1.03 6.41 5.66
C ALA E 93 0.40 6.53 6.16
N THR E 94 1.04 7.66 5.83
CA THR E 94 2.41 7.91 6.24
C THR E 94 2.53 8.11 7.75
N LEU E 95 1.65 8.93 8.33
CA LEU E 95 1.66 9.19 9.76
C LEU E 95 1.31 7.91 10.53
N THR E 96 0.28 7.22 10.06
CA THR E 96 -0.14 5.97 10.68
C THR E 96 1.01 4.97 10.68
N GLY E 97 1.66 4.85 9.52
CA GLY E 97 2.78 3.92 9.39
C GLY E 97 3.96 4.26 10.28
N THR E 98 4.21 5.55 10.48
CA THR E 98 5.30 5.99 11.33
C THR E 98 5.05 5.58 12.77
N VAL E 99 3.83 5.83 13.25
CA VAL E 99 3.45 5.46 14.61
C VAL E 99 3.53 3.94 14.78
N GLN E 100 3.05 3.21 13.78
CA GLN E 100 3.07 1.77 13.79
C GLN E 100 4.50 1.22 13.89
N ASP E 101 5.40 1.74 13.07
CA ASP E 101 6.79 1.30 13.08
C ASP E 101 7.44 1.54 14.43
N ILE E 102 7.21 2.73 15.00
CA ILE E 102 7.81 3.07 16.28
C ILE E 102 7.35 2.15 17.40
N ILE E 103 6.06 1.87 17.45
CA ILE E 103 5.53 0.98 18.49
C ILE E 103 6.13 -0.42 18.35
N ARG E 104 6.25 -0.90 17.11
CA ARG E 104 6.82 -2.21 16.84
C ARG E 104 8.24 -2.29 17.43
N GLU E 105 9.03 -1.25 17.17
CA GLU E 105 10.41 -1.19 17.64
C GLU E 105 10.52 -1.11 19.15
N LEU E 106 9.71 -0.24 19.77
CA LEU E 106 9.74 -0.10 21.22
C LEU E 106 9.43 -1.45 21.87
N ALA E 107 8.48 -2.17 21.27
CA ALA E 107 8.10 -3.49 21.79
C ALA E 107 9.30 -4.43 21.66
N ARG E 108 10.03 -4.31 20.56
CA ARG E 108 11.21 -5.15 20.35
C ARG E 108 12.22 -4.87 21.46
N HIS E 109 12.30 -3.61 21.90
CA HIS E 109 13.22 -3.22 22.96
C HIS E 109 12.83 -3.85 24.28
N GLY E 110 11.54 -4.19 24.39
CA GLY E 110 11.04 -4.75 25.63
C GLY E 110 10.17 -3.77 26.38
N ALA E 111 9.98 -2.58 25.80
CA ALA E 111 9.14 -1.57 26.45
C ALA E 111 7.69 -2.00 26.29
N ARG E 112 6.84 -1.60 27.24
CA ARG E 112 5.42 -2.00 27.19
C ARG E 112 4.47 -0.89 27.62
N ARG E 113 5.01 0.30 27.85
CA ARG E 113 4.20 1.44 28.28
C ARG E 113 4.54 2.66 27.43
N LEU E 114 3.56 3.14 26.67
CA LEU E 114 3.79 4.27 25.80
C LEU E 114 2.71 5.34 25.93
N VAL E 115 3.15 6.59 25.95
CA VAL E 115 2.23 7.72 26.01
C VAL E 115 2.46 8.53 24.75
N LEU E 116 1.42 8.70 23.96
CA LEU E 116 1.53 9.50 22.74
C LEU E 116 0.89 10.84 23.07
N MET E 117 1.68 11.91 23.06
CA MET E 117 1.14 13.22 23.37
C MET E 117 1.02 14.04 22.10
N ASN E 118 -0.22 14.21 21.66
CA ASN E 118 -0.51 14.94 20.45
C ASN E 118 -0.50 16.45 20.66
N GLY E 119 0.01 17.17 19.67
CA GLY E 119 0.06 18.62 19.75
C GLY E 119 -0.58 19.28 18.54
N HIS E 120 -1.02 18.47 17.58
CA HIS E 120 -1.67 18.97 16.36
C HIS E 120 -3.04 18.30 16.27
N TYR E 121 -4.08 19.12 16.43
CA TYR E 121 -5.47 18.67 16.43
C TYR E 121 -5.81 17.55 15.45
N GLU E 122 -5.46 17.75 14.19
CA GLU E 122 -5.76 16.81 13.11
C GLU E 122 -5.08 15.42 13.14
N ASN E 123 -4.05 15.25 13.98
CA ASN E 123 -3.34 13.97 14.03
C ASN E 123 -4.09 12.82 14.68
N SER E 124 -4.96 13.16 15.63
CA SER E 124 -5.69 12.17 16.42
C SER E 124 -6.11 10.83 15.82
N MET E 125 -6.96 10.84 14.80
CA MET E 125 -7.42 9.57 14.24
C MET E 125 -6.36 8.74 13.54
N PHE E 126 -5.31 9.38 13.03
CA PHE E 126 -4.27 8.62 12.36
C PHE E 126 -3.33 8.00 13.39
N ILE E 127 -3.22 8.64 14.55
CA ILE E 127 -2.41 8.11 15.64
C ILE E 127 -3.17 6.87 16.11
N VAL E 128 -4.48 7.01 16.25
CA VAL E 128 -5.34 5.90 16.69
C VAL E 128 -5.20 4.69 15.77
N GLU E 129 -5.22 4.92 14.46
CA GLU E 129 -5.08 3.81 13.52
C GLU E 129 -3.69 3.17 13.61
N GLY E 130 -2.66 4.00 13.78
CA GLY E 130 -1.31 3.48 13.91
C GLY E 130 -1.21 2.57 15.12
N ILE E 131 -1.85 2.97 16.21
CA ILE E 131 -1.83 2.18 17.45
C ILE E 131 -2.54 0.85 17.24
N ASP E 132 -3.71 0.88 16.62
CA ASP E 132 -4.46 -0.35 16.39
C ASP E 132 -3.69 -1.34 15.53
N LEU E 133 -3.08 -0.85 14.45
CA LEU E 133 -2.34 -1.73 13.57
C LEU E 133 -1.10 -2.30 14.28
N ALA E 134 -0.48 -1.50 15.13
CA ALA E 134 0.70 -1.96 15.87
C ALA E 134 0.29 -3.04 16.88
N LEU E 135 -0.79 -2.81 17.62
CA LEU E 135 -1.24 -3.78 18.60
C LEU E 135 -1.70 -5.07 17.93
N ARG E 136 -2.29 -4.93 16.74
CA ARG E 136 -2.73 -6.09 15.98
C ARG E 136 -1.51 -6.98 15.70
N GLU E 137 -0.43 -6.38 15.21
CA GLU E 137 0.78 -7.12 14.90
C GLU E 137 1.40 -7.75 16.15
N LEU E 138 1.40 -7.00 17.25
CA LEU E 138 1.97 -7.53 18.49
C LEU E 138 1.20 -8.77 18.91
N ARG E 139 -0.11 -8.76 18.69
CA ARG E 139 -0.92 -9.92 19.05
C ARG E 139 -0.49 -11.13 18.22
N TYR E 140 -0.15 -10.91 16.95
CA TYR E 140 0.29 -12.01 16.09
C TYR E 140 1.54 -12.63 16.70
N ALA E 141 2.34 -11.78 17.36
CA ALA E 141 3.58 -12.21 17.99
C ALA E 141 3.34 -12.74 19.41
N GLY E 142 2.07 -12.89 19.77
CA GLY E 142 1.74 -13.38 21.10
C GLY E 142 1.90 -12.35 22.20
N ILE E 143 2.15 -11.10 21.83
CA ILE E 143 2.32 -10.03 22.80
C ILE E 143 1.04 -9.25 23.03
N GLN E 144 0.56 -9.26 24.27
CA GLN E 144 -0.67 -8.54 24.61
C GLN E 144 -0.54 -7.65 25.84
N ASP E 145 0.69 -7.43 26.30
CA ASP E 145 0.90 -6.60 27.48
C ASP E 145 1.41 -5.19 27.17
N PHE E 146 1.39 -4.81 25.90
CA PHE E 146 1.83 -3.47 25.53
C PHE E 146 0.59 -2.58 25.69
N LYS E 147 0.74 -1.47 26.41
CA LYS E 147 -0.38 -0.58 26.67
C LYS E 147 -0.05 0.84 26.22
N VAL E 148 -1.00 1.49 25.54
CA VAL E 148 -0.79 2.83 25.05
C VAL E 148 -1.83 3.82 25.58
N VAL E 149 -1.35 4.99 25.98
CA VAL E 149 -2.21 6.07 26.45
C VAL E 149 -2.00 7.18 25.43
N VAL E 150 -3.09 7.68 24.85
CA VAL E 150 -2.97 8.75 23.89
C VAL E 150 -3.79 9.94 24.36
N LEU E 151 -3.25 11.14 24.18
CA LEU E 151 -3.95 12.33 24.62
C LEU E 151 -3.45 13.58 23.91
N SER E 152 -4.29 14.61 23.89
CA SER E 152 -3.91 15.91 23.33
C SER E 152 -3.81 16.70 24.63
N TYR E 153 -2.64 17.27 24.89
CA TYR E 153 -2.39 17.99 26.14
C TYR E 153 -3.41 19.04 26.60
N TRP E 154 -4.01 19.76 25.66
CA TRP E 154 -4.98 20.78 26.03
C TRP E 154 -6.25 20.25 26.68
N ASP E 155 -6.58 18.98 26.41
CA ASP E 155 -7.78 18.41 27.01
C ASP E 155 -7.71 18.36 28.54
N PHE E 156 -6.51 18.51 29.09
CA PHE E 156 -6.35 18.48 30.54
C PHE E 156 -6.68 19.81 31.23
N VAL E 157 -6.86 20.85 30.44
CA VAL E 157 -7.23 22.16 30.99
C VAL E 157 -8.76 22.15 31.02
N LYS E 158 -9.33 21.65 32.12
CA LYS E 158 -10.78 21.51 32.26
C LYS E 158 -11.41 22.37 33.34
N ASP E 159 -10.67 22.67 34.40
CA ASP E 159 -11.21 23.46 35.49
C ASP E 159 -11.89 24.76 35.04
N PRO E 160 -13.20 24.91 35.33
CA PRO E 160 -13.97 26.10 34.96
C PRO E 160 -13.25 27.40 35.34
N ALA E 161 -12.72 27.43 36.56
CA ALA E 161 -12.01 28.61 37.05
C ALA E 161 -10.83 28.95 36.15
N VAL E 162 -10.05 27.94 35.80
CA VAL E 162 -8.89 28.13 34.94
C VAL E 162 -9.34 28.63 33.57
N ILE E 163 -10.35 27.97 33.01
CA ILE E 163 -10.88 28.34 31.71
C ILE E 163 -11.30 29.81 31.66
N GLN E 164 -11.96 30.28 32.70
CA GLN E 164 -12.40 31.67 32.76
C GLN E 164 -11.20 32.61 32.82
N GLN E 165 -10.18 32.24 33.58
CA GLN E 165 -8.98 33.07 33.70
C GLN E 165 -8.31 33.19 32.33
N LEU E 166 -8.34 32.11 31.55
CA LEU E 166 -7.72 32.11 30.22
C LEU E 166 -8.57 32.80 29.15
N TYR E 167 -9.89 32.59 29.19
CA TYR E 167 -10.78 33.18 28.21
C TYR E 167 -11.95 33.92 28.86
N PRO E 168 -11.69 35.13 29.38
CA PRO E 168 -12.72 35.94 30.04
C PRO E 168 -13.98 36.13 29.20
N GLU E 169 -13.83 36.08 27.89
CA GLU E 169 -14.95 36.26 26.98
C GLU E 169 -15.70 34.96 26.67
N GLY E 170 -15.18 33.83 27.17
CA GLY E 170 -15.83 32.56 26.93
C GLY E 170 -14.98 31.56 26.16
N PHE E 171 -15.11 30.27 26.51
CA PHE E 171 -14.35 29.22 25.84
C PHE E 171 -14.82 29.08 24.40
N LEU E 172 -13.87 29.07 23.47
CA LEU E 172 -14.18 28.98 22.05
C LEU E 172 -14.17 27.57 21.46
N GLY E 173 -13.64 26.61 22.20
CA GLY E 173 -13.55 25.25 21.70
C GLY E 173 -12.11 25.03 21.28
N TRP E 174 -11.57 23.86 21.55
CA TRP E 174 -10.18 23.58 21.20
C TRP E 174 -9.88 23.64 19.71
N ASP E 175 -10.87 23.39 18.86
CA ASP E 175 -10.61 23.45 17.43
C ASP E 175 -10.26 24.85 16.94
N ILE E 176 -10.97 25.88 17.38
CA ILE E 176 -10.63 27.21 16.90
C ILE E 176 -9.50 27.85 17.71
N GLU E 177 -8.93 27.07 18.62
CA GLU E 177 -7.80 27.56 19.42
C GLU E 177 -6.51 27.31 18.66
N HIS E 178 -6.50 27.70 17.39
CA HIS E 178 -5.30 27.54 16.57
C HIS E 178 -4.62 28.89 16.44
N GLY E 179 -3.46 29.02 17.07
CA GLY E 179 -2.73 30.27 17.02
C GLY E 179 -3.39 31.35 17.87
N GLY E 180 -4.26 30.92 18.78
CA GLY E 180 -4.96 31.86 19.64
C GLY E 180 -4.30 32.10 20.98
N VAL E 181 -5.11 32.38 22.00
CA VAL E 181 -4.62 32.65 23.35
C VAL E 181 -3.88 31.49 23.99
N PHE E 182 -4.42 30.29 23.86
CA PHE E 182 -3.83 29.11 24.47
C PHE E 182 -2.40 28.82 23.99
N GLU E 183 -2.23 28.62 22.70
CA GLU E 183 -0.90 28.31 22.17
C GLU E 183 0.09 29.47 22.28
N THR E 184 -0.38 30.69 22.02
CA THR E 184 0.49 31.85 22.09
C THR E 184 0.97 32.11 23.51
N SER E 185 0.11 31.91 24.50
CA SER E 185 0.49 32.12 25.89
C SER E 185 1.58 31.12 26.28
N LEU E 186 1.41 29.85 25.94
CA LEU E 186 2.41 28.84 26.26
C LEU E 186 3.74 29.21 25.61
N MET E 187 3.69 29.65 24.35
CA MET E 187 4.90 30.03 23.65
C MET E 187 5.56 31.24 24.33
N LEU E 188 4.75 32.16 24.84
CA LEU E 188 5.29 33.34 25.51
C LEU E 188 6.04 32.94 26.78
N ALA E 189 5.52 31.91 27.45
CA ALA E 189 6.13 31.42 28.68
C ALA E 189 7.34 30.53 28.41
N LEU E 190 7.33 29.83 27.28
CA LEU E 190 8.42 28.90 26.94
C LEU E 190 9.46 29.38 25.93
N TYR E 191 9.00 30.01 24.86
CA TYR E 191 9.91 30.48 23.81
C TYR E 191 9.52 31.88 23.33
N PRO E 192 9.60 32.88 24.22
CA PRO E 192 9.24 34.26 23.89
C PRO E 192 9.90 34.85 22.63
N ASP E 193 11.10 34.41 22.31
CA ASP E 193 11.79 34.92 21.13
C ASP E 193 11.11 34.51 19.83
N LEU E 194 10.30 33.47 19.89
CA LEU E 194 9.59 32.97 18.71
C LEU E 194 8.20 33.57 18.56
N VAL E 195 7.90 34.58 19.38
CA VAL E 195 6.60 35.24 19.34
C VAL E 195 6.77 36.75 19.31
N ASP E 196 5.94 37.42 18.50
CA ASP E 196 5.95 38.88 18.42
C ASP E 196 4.48 39.26 18.52
N LEU E 197 3.99 39.40 19.74
CA LEU E 197 2.60 39.73 19.97
C LEU E 197 2.13 40.98 19.24
N ASP E 198 3.05 41.88 18.91
CA ASP E 198 2.70 43.10 18.20
C ASP E 198 2.19 42.84 16.80
N ARG E 199 2.52 41.66 16.26
CA ARG E 199 2.09 41.32 14.90
C ARG E 199 0.75 40.59 14.87
N VAL E 200 0.16 40.37 16.04
CA VAL E 200 -1.13 39.70 16.12
C VAL E 200 -2.23 40.50 15.42
N VAL E 201 -3.07 39.79 14.66
CA VAL E 201 -4.19 40.43 13.97
C VAL E 201 -5.41 40.08 14.81
N ASP E 202 -5.98 41.09 15.46
CA ASP E 202 -7.12 40.91 16.36
C ASP E 202 -8.48 40.78 15.68
N HIS E 203 -8.70 39.66 14.99
CA HIS E 203 -9.97 39.42 14.31
C HIS E 203 -10.92 38.62 15.22
N PRO E 204 -12.22 38.66 14.92
CA PRO E 204 -13.18 37.91 15.75
C PRO E 204 -13.00 36.41 15.52
N PRO E 205 -13.40 35.58 16.48
CA PRO E 205 -13.27 34.12 16.36
C PRO E 205 -13.87 33.60 15.06
N ALA E 206 -13.17 32.68 14.40
CA ALA E 206 -13.66 32.12 13.15
C ALA E 206 -14.94 31.33 13.39
N THR E 207 -15.87 31.40 12.44
CA THR E 207 -17.12 30.67 12.52
C THR E 207 -17.32 29.96 11.19
N PHE E 208 -17.92 28.77 11.23
CA PHE E 208 -18.15 28.00 10.02
C PHE E 208 -19.54 27.35 10.02
N PRO E 209 -20.08 27.08 8.82
CA PRO E 209 -21.40 26.44 8.74
C PRO E 209 -21.24 25.01 9.23
N PRO E 210 -22.35 24.28 9.42
CA PRO E 210 -22.26 22.90 9.90
C PRO E 210 -21.81 21.87 8.85
N TYR E 211 -20.84 22.24 8.03
CA TYR E 211 -20.33 21.34 6.99
C TYR E 211 -18.98 21.82 6.48
N ASP E 212 -18.28 20.96 5.74
CA ASP E 212 -16.98 21.30 5.18
C ASP E 212 -17.00 21.28 3.66
N VAL E 213 -16.15 22.11 3.06
CA VAL E 213 -16.07 22.19 1.61
C VAL E 213 -14.64 21.94 1.12
N PHE E 214 -14.52 21.11 0.09
CA PHE E 214 -13.25 20.77 -0.53
C PHE E 214 -13.43 20.93 -2.04
N PRO E 215 -12.45 21.50 -2.75
CA PRO E 215 -11.17 22.01 -2.25
C PRO E 215 -11.41 23.10 -1.21
N VAL E 216 -10.51 23.20 -0.24
CA VAL E 216 -10.65 24.21 0.80
C VAL E 216 -10.72 25.60 0.17
N ASP E 217 -11.68 26.39 0.63
CA ASP E 217 -11.91 27.75 0.16
C ASP E 217 -11.19 28.73 1.10
N PRO E 218 -10.07 29.31 0.63
CA PRO E 218 -9.26 30.27 1.40
C PRO E 218 -10.03 31.40 2.04
N ALA E 219 -11.09 31.84 1.38
CA ALA E 219 -11.90 32.93 1.87
C ALA E 219 -12.59 32.64 3.20
N ARG E 220 -12.82 31.35 3.49
CA ARG E 220 -13.51 30.98 4.73
C ARG E 220 -12.60 30.88 5.96
N THR E 221 -11.33 31.21 5.79
CA THR E 221 -10.37 31.19 6.90
C THR E 221 -9.89 32.64 7.11
N PRO E 222 -9.76 33.07 8.38
CA PRO E 222 -9.28 34.44 8.58
C PRO E 222 -7.94 34.58 7.85
N ALA E 223 -7.77 35.70 7.16
CA ALA E 223 -6.56 35.97 6.39
C ALA E 223 -5.23 35.64 7.07
N PRO E 224 -5.09 35.99 8.36
CA PRO E 224 -3.82 35.69 9.05
C PRO E 224 -3.54 34.19 9.24
N GLY E 225 -4.58 33.37 9.16
CA GLY E 225 -4.38 31.94 9.33
C GLY E 225 -4.81 31.46 10.70
N THR E 226 -4.92 32.39 11.63
CA THR E 226 -5.34 32.08 12.99
C THR E 226 -6.85 31.91 13.02
N LEU E 227 -7.35 31.08 13.93
CA LEU E 227 -8.79 30.88 14.03
C LEU E 227 -9.37 31.74 15.16
N SER E 228 -8.49 32.29 16.00
CA SER E 228 -8.91 33.17 17.08
C SER E 228 -7.74 34.09 17.46
N SER E 229 -8.05 35.27 17.97
CA SER E 229 -7.05 36.26 18.34
C SER E 229 -6.24 35.96 19.60
N ALA E 230 -4.93 36.12 19.51
CA ALA E 230 -4.04 35.89 20.65
C ALA E 230 -3.69 37.21 21.33
N LYS E 231 -4.45 38.26 21.04
CA LYS E 231 -4.20 39.57 21.62
C LYS E 231 -4.01 39.55 23.12
N THR E 232 -4.89 38.85 23.84
CA THR E 232 -4.79 38.78 25.30
C THR E 232 -3.86 37.69 25.83
N ALA E 233 -3.04 37.13 24.95
CA ALA E 233 -2.11 36.08 25.37
C ALA E 233 -1.04 36.67 26.29
N SER E 234 -0.56 35.88 27.24
CA SER E 234 0.46 36.36 28.16
C SER E 234 1.29 35.23 28.77
N ARG E 235 2.51 35.55 29.16
CA ARG E 235 3.41 34.59 29.78
C ARG E 235 2.74 34.05 31.03
N GLU E 236 2.02 34.91 31.73
CA GLU E 236 1.32 34.53 32.95
C GLU E 236 0.29 33.44 32.67
N LYS E 237 -0.45 33.60 31.58
CA LYS E 237 -1.44 32.59 31.22
C LYS E 237 -0.72 31.32 30.82
N GLY E 238 0.43 31.49 30.16
CA GLY E 238 1.22 30.34 29.74
C GLY E 238 1.68 29.50 30.91
N GLU E 239 2.13 30.16 31.97
CA GLU E 239 2.61 29.46 33.16
C GLU E 239 1.48 28.70 33.85
N LEU E 240 0.28 29.28 33.82
CA LEU E 240 -0.88 28.65 34.44
C LEU E 240 -1.23 27.38 33.68
N ILE E 241 -1.29 27.49 32.35
CA ILE E 241 -1.60 26.36 31.49
C ILE E 241 -0.58 25.24 31.70
N LEU E 242 0.69 25.61 31.67
CA LEU E 242 1.77 24.64 31.83
C LEU E 242 1.64 23.85 33.12
N GLU E 243 1.39 24.52 34.23
CA GLU E 243 1.26 23.82 35.49
C GLU E 243 0.05 22.91 35.51
N VAL E 244 -1.06 23.37 34.94
CA VAL E 244 -2.27 22.53 34.91
C VAL E 244 -2.04 21.28 34.08
N CYS E 245 -1.48 21.46 32.88
CA CYS E 245 -1.21 20.32 32.00
C CYS E 245 -0.22 19.33 32.57
N VAL E 246 0.93 19.82 33.02
CA VAL E 246 1.94 18.93 33.57
C VAL E 246 1.42 18.13 34.75
N GLN E 247 0.78 18.80 35.70
CA GLN E 247 0.25 18.12 36.88
C GLN E 247 -0.84 17.12 36.49
N GLY E 248 -1.79 17.56 35.67
CA GLY E 248 -2.86 16.66 35.27
C GLY E 248 -2.38 15.43 34.54
N ILE E 249 -1.45 15.62 33.60
CA ILE E 249 -0.91 14.51 32.83
C ILE E 249 -0.04 13.60 33.69
N ALA E 250 0.80 14.21 34.53
CA ALA E 250 1.66 13.42 35.41
C ALA E 250 0.79 12.52 36.27
N ASP E 251 -0.30 13.06 36.80
CA ASP E 251 -1.20 12.27 37.63
C ASP E 251 -1.87 11.15 36.84
N ALA E 252 -2.33 11.47 35.63
CA ALA E 252 -3.00 10.48 34.80
C ALA E 252 -2.06 9.32 34.45
N ILE E 253 -0.81 9.64 34.10
CA ILE E 253 0.14 8.59 33.76
C ILE E 253 0.47 7.73 34.96
N ARG E 254 0.59 8.35 36.13
CA ARG E 254 0.89 7.60 37.35
C ARG E 254 -0.24 6.63 37.64
N GLU E 255 -1.46 7.00 37.27
CA GLU E 255 -2.63 6.14 37.50
C GLU E 255 -2.70 4.99 36.49
N GLU E 256 -2.41 5.27 35.23
CA GLU E 256 -2.47 4.24 34.21
C GLU E 256 -1.23 3.35 34.20
N PHE E 257 -0.08 3.92 34.54
CA PHE E 257 1.18 3.17 34.58
C PHE E 257 1.81 3.26 35.98
N PRO E 258 1.18 2.63 36.96
CA PRO E 258 1.69 2.65 38.34
C PRO E 258 3.05 1.96 38.48
N PRO E 259 3.92 2.49 39.36
CA PRO E 259 5.26 1.96 39.61
C PRO E 259 5.21 0.48 39.97
N LYS F 3 -40.30 9.41 -10.06
CA LYS F 3 -38.90 9.01 -10.42
C LYS F 3 -38.07 8.82 -9.16
N SER F 4 -37.33 7.72 -9.10
CA SER F 4 -36.50 7.44 -7.93
C SER F 4 -35.35 8.43 -7.81
N VAL F 5 -34.92 8.68 -6.58
CA VAL F 5 -33.80 9.59 -6.36
C VAL F 5 -32.53 8.77 -6.13
N PHE F 6 -32.66 7.45 -6.17
CA PHE F 6 -31.52 6.56 -5.95
C PHE F 6 -30.86 6.15 -7.27
N VAL F 7 -29.58 6.43 -7.39
CA VAL F 7 -28.81 6.09 -8.59
C VAL F 7 -28.93 4.60 -8.91
N GLY F 8 -28.90 3.77 -7.88
CA GLY F 8 -29.00 2.33 -8.09
C GLY F 8 -30.30 1.90 -8.74
N GLU F 9 -31.34 2.70 -8.61
CA GLU F 9 -32.64 2.37 -9.20
C GLU F 9 -32.89 3.00 -10.55
N LEU F 10 -31.87 3.66 -11.11
CA LEU F 10 -31.97 4.29 -12.42
C LEU F 10 -31.23 3.45 -13.46
N THR F 11 -31.52 3.69 -14.74
CA THR F 11 -30.83 2.99 -15.81
C THR F 11 -29.62 3.88 -16.08
N TRP F 12 -28.59 3.35 -16.74
CA TRP F 12 -27.43 4.18 -17.00
C TRP F 12 -27.80 5.35 -17.92
N LYS F 13 -28.83 5.16 -18.74
CA LYS F 13 -29.27 6.22 -19.64
C LYS F 13 -29.89 7.36 -18.84
N GLU F 14 -30.76 7.00 -17.89
CA GLU F 14 -31.41 7.99 -17.04
C GLU F 14 -30.35 8.75 -16.24
N TYR F 15 -29.38 8.01 -15.71
CA TYR F 15 -28.30 8.60 -14.94
C TYR F 15 -27.49 9.56 -15.81
N GLU F 16 -27.11 9.09 -16.99
CA GLU F 16 -26.33 9.90 -17.92
C GLU F 16 -27.03 11.24 -18.20
N ALA F 17 -28.32 11.17 -18.46
CA ALA F 17 -29.11 12.37 -18.76
C ALA F 17 -29.09 13.37 -17.61
N ARG F 18 -29.20 12.87 -16.39
CA ARG F 18 -29.21 13.74 -15.21
C ARG F 18 -27.86 14.42 -15.01
N VAL F 19 -26.78 13.72 -15.30
CA VAL F 19 -25.46 14.33 -15.16
C VAL F 19 -25.27 15.34 -16.28
N ALA F 20 -25.82 15.02 -17.46
CA ALA F 20 -25.72 15.90 -18.62
C ALA F 20 -26.33 17.28 -18.31
N ALA F 21 -27.28 17.32 -17.39
CA ALA F 21 -27.93 18.56 -16.99
C ALA F 21 -26.89 19.61 -16.61
N GLY F 22 -25.71 19.14 -16.21
CA GLY F 22 -24.63 20.05 -15.86
C GLY F 22 -24.61 20.63 -14.47
N ASP F 23 -25.63 20.34 -13.66
CA ASP F 23 -25.66 20.87 -12.30
C ASP F 23 -26.15 19.81 -11.31
N CYS F 24 -26.03 18.55 -11.71
CA CYS F 24 -26.49 17.46 -10.86
C CYS F 24 -25.71 17.29 -9.56
N VAL F 25 -26.45 17.13 -8.47
CA VAL F 25 -25.84 16.93 -7.16
C VAL F 25 -25.99 15.46 -6.77
N LEU F 26 -24.86 14.83 -6.42
CA LEU F 26 -24.88 13.44 -6.01
C LEU F 26 -24.65 13.40 -4.50
N MET F 27 -25.28 12.45 -3.83
CA MET F 27 -25.14 12.32 -2.39
C MET F 27 -24.72 10.90 -2.03
N LEU F 28 -23.76 10.79 -1.12
CA LEU F 28 -23.27 9.47 -0.70
C LEU F 28 -23.37 9.27 0.81
N PRO F 29 -24.27 8.37 1.25
CA PRO F 29 -24.42 8.09 2.68
C PRO F 29 -23.21 7.26 3.11
N VAL F 30 -22.64 7.56 4.27
CA VAL F 30 -21.50 6.81 4.76
C VAL F 30 -21.79 6.39 6.20
N GLY F 31 -22.01 5.10 6.40
CA GLY F 31 -22.35 4.64 7.74
C GLY F 31 -21.43 3.62 8.39
N ALA F 32 -22.04 2.59 8.96
CA ALA F 32 -21.30 1.54 9.65
C ALA F 32 -22.25 0.45 10.13
N LEU F 33 -21.68 -0.69 10.51
CA LEU F 33 -22.45 -1.81 11.07
C LEU F 33 -21.87 -1.77 12.48
N GLU F 34 -22.67 -1.36 13.45
CA GLU F 34 -22.16 -1.18 14.80
C GLU F 34 -23.21 -1.42 15.87
N GLN F 35 -22.76 -1.93 17.01
CA GLN F 35 -23.67 -2.18 18.13
C GLN F 35 -24.32 -0.87 18.55
N HIS F 36 -25.60 -0.95 18.89
CA HIS F 36 -26.35 0.22 19.32
C HIS F 36 -27.24 -0.10 20.52
N GLY F 37 -26.66 -0.72 21.54
CA GLY F 37 -27.41 -1.05 22.73
C GLY F 37 -28.28 -2.28 22.61
N HIS F 38 -29.05 -2.55 23.67
CA HIS F 38 -29.94 -3.71 23.72
C HIS F 38 -31.28 -3.45 23.04
N HIS F 39 -31.57 -2.19 22.77
CA HIS F 39 -32.87 -1.80 22.20
C HIS F 39 -32.94 -1.46 20.72
N MET F 40 -31.81 -1.45 20.04
CA MET F 40 -31.80 -1.05 18.64
C MET F 40 -30.90 -1.93 17.78
N CYS F 41 -31.18 -1.97 16.48
CA CYS F 41 -30.40 -2.79 15.55
C CYS F 41 -29.04 -2.16 15.23
N MET F 42 -28.22 -2.89 14.50
CA MET F 42 -26.86 -2.42 14.19
C MET F 42 -26.59 -1.65 12.90
N ASN F 43 -27.59 -1.49 12.04
CA ASN F 43 -27.37 -0.76 10.79
C ASN F 43 -27.85 0.69 10.85
N VAL F 44 -28.08 1.17 12.06
CA VAL F 44 -28.54 2.54 12.29
C VAL F 44 -27.78 3.60 11.50
N ASP F 45 -26.45 3.56 11.58
CA ASP F 45 -25.61 4.55 10.89
C ASP F 45 -25.73 4.58 9.38
N VAL F 46 -26.32 3.53 8.80
CA VAL F 46 -26.54 3.50 7.36
C VAL F 46 -27.97 3.98 7.09
N LEU F 47 -28.91 3.40 7.83
CA LEU F 47 -30.32 3.75 7.69
C LEU F 47 -30.64 5.23 7.83
N LEU F 48 -30.12 5.87 8.87
CA LEU F 48 -30.44 7.27 9.11
C LEU F 48 -29.95 8.25 8.04
N PRO F 49 -28.64 8.27 7.74
CA PRO F 49 -28.21 9.21 6.71
C PRO F 49 -28.83 8.90 5.34
N THR F 50 -29.13 7.63 5.08
CA THR F 50 -29.74 7.28 3.81
C THR F 50 -31.16 7.88 3.77
N ALA F 51 -31.89 7.76 4.88
CA ALA F 51 -33.26 8.29 4.92
C ALA F 51 -33.23 9.81 4.77
N VAL F 52 -32.25 10.46 5.39
CA VAL F 52 -32.13 11.92 5.28
C VAL F 52 -31.76 12.29 3.85
N CYS F 53 -30.80 11.58 3.27
CA CYS F 53 -30.39 11.85 1.89
C CYS F 53 -31.58 11.74 0.95
N LYS F 54 -32.37 10.68 1.13
CA LYS F 54 -33.53 10.45 0.27
C LYS F 54 -34.47 11.65 0.29
N ARG F 55 -34.81 12.11 1.50
CA ARG F 55 -35.72 13.24 1.64
C ARG F 55 -35.14 14.55 1.11
N VAL F 56 -33.85 14.79 1.36
CA VAL F 56 -33.22 16.00 0.85
C VAL F 56 -33.21 15.94 -0.68
N ALA F 57 -32.82 14.78 -1.22
CA ALA F 57 -32.75 14.59 -2.67
C ALA F 57 -34.12 14.82 -3.31
N GLU F 58 -35.18 14.35 -2.64
CA GLU F 58 -36.53 14.52 -3.16
C GLU F 58 -36.88 16.01 -3.26
N ARG F 59 -36.45 16.77 -2.27
CA ARG F 59 -36.76 18.19 -2.23
C ARG F 59 -35.91 19.08 -3.16
N ILE F 60 -34.63 18.76 -3.33
CA ILE F 60 -33.77 19.58 -4.18
C ILE F 60 -33.43 19.01 -5.55
N GLY F 61 -33.95 17.83 -5.88
CA GLY F 61 -33.67 17.24 -7.17
C GLY F 61 -32.28 16.65 -7.32
N ALA F 62 -31.80 15.98 -6.29
CA ALA F 62 -30.48 15.36 -6.31
C ALA F 62 -30.63 13.84 -6.41
N LEU F 63 -29.52 13.14 -6.56
CA LEU F 63 -29.52 11.68 -6.64
C LEU F 63 -28.68 11.12 -5.50
N VAL F 64 -29.07 9.94 -5.01
CA VAL F 64 -28.38 9.30 -3.90
C VAL F 64 -27.67 8.01 -4.32
N MET F 65 -26.39 7.91 -4.01
CA MET F 65 -25.57 6.74 -4.35
C MET F 65 -25.73 5.65 -3.29
N PRO F 66 -25.41 4.39 -3.65
CA PRO F 66 -25.51 3.29 -2.68
C PRO F 66 -24.63 3.68 -1.49
N GLY F 67 -25.12 3.48 -0.27
CA GLY F 67 -24.35 3.86 0.89
C GLY F 67 -23.20 2.94 1.29
N LEU F 68 -22.22 3.51 1.99
CA LEU F 68 -21.11 2.69 2.47
C LEU F 68 -21.66 2.04 3.74
N GLN F 69 -21.67 0.72 3.75
CA GLN F 69 -22.23 -0.08 4.84
C GLN F 69 -21.31 -0.30 6.03
N TYR F 70 -20.00 -0.24 5.80
CA TYR F 70 -19.02 -0.45 6.85
C TYR F 70 -18.14 0.77 7.02
N GLY F 71 -17.96 1.18 8.27
CA GLY F 71 -17.15 2.36 8.56
C GLY F 71 -15.92 2.07 9.41
N TYR F 72 -15.27 3.14 9.87
CA TYR F 72 -14.09 2.99 10.68
C TYR F 72 -14.37 2.44 12.08
N LYS F 73 -13.34 1.85 12.68
CA LYS F 73 -13.43 1.25 14.02
C LYS F 73 -14.08 2.14 15.07
N SER F 74 -15.03 1.57 15.78
CA SER F 74 -15.75 2.28 16.84
C SER F 74 -14.76 2.70 17.94
N GLN F 75 -14.87 3.95 18.39
CA GLN F 75 -13.99 4.44 19.45
C GLN F 75 -14.81 4.54 20.74
N GLN F 76 -14.18 4.18 21.86
CA GLN F 76 -14.87 4.18 23.15
C GLN F 76 -15.65 5.44 23.49
N LYS F 77 -15.02 6.61 23.35
CA LYS F 77 -15.68 7.87 23.68
C LYS F 77 -16.80 8.31 22.76
N SER F 78 -16.96 7.65 21.62
CA SER F 78 -18.01 8.05 20.69
C SER F 78 -18.94 6.93 20.21
N GLY F 79 -18.48 5.68 20.28
CA GLY F 79 -19.30 4.58 19.83
C GLY F 79 -19.26 3.34 20.71
N GLY F 80 -18.68 3.47 21.90
CA GLY F 80 -18.61 2.34 22.80
C GLY F 80 -17.32 1.53 22.73
N GLY F 81 -16.72 1.43 21.54
CA GLY F 81 -15.48 0.67 21.42
C GLY F 81 -15.61 -0.46 20.41
N ASN F 82 -14.52 -0.80 19.72
CA ASN F 82 -14.57 -1.85 18.72
C ASN F 82 -14.46 -3.26 19.27
N HIS F 83 -14.56 -3.42 20.58
CA HIS F 83 -14.47 -4.74 21.20
C HIS F 83 -15.82 -5.47 21.25
N PHE F 84 -16.90 -4.77 20.95
CA PHE F 84 -18.23 -5.40 20.97
C PHE F 84 -18.46 -6.35 19.82
N PRO F 85 -19.34 -7.36 20.01
CA PRO F 85 -19.65 -8.32 18.96
C PRO F 85 -20.54 -7.55 17.99
N GLY F 86 -20.68 -8.05 16.76
CA GLY F 86 -21.53 -7.38 15.79
C GLY F 86 -20.87 -6.24 15.04
N THR F 87 -20.28 -5.30 15.78
CA THR F 87 -19.60 -4.18 15.12
C THR F 87 -18.57 -4.77 14.17
N THR F 88 -18.64 -4.38 12.90
CA THR F 88 -17.72 -4.88 11.87
C THR F 88 -17.11 -3.66 11.20
N SER F 89 -15.87 -3.37 11.56
CA SER F 89 -15.18 -2.18 11.06
C SER F 89 -14.06 -2.39 10.06
N LEU F 90 -13.86 -1.38 9.22
CA LEU F 90 -12.81 -1.39 8.20
C LEU F 90 -11.58 -0.67 8.73
N ASP F 91 -10.43 -0.97 8.13
CA ASP F 91 -9.20 -0.28 8.49
C ASP F 91 -9.33 1.08 7.81
N GLY F 92 -8.59 2.07 8.29
CA GLY F 92 -8.66 3.39 7.70
C GLY F 92 -8.34 3.45 6.21
N ALA F 93 -7.29 2.75 5.81
CA ALA F 93 -6.87 2.73 4.41
C ALA F 93 -7.97 2.21 3.50
N THR F 94 -8.75 1.25 4.01
CA THR F 94 -9.82 0.65 3.23
C THR F 94 -10.96 1.63 3.00
N LEU F 95 -11.35 2.36 4.05
CA LEU F 95 -12.43 3.32 3.93
C LEU F 95 -12.00 4.49 3.06
N THR F 96 -10.80 4.99 3.30
CA THR F 96 -10.26 6.09 2.52
C THR F 96 -10.22 5.71 1.05
N GLY F 97 -9.76 4.49 0.77
CA GLY F 97 -9.67 4.00 -0.59
C GLY F 97 -11.01 3.87 -1.28
N THR F 98 -12.05 3.49 -0.52
CA THR F 98 -13.38 3.35 -1.08
C THR F 98 -13.93 4.72 -1.49
N VAL F 99 -13.76 5.71 -0.62
CA VAL F 99 -14.23 7.06 -0.93
C VAL F 99 -13.48 7.59 -2.16
N GLN F 100 -12.17 7.38 -2.14
CA GLN F 100 -11.30 7.82 -3.23
C GLN F 100 -11.72 7.19 -4.57
N ASP F 101 -11.98 5.90 -4.57
CA ASP F 101 -12.37 5.21 -5.81
C ASP F 101 -13.72 5.74 -6.34
N ILE F 102 -14.68 5.94 -5.44
CA ILE F 102 -15.99 6.42 -5.86
C ILE F 102 -15.91 7.82 -6.47
N ILE F 103 -15.14 8.71 -5.87
CA ILE F 103 -14.99 10.05 -6.41
C ILE F 103 -14.34 10.01 -7.80
N ARG F 104 -13.34 9.14 -7.98
CA ARG F 104 -12.68 9.01 -9.28
C ARG F 104 -13.70 8.63 -10.37
N GLU F 105 -14.56 7.67 -10.05
CA GLU F 105 -15.56 7.20 -10.99
C GLU F 105 -16.63 8.26 -11.30
N LEU F 106 -17.13 8.91 -10.27
CA LEU F 106 -18.14 9.95 -10.47
C LEU F 106 -17.57 11.07 -11.36
N ALA F 107 -16.30 11.40 -11.15
CA ALA F 107 -15.66 12.43 -11.96
C ALA F 107 -15.58 11.95 -13.41
N ARG F 108 -15.28 10.66 -13.59
CA ARG F 108 -15.21 10.11 -14.93
C ARG F 108 -16.58 10.23 -15.61
N HIS F 109 -17.66 10.08 -14.84
CA HIS F 109 -19.01 10.18 -15.37
C HIS F 109 -19.29 11.62 -15.84
N GLY F 110 -18.58 12.58 -15.25
CA GLY F 110 -18.79 13.97 -15.61
C GLY F 110 -19.39 14.74 -14.45
N ALA F 111 -19.68 14.03 -13.36
CA ALA F 111 -20.26 14.67 -12.18
C ALA F 111 -19.19 15.58 -11.57
N ARG F 112 -19.63 16.67 -10.95
CA ARG F 112 -18.72 17.63 -10.33
C ARG F 112 -19.22 18.17 -9.00
N ARG F 113 -20.32 17.62 -8.51
CA ARG F 113 -20.91 18.05 -7.25
C ARG F 113 -21.25 16.85 -6.40
N LEU F 114 -20.61 16.74 -5.24
CA LEU F 114 -20.84 15.61 -4.37
C LEU F 114 -21.04 16.00 -2.92
N VAL F 115 -22.02 15.38 -2.27
CA VAL F 115 -22.27 15.63 -0.87
C VAL F 115 -22.07 14.30 -0.15
N LEU F 116 -21.16 14.25 0.80
CA LEU F 116 -20.97 13.03 1.56
C LEU F 116 -21.66 13.23 2.90
N MET F 117 -22.67 12.41 3.19
CA MET F 117 -23.39 12.54 4.45
C MET F 117 -22.98 11.41 5.39
N ASN F 118 -22.20 11.79 6.39
CA ASN F 118 -21.69 10.84 7.37
C ASN F 118 -22.71 10.54 8.45
N GLY F 119 -22.83 9.26 8.78
CA GLY F 119 -23.77 8.87 9.82
C GLY F 119 -23.06 8.17 10.98
N HIS F 120 -21.75 7.99 10.85
CA HIS F 120 -20.93 7.32 11.86
C HIS F 120 -19.79 8.25 12.25
N TYR F 121 -19.87 8.77 13.48
CA TYR F 121 -18.90 9.71 14.04
C TYR F 121 -17.44 9.49 13.64
N GLU F 122 -16.95 8.28 13.87
CA GLU F 122 -15.57 7.91 13.58
C GLU F 122 -15.09 7.92 12.13
N ASN F 123 -16.00 8.00 11.17
CA ASN F 123 -15.59 7.99 9.75
C ASN F 123 -14.95 9.29 9.28
N SER F 124 -15.33 10.40 9.90
CA SER F 124 -14.89 11.73 9.49
C SER F 124 -13.51 11.96 8.88
N MET F 125 -12.44 11.64 9.61
CA MET F 125 -11.10 11.90 9.09
C MET F 125 -10.67 11.02 7.92
N PHE F 126 -11.25 9.84 7.82
CA PHE F 126 -10.90 8.95 6.72
C PHE F 126 -11.66 9.36 5.47
N ILE F 127 -12.82 9.97 5.66
CA ILE F 127 -13.61 10.48 4.53
C ILE F 127 -12.80 11.65 4.00
N VAL F 128 -12.30 12.49 4.92
CA VAL F 128 -11.49 13.65 4.55
C VAL F 128 -10.28 13.25 3.73
N GLU F 129 -9.54 12.23 4.17
CA GLU F 129 -8.36 11.79 3.45
C GLU F 129 -8.73 11.22 2.08
N GLY F 130 -9.84 10.48 2.01
CA GLY F 130 -10.27 9.92 0.75
C GLY F 130 -10.57 11.02 -0.24
N ILE F 131 -11.21 12.08 0.25
CA ILE F 131 -11.52 13.23 -0.60
C ILE F 131 -10.24 13.87 -1.09
N ASP F 132 -9.29 14.09 -0.19
CA ASP F 132 -8.05 14.74 -0.59
C ASP F 132 -7.28 13.96 -1.66
N LEU F 133 -7.18 12.65 -1.49
CA LEU F 133 -6.47 11.82 -2.45
C LEU F 133 -7.17 11.85 -3.80
N ALA F 134 -8.50 11.87 -3.79
CA ALA F 134 -9.26 11.91 -5.04
C ALA F 134 -9.07 13.24 -5.75
N LEU F 135 -9.15 14.35 -5.00
CA LEU F 135 -8.98 15.67 -5.60
C LEU F 135 -7.54 15.82 -6.11
N ARG F 136 -6.60 15.18 -5.45
CA ARG F 136 -5.20 15.22 -5.86
C ARG F 136 -5.05 14.60 -7.24
N GLU F 137 -5.66 13.44 -7.44
CA GLU F 137 -5.58 12.76 -8.73
C GLU F 137 -6.31 13.52 -9.82
N LEU F 138 -7.41 14.19 -9.46
CA LEU F 138 -8.14 14.97 -10.45
C LEU F 138 -7.26 16.14 -10.89
N ARG F 139 -6.48 16.66 -9.95
CA ARG F 139 -5.57 17.76 -10.23
C ARG F 139 -4.48 17.33 -11.22
N TYR F 140 -4.07 16.05 -11.14
CA TYR F 140 -3.06 15.53 -12.06
C TYR F 140 -3.59 15.58 -13.50
N ALA F 141 -4.91 15.59 -13.64
CA ALA F 141 -5.55 15.64 -14.95
C ALA F 141 -6.05 17.04 -15.27
N GLY F 142 -5.57 18.03 -14.53
CA GLY F 142 -5.97 19.41 -14.76
C GLY F 142 -7.40 19.72 -14.38
N ILE F 143 -8.02 18.83 -13.62
CA ILE F 143 -9.40 19.02 -13.20
C ILE F 143 -9.46 19.61 -11.78
N GLN F 144 -10.05 20.79 -11.66
CA GLN F 144 -10.17 21.45 -10.38
C GLN F 144 -11.57 21.98 -10.11
N ASP F 145 -12.54 21.54 -10.89
CA ASP F 145 -13.90 22.01 -10.71
C ASP F 145 -14.82 21.01 -10.02
N PHE F 146 -14.24 19.94 -9.45
CA PHE F 146 -15.05 18.96 -8.73
C PHE F 146 -15.11 19.47 -7.29
N LYS F 147 -16.33 19.65 -6.79
CA LYS F 147 -16.52 20.17 -5.44
C LYS F 147 -17.23 19.19 -4.53
N VAL F 148 -16.72 19.09 -3.30
CA VAL F 148 -17.28 18.17 -2.31
C VAL F 148 -17.69 18.86 -1.02
N VAL F 149 -18.89 18.55 -0.56
CA VAL F 149 -19.41 19.07 0.70
C VAL F 149 -19.52 17.85 1.61
N VAL F 150 -18.92 17.94 2.80
CA VAL F 150 -18.97 16.84 3.75
C VAL F 150 -19.68 17.29 4.99
N LEU F 151 -20.57 16.45 5.51
CA LEU F 151 -21.31 16.80 6.71
C LEU F 151 -21.84 15.58 7.45
N SER F 152 -22.02 15.75 8.76
CA SER F 152 -22.60 14.72 9.61
C SER F 152 -23.97 15.36 9.85
N TYR F 153 -25.03 14.66 9.48
CA TYR F 153 -26.37 15.20 9.59
C TYR F 153 -26.80 15.78 10.94
N TRP F 154 -26.30 15.24 12.03
CA TRP F 154 -26.69 15.75 13.34
C TRP F 154 -26.22 17.17 13.64
N ASP F 155 -25.19 17.63 12.92
CA ASP F 155 -24.68 18.98 13.14
C ASP F 155 -25.68 20.05 12.72
N PHE F 156 -26.75 19.64 12.04
CA PHE F 156 -27.76 20.59 11.61
C PHE F 156 -28.85 20.82 12.65
N VAL F 157 -28.77 20.10 13.76
CA VAL F 157 -29.72 20.27 14.84
C VAL F 157 -28.99 21.16 15.83
N LYS F 158 -29.00 22.47 15.55
CA LYS F 158 -28.30 23.44 16.37
C LYS F 158 -29.17 24.54 16.95
N ASP F 159 -30.31 24.80 16.34
CA ASP F 159 -31.21 25.84 16.82
C ASP F 159 -31.51 25.63 18.31
N PRO F 160 -31.29 26.66 19.14
CA PRO F 160 -31.55 26.57 20.57
C PRO F 160 -32.99 26.14 20.87
N ALA F 161 -33.93 26.63 20.09
CA ALA F 161 -35.34 26.31 20.27
C ALA F 161 -35.62 24.83 19.98
N VAL F 162 -34.92 24.28 19.00
CA VAL F 162 -35.10 22.88 18.64
C VAL F 162 -34.51 22.00 19.74
N ILE F 163 -33.28 22.33 20.17
CA ILE F 163 -32.60 21.59 21.21
C ILE F 163 -33.46 21.57 22.48
N GLN F 164 -34.05 22.72 22.79
CA GLN F 164 -34.91 22.85 23.96
C GLN F 164 -36.12 21.92 23.87
N GLN F 165 -36.72 21.86 22.69
CA GLN F 165 -37.89 21.02 22.49
C GLN F 165 -37.53 19.54 22.58
N LEU F 166 -36.38 19.17 22.02
CA LEU F 166 -35.92 17.79 22.03
C LEU F 166 -35.39 17.36 23.39
N TYR F 167 -34.74 18.28 24.09
CA TYR F 167 -34.19 17.99 25.41
C TYR F 167 -34.69 19.01 26.43
N PRO F 168 -35.95 18.86 26.87
CA PRO F 168 -36.50 19.80 27.85
C PRO F 168 -35.71 19.80 29.15
N GLU F 169 -34.84 18.81 29.32
CA GLU F 169 -34.04 18.72 30.54
C GLU F 169 -32.55 18.95 30.30
N GLY F 170 -32.20 19.37 29.09
CA GLY F 170 -30.80 19.65 28.80
C GLY F 170 -30.06 18.73 27.84
N PHE F 171 -29.41 19.35 26.86
CA PHE F 171 -28.62 18.63 25.86
C PHE F 171 -27.23 18.50 26.47
N LEU F 172 -26.57 17.36 26.27
CA LEU F 172 -25.24 17.18 26.84
C LEU F 172 -24.16 16.90 25.80
N GLY F 173 -24.49 17.16 24.53
CA GLY F 173 -23.50 16.95 23.49
C GLY F 173 -23.74 15.77 22.56
N TRP F 174 -23.06 15.80 21.42
CA TRP F 174 -23.19 14.75 20.42
C TRP F 174 -22.24 13.59 20.70
N ASP F 175 -21.24 13.83 21.55
CA ASP F 175 -20.27 12.79 21.88
C ASP F 175 -20.97 11.57 22.48
N ILE F 176 -21.83 11.79 23.47
CA ILE F 176 -22.56 10.72 24.13
C ILE F 176 -23.85 10.30 23.44
N GLU F 177 -24.10 10.84 22.25
CA GLU F 177 -25.31 10.49 21.52
C GLU F 177 -25.15 9.26 20.64
N HIS F 178 -24.70 8.16 21.25
CA HIS F 178 -24.57 6.91 20.55
C HIS F 178 -25.61 5.98 21.16
N GLY F 179 -26.65 5.67 20.38
CA GLY F 179 -27.70 4.80 20.88
C GLY F 179 -28.54 5.50 21.93
N GLY F 180 -28.47 6.83 21.95
CA GLY F 180 -29.23 7.61 22.91
C GLY F 180 -30.53 8.16 22.36
N VAL F 181 -30.97 9.29 22.91
CA VAL F 181 -32.22 9.91 22.48
C VAL F 181 -32.28 10.32 21.01
N PHE F 182 -31.21 10.94 20.51
CA PHE F 182 -31.19 11.40 19.12
C PHE F 182 -31.40 10.30 18.08
N GLU F 183 -30.52 9.30 18.08
CA GLU F 183 -30.65 8.21 17.12
C GLU F 183 -31.90 7.34 17.32
N THR F 184 -32.22 7.05 18.57
CA THR F 184 -33.38 6.21 18.86
C THR F 184 -34.67 6.89 18.43
N SER F 185 -34.78 8.21 18.63
CA SER F 185 -35.97 8.94 18.22
C SER F 185 -36.14 8.89 16.70
N LEU F 186 -35.04 9.09 15.98
CA LEU F 186 -35.10 9.04 14.52
C LEU F 186 -35.57 7.66 14.07
N MET F 187 -35.03 6.62 14.69
CA MET F 187 -35.38 5.25 14.36
C MET F 187 -36.84 4.96 14.69
N LEU F 188 -37.33 5.51 15.80
CA LEU F 188 -38.73 5.31 16.18
C LEU F 188 -39.67 5.92 15.15
N ALA F 189 -39.23 7.00 14.54
CA ALA F 189 -40.04 7.69 13.54
C ALA F 189 -39.93 7.09 12.14
N LEU F 190 -38.77 6.51 11.83
CA LEU F 190 -38.54 5.93 10.51
C LEU F 190 -38.67 4.41 10.43
N TYR F 191 -38.12 3.71 11.41
CA TYR F 191 -38.16 2.24 11.43
C TYR F 191 -38.51 1.72 12.82
N PRO F 192 -39.73 2.00 13.29
CA PRO F 192 -40.20 1.57 14.61
C PRO F 192 -40.04 0.09 14.92
N ASP F 193 -40.18 -0.76 13.90
CA ASP F 193 -40.03 -2.19 14.10
C ASP F 193 -38.63 -2.62 14.49
N LEU F 194 -37.64 -1.77 14.25
CA LEU F 194 -36.26 -2.10 14.58
C LEU F 194 -35.83 -1.55 15.93
N VAL F 195 -36.79 -1.00 16.67
CA VAL F 195 -36.54 -0.44 17.99
C VAL F 195 -37.52 -1.01 19.02
N ASP F 196 -37.01 -1.35 20.20
CA ASP F 196 -37.84 -1.86 21.29
C ASP F 196 -37.42 -1.08 22.53
N LEU F 197 -38.05 0.07 22.75
CA LEU F 197 -37.72 0.90 23.90
C LEU F 197 -37.76 0.19 25.26
N ASP F 198 -38.54 -0.87 25.37
CA ASP F 198 -38.62 -1.59 26.63
C ASP F 198 -37.28 -2.23 27.04
N ARG F 199 -36.39 -2.40 26.08
CA ARG F 199 -35.09 -3.00 26.34
C ARG F 199 -34.01 -1.98 26.70
N VAL F 200 -34.36 -0.70 26.65
CA VAL F 200 -33.40 0.36 26.98
C VAL F 200 -32.90 0.23 28.41
N VAL F 201 -31.59 0.33 28.57
CA VAL F 201 -30.99 0.28 29.91
C VAL F 201 -30.73 1.74 30.28
N ASP F 202 -31.59 2.25 31.18
CA ASP F 202 -31.52 3.65 31.61
C ASP F 202 -30.37 3.98 32.56
N HIS F 203 -29.16 4.07 32.02
CA HIS F 203 -27.98 4.38 32.81
C HIS F 203 -27.63 5.87 32.69
N PRO F 204 -26.80 6.40 33.60
CA PRO F 204 -26.42 7.81 33.53
C PRO F 204 -25.47 8.04 32.35
N PRO F 205 -25.40 9.28 31.85
CA PRO F 205 -24.51 9.60 30.73
C PRO F 205 -23.06 9.21 30.97
N ALA F 206 -22.45 8.59 29.96
CA ALA F 206 -21.06 8.15 30.07
C ALA F 206 -20.11 9.34 30.17
N THR F 207 -19.06 9.17 30.97
CA THR F 207 -18.06 10.22 31.12
C THR F 207 -16.71 9.53 31.04
N PHE F 208 -15.71 10.24 30.53
CA PHE F 208 -14.38 9.67 30.40
C PHE F 208 -13.31 10.68 30.78
N PRO F 209 -12.11 10.21 31.12
CA PRO F 209 -11.01 11.09 31.49
C PRO F 209 -10.50 11.74 30.19
N PRO F 210 -9.67 12.79 30.30
CA PRO F 210 -9.15 13.47 29.11
C PRO F 210 -8.07 12.75 28.31
N TYR F 211 -8.17 11.43 28.22
CA TYR F 211 -7.21 10.63 27.47
C TYR F 211 -7.82 9.29 27.08
N ASP F 212 -7.15 8.57 26.19
CA ASP F 212 -7.66 7.26 25.76
C ASP F 212 -6.63 6.18 26.01
N VAL F 213 -7.13 4.97 26.21
CA VAL F 213 -6.26 3.84 26.48
C VAL F 213 -6.50 2.70 25.49
N PHE F 214 -5.41 2.11 25.03
CA PHE F 214 -5.45 0.98 24.09
C PHE F 214 -4.46 -0.07 24.62
N PRO F 215 -4.86 -1.35 24.65
CA PRO F 215 -6.15 -1.90 24.21
C PRO F 215 -7.28 -1.25 24.98
N VAL F 216 -8.44 -1.10 24.33
CA VAL F 216 -9.59 -0.48 24.97
C VAL F 216 -10.05 -1.30 26.17
N ASP F 217 -10.37 -0.60 27.25
CA ASP F 217 -10.83 -1.22 28.48
C ASP F 217 -12.36 -1.25 28.52
N PRO F 218 -12.95 -2.44 28.30
CA PRO F 218 -14.41 -2.65 28.29
C PRO F 218 -15.17 -2.06 29.47
N ALA F 219 -14.57 -2.10 30.65
CA ALA F 219 -15.21 -1.60 31.86
C ALA F 219 -15.54 -0.11 31.81
N ARG F 220 -14.84 0.63 30.97
CA ARG F 220 -15.05 2.08 30.88
C ARG F 220 -16.22 2.49 29.98
N THR F 221 -16.85 1.52 29.35
CA THR F 221 -18.01 1.79 28.49
C THR F 221 -19.24 1.21 29.18
N PRO F 222 -20.36 1.93 29.17
CA PRO F 222 -21.56 1.38 29.82
C PRO F 222 -21.85 -0.01 29.25
N ALA F 223 -22.14 -0.95 30.13
CA ALA F 223 -22.42 -2.33 29.74
C ALA F 223 -23.26 -2.54 28.48
N PRO F 224 -24.37 -1.79 28.34
CA PRO F 224 -25.24 -1.92 27.16
C PRO F 224 -24.58 -1.54 25.83
N GLY F 225 -23.58 -0.68 25.89
CA GLY F 225 -22.90 -0.24 24.68
C GLY F 225 -23.31 1.18 24.30
N THR F 226 -24.40 1.65 24.90
CA THR F 226 -24.89 3.00 24.65
C THR F 226 -24.10 3.99 25.53
N LEU F 227 -23.98 5.24 25.08
CA LEU F 227 -23.26 6.25 25.86
C LEU F 227 -24.21 7.18 26.62
N SER F 228 -25.50 7.03 26.36
CA SER F 228 -26.54 7.81 27.04
C SER F 228 -27.87 7.07 26.89
N SER F 229 -28.77 7.26 27.85
CA SER F 229 -30.07 6.60 27.86
C SER F 229 -31.09 7.16 26.86
N ALA F 230 -31.74 6.27 26.12
CA ALA F 230 -32.75 6.66 25.13
C ALA F 230 -34.14 6.49 25.72
N LYS F 231 -34.23 6.40 27.05
CA LYS F 231 -35.51 6.20 27.71
C LYS F 231 -36.60 7.20 27.28
N THR F 232 -36.24 8.47 27.14
CA THR F 232 -37.20 9.50 26.75
C THR F 232 -37.36 9.68 25.25
N ALA F 233 -36.71 8.82 24.46
CA ALA F 233 -36.80 8.92 23.01
C ALA F 233 -38.26 8.73 22.58
N SER F 234 -38.65 9.37 21.48
CA SER F 234 -40.01 9.25 20.99
C SER F 234 -40.10 9.50 19.50
N ARG F 235 -41.17 8.98 18.90
CA ARG F 235 -41.43 9.14 17.48
C ARG F 235 -41.55 10.63 17.15
N GLU F 236 -42.18 11.39 18.04
CA GLU F 236 -42.35 12.83 17.82
C GLU F 236 -41.02 13.55 17.75
N LYS F 237 -40.11 13.24 18.67
CA LYS F 237 -38.79 13.87 18.65
C LYS F 237 -38.10 13.50 17.34
N GLY F 238 -38.30 12.27 16.90
CA GLY F 238 -37.69 11.81 15.66
C GLY F 238 -38.21 12.57 14.46
N GLU F 239 -39.50 12.84 14.42
CA GLU F 239 -40.08 13.57 13.30
C GLU F 239 -39.55 14.99 13.25
N LEU F 240 -39.36 15.60 14.42
CA LEU F 240 -38.84 16.96 14.49
C LEU F 240 -37.40 17.00 13.98
N ILE F 241 -36.57 16.10 14.49
CA ILE F 241 -35.17 16.01 14.08
C ILE F 241 -35.07 15.86 12.56
N LEU F 242 -35.88 14.96 12.01
CA LEU F 242 -35.90 14.70 10.58
C LEU F 242 -36.24 15.95 9.77
N GLU F 243 -37.29 16.66 10.17
CA GLU F 243 -37.69 17.87 9.45
C GLU F 243 -36.60 18.94 9.48
N VAL F 244 -36.00 19.13 10.65
CA VAL F 244 -34.95 20.11 10.82
C VAL F 244 -33.71 19.77 10.01
N CYS F 245 -33.29 18.51 10.07
CA CYS F 245 -32.11 18.08 9.32
C CYS F 245 -32.31 18.19 7.81
N VAL F 246 -33.46 17.72 7.33
CA VAL F 246 -33.73 17.77 5.91
C VAL F 246 -33.79 19.22 5.42
N GLN F 247 -34.48 20.09 6.15
CA GLN F 247 -34.56 21.49 5.73
C GLN F 247 -33.19 22.14 5.75
N GLY F 248 -32.46 21.97 6.85
CA GLY F 248 -31.14 22.57 6.96
C GLY F 248 -30.16 22.10 5.90
N ILE F 249 -30.12 20.80 5.66
CA ILE F 249 -29.20 20.25 4.67
C ILE F 249 -29.61 20.69 3.27
N ALA F 250 -30.90 20.68 2.98
CA ALA F 250 -31.38 21.10 1.68
C ALA F 250 -30.96 22.54 1.40
N ASP F 251 -31.10 23.41 2.40
CA ASP F 251 -30.72 24.81 2.22
C ASP F 251 -29.21 24.95 2.03
N ALA F 252 -28.42 24.20 2.80
CA ALA F 252 -26.97 24.28 2.67
C ALA F 252 -26.52 23.83 1.28
N ILE F 253 -27.09 22.73 0.79
CA ILE F 253 -26.72 22.23 -0.53
C ILE F 253 -27.08 23.24 -1.63
N ARG F 254 -28.25 23.86 -1.51
CA ARG F 254 -28.67 24.86 -2.50
C ARG F 254 -27.72 26.04 -2.48
N GLU F 255 -27.20 26.35 -1.29
CA GLU F 255 -26.27 27.45 -1.14
C GLU F 255 -24.95 27.12 -1.83
N GLU F 256 -24.42 25.94 -1.57
CA GLU F 256 -23.15 25.51 -2.16
C GLU F 256 -23.24 25.03 -3.60
N PHE F 257 -24.37 24.43 -3.97
CA PHE F 257 -24.57 23.94 -5.33
C PHE F 257 -25.86 24.54 -5.89
N PRO F 258 -25.83 25.80 -6.33
CA PRO F 258 -27.02 26.45 -6.87
C PRO F 258 -27.49 25.75 -8.14
N PRO F 259 -28.82 25.56 -8.29
CA PRO F 259 -29.36 24.91 -9.48
C PRO F 259 -29.30 25.86 -10.68
MN MN G . -21.96 -7.09 -13.16
ZN ZN H . -25.33 -7.83 -13.45
CD MGX I . -23.15 -13.33 -15.17
NE MGX I . -22.82 -12.02 -15.10
CZ MGX I . -22.17 -11.36 -16.09
NH1 MGX I . -21.77 -11.95 -17.22
NH2 MGX I . -21.90 -10.07 -15.91
S SO4 J . -16.92 -26.75 9.39
O1 SO4 J . -15.56 -26.91 9.92
O2 SO4 J . -17.35 -25.34 9.51
O3 SO4 J . -17.85 -27.61 10.15
O4 SO4 J . -16.95 -27.15 7.96
S SO4 K . -37.05 -9.24 -0.83
O1 SO4 K . -35.82 -10.05 -0.93
O2 SO4 K . -37.41 -9.07 0.59
O3 SO4 K . -38.15 -9.93 -1.54
O4 SO4 K . -36.84 -7.91 -1.43
S SO4 L . -35.44 -27.21 1.96
O1 SO4 L . -35.04 -28.15 3.03
O2 SO4 L . -36.29 -26.16 2.54
O3 SO4 L . -36.18 -27.94 0.92
O4 SO4 L . -34.24 -26.59 1.37
MN MN M . -0.70 -22.53 -14.28
ZN ZN N . 0.37 -24.76 -16.77
CD MGX O . -5.30 -23.80 -19.18
NE MGX O . -4.59 -23.70 -18.05
CZ MGX O . -5.06 -24.08 -16.85
NH1 MGX O . -6.28 -24.59 -16.65
NH2 MGX O . -4.27 -23.94 -15.79
S SO4 P . -2.45 1.43 -33.15
O1 SO4 P . -1.42 0.74 -32.35
O2 SO4 P . -3.17 2.40 -32.28
O3 SO4 P . -3.41 0.45 -33.70
O4 SO4 P . -1.80 2.17 -34.26
S SO4 Q . 12.85 -22.32 -28.51
O1 SO4 Q . 13.26 -22.96 -27.25
O2 SO4 Q . 11.63 -21.52 -28.29
O3 SO4 Q . 12.58 -23.36 -29.52
O4 SO4 Q . 13.94 -21.45 -29.00
S SO4 R . 2.47 -15.56 -42.02
O1 SO4 R . 1.80 -15.94 -40.76
O2 SO4 R . 1.74 -14.46 -42.67
O3 SO4 R . 2.50 -16.73 -42.93
O4 SO4 R . 3.86 -15.13 -41.74
MN MN S . 22.93 -3.19 -13.35
ZN ZN T . 25.24 -4.99 -15.23
CD MGX U . 28.94 -3.90 -10.52
NE MGX U . 27.85 -3.44 -11.13
CZ MGX U . 27.55 -2.12 -11.25
NH1 MGX U . 28.34 -1.16 -10.77
NH2 MGX U . 26.43 -1.78 -11.87
S SO4 V . 21.48 -23.55 9.29
O1 SO4 V . 21.91 -24.94 9.53
O2 SO4 V . 22.67 -22.66 9.25
O3 SO4 V . 20.57 -23.12 10.37
O4 SO4 V . 20.77 -23.47 7.98
S SO4 W . 25.22 -21.90 -18.99
O1 SO4 W . 26.61 -22.09 -19.47
O2 SO4 W . 25.25 -21.31 -17.63
O3 SO4 W . 24.52 -23.19 -18.97
O4 SO4 W . 24.52 -20.99 -19.91
S SO4 X . 34.94 -27.82 -4.45
O1 SO4 X . 35.84 -27.87 -5.62
O2 SO4 X . 35.71 -28.06 -3.21
O3 SO4 X . 33.90 -28.86 -4.59
O4 SO4 X . 34.31 -26.48 -4.38
MN MN Y . 23.58 5.50 11.50
ZN ZN Z . 25.80 7.58 13.12
CD MGX AA . 28.93 6.85 8.45
NE MGX AA . 28.08 6.21 9.28
CZ MGX AA . 27.88 4.88 9.25
NH1 MGX AA . 28.50 4.06 8.41
NH2 MGX AA . 27.01 4.35 10.10
S SO4 BA . 32.10 31.16 1.98
O1 SO4 BA . 30.83 31.75 2.45
O2 SO4 BA . 33.22 31.72 2.75
O3 SO4 BA . 32.28 31.44 0.54
O4 SO4 BA . 32.06 29.69 2.20
S SO4 CA . 18.31 25.49 -11.00
O1 SO4 CA . 17.53 25.36 -9.75
O2 SO4 CA . 19.43 24.54 -10.98
O3 SO4 CA . 18.83 26.87 -11.12
O4 SO4 CA . 17.42 25.21 -12.15
S SO4 DA . 24.23 24.33 16.94
O1 SO4 DA . 23.70 23.30 17.84
O2 SO4 DA . 25.62 24.65 17.33
O3 SO4 DA . 23.39 25.54 17.08
O4 SO4 DA . 24.20 23.87 15.54
MN MN EA . -1.98 22.42 14.47
ZN ZN FA . -0.87 24.73 16.77
CD MGX GA . -5.78 23.16 19.62
NE MGX GA . -5.19 23.21 18.42
CZ MGX GA . -5.86 23.38 17.25
NH1 MGX GA . -7.17 23.52 17.16
NH2 MGX GA . -5.15 23.40 16.13
S SO4 HA . 4.01 15.68 41.90
O1 SO4 HA . 3.52 14.38 42.41
O2 SO4 HA . 5.47 15.63 41.74
O3 SO4 HA . 3.65 16.73 42.87
O4 SO4 HA . 3.38 15.98 40.60
S SO4 IA . 0.33 -1.64 33.18
O1 SO4 IA . -0.78 -2.35 32.50
O2 SO4 IA . 1.13 -2.61 33.94
O3 SO4 IA . -0.23 -0.63 34.10
O4 SO4 IA . 1.18 -0.98 32.16
S SO4 JA . 12.59 23.56 27.47
O1 SO4 JA . 11.44 22.64 27.43
O2 SO4 JA . 13.79 22.82 27.91
O3 SO4 JA . 12.32 24.66 28.41
O4 SO4 JA . 12.85 24.13 26.13
MN MN KA . -21.61 4.92 14.97
ZN ZN LA . -25.01 5.32 15.50
CD MGX MA . -23.75 10.96 17.14
NE MGX MA . -23.16 9.77 17.03
CZ MGX MA . -22.25 9.29 17.90
NH1 MGX MA . -21.85 9.98 18.98
NH2 MGX MA . -21.73 8.09 17.69
S SO4 NA . -37.99 24.05 0.59
O1 SO4 NA . -37.77 25.51 0.55
O2 SO4 NA . -39.25 23.76 1.30
O3 SO4 NA . -36.87 23.41 1.33
O4 SO4 NA . -38.06 23.52 -0.78
S SO4 OA . -20.60 24.87 -7.95
O1 SO4 OA . -21.03 24.68 -6.56
O2 SO4 OA . -21.47 25.90 -8.59
O3 SO4 OA . -20.72 23.59 -8.69
O4 SO4 OA . -19.19 25.33 -7.97
S SO4 PA . -37.73 5.44 3.76
O1 SO4 PA . -36.58 6.35 3.85
O2 SO4 PA . -38.88 6.02 4.49
O3 SO4 PA . -37.39 4.13 4.37
O4 SO4 PA . -38.10 5.24 2.35
#